data_4X10
#
_entry.id   4X10
#
_cell.length_a   150.410
_cell.length_b   96.060
_cell.length_c   128.750
_cell.angle_alpha   90.00
_cell.angle_beta   110.21
_cell.angle_gamma   90.00
#
_symmetry.space_group_name_H-M   'C 1 2 1'
#
loop_
_entity.id
_entity.type
_entity.pdbx_description
1 polymer 'Major capsid protein'
2 branched 'N-acetyl-alpha-neuraminic acid-(2-3)-[2-acetamido-2-deoxy-beta-D-galactopyranose-(1-4)]beta-D-galactopyranose-(1-4)-beta-D-glucopyranose'
3 branched 'N-acetyl-alpha-neuraminic acid-(2-3)-[2-acetamido-2-deoxy-beta-D-galactopyranose-(1-4)]beta-D-galactopyranose'
4 non-polymer GLYCEROL
5 non-polymer 1,2-ETHANEDIOL
6 non-polymer 'POTASSIUM ION'
7 water water
#
_entity_poly.entity_id   1
_entity_poly.type   'polypeptide(L)'
_entity_poly.pdbx_seq_one_letter_code
;GSHMGGVEVLEVKTGVDSITEVECFLTPEMGDPDEHLRGFSKSISISDTFESDSPNKDMLPCYSVARIPLPNLNEDLTCG
NILMWEAVTLKTEVIGVTTLMNVHSNGQATHDNGAAKPVQGTSFHFFSVGGEALELQGVVFNYRTTYPDGTIFPKNATVQ
SQVMNTEHKAYLDKNKAYPVECWVPDPTRNENTRYFGTLTGGENVPPVLHITNTATTVLLDEFGVGPLCKGDNLYLSAVD
VCGMFTNRSGSQQWRGLSRYFKVQLRKRRVKN
;
_entity_poly.pdbx_strand_id   A,B,C,D,E
#
loop_
_chem_comp.id
_chem_comp.type
_chem_comp.name
_chem_comp.formula
BGC D-saccharide, beta linking beta-D-glucopyranose 'C6 H12 O6'
EDO non-polymer 1,2-ETHANEDIOL 'C2 H6 O2'
GAL D-saccharide, beta linking beta-D-galactopyranose 'C6 H12 O6'
GOL non-polymer GLYCEROL 'C3 H8 O3'
K non-polymer 'POTASSIUM ION' 'K 1'
NGA D-saccharide, beta linking 2-acetamido-2-deoxy-beta-D-galactopyranose 'C8 H15 N O6'
SIA D-saccharide, alpha linking 'N-acetyl-alpha-neuraminic acid' 'C11 H19 N O9'
#
# COMPACT_ATOMS: atom_id res chain seq x y z
N VAL A 7 5.92 30.98 -28.27
CA VAL A 7 5.76 30.03 -29.41
C VAL A 7 4.29 29.61 -29.57
N GLU A 8 3.69 29.94 -30.71
CA GLU A 8 2.42 29.35 -31.12
C GLU A 8 2.72 27.95 -31.72
N VAL A 9 2.02 26.92 -31.23
CA VAL A 9 2.23 25.53 -31.69
C VAL A 9 1.30 25.15 -32.85
N LEU A 10 1.86 24.72 -33.98
CA LEU A 10 1.05 24.36 -35.14
C LEU A 10 1.12 22.85 -35.37
N GLU A 11 1.13 22.40 -36.62
CA GLU A 11 0.93 20.97 -36.91
C GLU A 11 2.19 20.10 -36.71
N VAL A 12 1.97 18.82 -36.46
CA VAL A 12 3.00 17.80 -36.45
C VAL A 12 3.41 17.48 -37.89
N LYS A 13 4.69 17.24 -38.13
CA LYS A 13 5.16 16.79 -39.43
C LYS A 13 5.02 15.28 -39.50
N THR A 14 4.67 14.78 -40.68
CA THR A 14 4.57 13.36 -40.89
C THR A 14 5.60 12.91 -41.92
N GLY A 15 5.68 11.59 -42.11
CA GLY A 15 6.66 11.01 -43.02
C GLY A 15 7.77 10.35 -42.24
N VAL A 16 8.56 9.53 -42.93
CA VAL A 16 9.57 8.67 -42.27
C VAL A 16 10.61 9.49 -41.49
N ASP A 17 10.91 10.69 -41.99
CA ASP A 17 11.96 11.55 -41.46
C ASP A 17 11.52 12.44 -40.28
N SER A 18 10.25 12.33 -39.90
CA SER A 18 9.66 13.24 -38.96
C SER A 18 9.79 12.77 -37.51
N ILE A 19 10.37 11.60 -37.27
CA ILE A 19 10.49 11.07 -35.91
C ILE A 19 11.93 10.68 -35.62
N THR A 20 12.28 10.69 -34.34
CA THR A 20 13.61 10.28 -33.92
C THR A 20 13.51 9.76 -32.49
N GLU A 21 14.54 9.07 -32.05
CA GLU A 21 14.51 8.55 -30.70
C GLU A 21 15.84 8.76 -30.02
N VAL A 22 15.78 8.98 -28.70
CA VAL A 22 16.97 9.11 -27.89
C VAL A 22 16.97 7.95 -26.90
N GLU A 23 18.11 7.31 -26.77
CA GLU A 23 18.28 6.19 -25.83
C GLU A 23 19.60 6.36 -25.14
N CYS A 24 19.61 6.36 -23.80
CA CYS A 24 20.82 6.53 -23.02
C CYS A 24 20.62 6.14 -21.56
N PHE A 25 21.70 6.19 -20.79
CA PHE A 25 21.58 6.06 -19.34
C PHE A 25 22.31 7.21 -18.66
N LEU A 26 21.83 7.56 -17.47
CA LEU A 26 22.47 8.55 -16.62
C LEU A 26 23.02 7.82 -15.37
N THR A 27 24.31 7.97 -15.12
CA THR A 27 24.93 7.40 -13.92
C THR A 27 24.55 8.19 -12.66
N PRO A 28 24.44 7.50 -11.51
CA PRO A 28 24.17 8.24 -10.29
C PRO A 28 25.43 8.98 -9.83
N GLU A 29 25.22 10.07 -9.09
CA GLU A 29 26.31 10.89 -8.60
C GLU A 29 26.16 11.04 -7.07
N MET A 30 26.59 10.01 -6.36
CA MET A 30 26.38 9.88 -4.92
C MET A 30 27.51 10.47 -4.07
N GLY A 31 28.66 10.78 -4.71
CA GLY A 31 29.78 11.38 -4.02
C GLY A 31 31.12 10.75 -4.35
N ASP A 32 31.12 9.43 -4.51
CA ASP A 32 32.30 8.68 -4.98
C ASP A 32 33.55 8.99 -4.16
N PRO A 33 33.53 8.64 -2.88
CA PRO A 33 34.55 9.03 -1.92
C PRO A 33 35.93 8.48 -2.19
N ASP A 34 36.02 7.34 -2.87
CA ASP A 34 37.32 6.86 -3.28
C ASP A 34 37.24 6.07 -4.58
N GLU A 35 38.39 5.57 -5.06
CA GLU A 35 38.48 4.90 -6.36
C GLU A 35 37.74 3.55 -6.44
N HIS A 36 37.24 3.05 -5.30
CA HIS A 36 36.53 1.78 -5.25
C HIS A 36 35.02 1.92 -5.02
N LEU A 37 34.55 3.15 -4.85
CA LEU A 37 33.22 3.40 -4.30
C LEU A 37 32.34 4.28 -5.20
N ARG A 38 32.53 4.14 -6.50
CA ARG A 38 31.60 4.71 -7.49
C ARG A 38 30.17 4.21 -7.20
N GLY A 39 29.21 5.12 -7.14
CA GLY A 39 27.83 4.76 -6.79
C GLY A 39 27.49 4.86 -5.32
N PHE A 40 28.49 5.09 -4.46
CA PHE A 40 28.29 5.28 -3.02
C PHE A 40 28.67 6.71 -2.64
N SER A 41 28.11 7.20 -1.54
CA SER A 41 28.63 8.41 -0.90
C SER A 41 29.70 8.05 0.14
N LYS A 42 30.39 9.08 0.62
CA LYS A 42 31.20 8.97 1.81
C LYS A 42 30.29 8.58 2.98
N SER A 43 30.85 7.90 3.99
CA SER A 43 30.13 7.66 5.24
C SER A 43 29.52 8.94 5.75
N ILE A 44 28.30 8.85 6.27
CA ILE A 44 27.59 10.01 6.76
C ILE A 44 28.03 10.31 8.19
N SER A 45 28.46 11.53 8.43
CA SER A 45 28.77 11.99 9.78
CA SER A 45 28.78 12.01 9.78
C SER A 45 27.75 13.04 10.19
N ILE A 46 27.57 13.22 11.50
CA ILE A 46 26.54 14.15 12.02
C ILE A 46 27.19 15.35 12.73
N SER A 47 26.82 16.57 12.34
CA SER A 47 27.39 17.74 13.00
C SER A 47 26.97 17.83 14.48
N ASP A 48 27.83 18.46 15.28
CA ASP A 48 27.59 18.70 16.72
C ASP A 48 26.43 19.67 16.96
N THR A 49 26.24 20.61 16.06
CA THR A 49 25.17 21.60 16.16
C THR A 49 24.60 21.91 14.80
N PHE A 50 23.43 22.53 14.77
CA PHE A 50 22.87 23.04 13.52
C PHE A 50 23.86 23.99 12.86
N GLU A 51 24.35 24.92 13.65
CA GLU A 51 25.30 25.93 13.22
C GLU A 51 26.56 25.34 12.57
N SER A 52 27.03 24.19 13.03
CA SER A 52 28.29 23.60 12.55
C SER A 52 28.11 22.59 11.40
N ASP A 53 26.90 22.45 10.87
CA ASP A 53 26.64 21.54 9.76
C ASP A 53 27.44 21.97 8.53
N SER A 54 28.26 21.05 8.03
CA SER A 54 29.26 21.43 7.05
C SER A 54 29.67 20.20 6.25
N PRO A 55 28.73 19.62 5.50
CA PRO A 55 28.96 18.36 4.79
C PRO A 55 30.05 18.45 3.71
N ASN A 56 30.94 17.46 3.67
CA ASN A 56 31.91 17.35 2.59
C ASN A 56 31.19 16.97 1.31
N LYS A 57 31.77 17.40 0.19
CA LYS A 57 31.16 17.17 -1.12
C LYS A 57 30.94 15.68 -1.40
N ASP A 58 31.90 14.83 -1.04
CA ASP A 58 31.77 13.42 -1.38
C ASP A 58 30.71 12.69 -0.51
N MET A 59 30.17 13.41 0.47
CA MET A 59 29.03 12.94 1.27
C MET A 59 27.66 13.38 0.74
N LEU A 60 27.62 14.14 -0.35
CA LEU A 60 26.37 14.73 -0.85
C LEU A 60 25.97 14.23 -2.22
N PRO A 61 24.94 13.36 -2.28
CA PRO A 61 24.36 13.01 -3.57
C PRO A 61 23.91 14.26 -4.32
N CYS A 62 24.09 14.23 -5.65
CA CYS A 62 23.75 15.35 -6.52
C CYS A 62 22.84 14.90 -7.64
N TYR A 63 22.13 15.85 -8.23
CA TYR A 63 21.32 15.59 -9.39
C TYR A 63 22.18 15.15 -10.56
N SER A 64 21.69 14.17 -11.31
CA SER A 64 22.27 13.80 -12.62
C SER A 64 21.53 14.51 -13.75
N VAL A 65 22.27 14.91 -14.78
CA VAL A 65 21.69 15.60 -15.91
C VAL A 65 22.48 15.27 -17.15
N ALA A 66 21.78 15.11 -18.28
CA ALA A 66 22.44 15.02 -19.58
C ALA A 66 21.71 15.91 -20.56
N ARG A 67 22.48 16.68 -21.32
CA ARG A 67 21.94 17.44 -22.42
C ARG A 67 22.28 16.67 -23.67
N ILE A 68 21.24 16.27 -24.41
CA ILE A 68 21.40 15.39 -25.56
C ILE A 68 21.13 16.18 -26.83
N PRO A 69 22.16 16.42 -27.66
CA PRO A 69 21.87 17.14 -28.92
C PRO A 69 21.01 16.29 -29.85
N LEU A 70 20.06 16.95 -30.53
CA LEU A 70 19.14 16.28 -31.46
C LEU A 70 19.49 16.73 -32.85
N PRO A 71 18.99 16.02 -33.89
CA PRO A 71 19.26 16.46 -35.25
C PRO A 71 18.84 17.90 -35.52
N ASN A 72 19.74 18.69 -36.11
CA ASN A 72 19.49 20.11 -36.36
C ASN A 72 18.28 20.33 -37.25
N LEU A 73 17.47 21.34 -36.93
CA LEU A 73 16.25 21.62 -37.69
C LEU A 73 16.19 22.95 -38.45
N ASN A 74 16.80 24.01 -37.93
CA ASN A 74 16.58 25.34 -38.52
C ASN A 74 17.83 26.08 -38.96
N ILE A 82 9.75 27.42 -38.78
CA ILE A 82 10.45 26.94 -37.57
C ILE A 82 9.92 25.61 -37.05
N LEU A 83 10.79 24.62 -36.98
CA LEU A 83 10.43 23.30 -36.47
C LEU A 83 11.18 23.05 -35.18
N MET A 84 10.55 22.32 -34.26
CA MET A 84 11.17 21.92 -33.03
C MET A 84 10.88 20.43 -32.79
N TRP A 85 11.81 19.74 -32.16
CA TRP A 85 11.57 18.37 -31.75
C TRP A 85 10.67 18.42 -30.54
N GLU A 86 9.66 17.56 -30.54
CA GLU A 86 8.66 17.45 -29.47
C GLU A 86 8.77 16.07 -28.83
N ALA A 87 9.03 16.01 -27.53
CA ALA A 87 9.15 14.72 -26.85
C ALA A 87 7.75 14.21 -26.52
N VAL A 88 7.45 12.98 -26.92
CA VAL A 88 6.10 12.44 -26.88
C VAL A 88 5.94 11.29 -25.88
N THR A 89 6.92 10.39 -25.82
CA THR A 89 6.86 9.26 -24.90
C THR A 89 8.20 9.01 -24.24
N LEU A 90 8.12 8.39 -23.07
CA LEU A 90 9.29 7.99 -22.30
C LEU A 90 9.12 6.56 -21.81
N LYS A 91 10.18 5.78 -21.95
CA LYS A 91 10.37 4.55 -21.17
C LYS A 91 11.60 4.72 -20.30
N THR A 92 11.47 4.33 -19.04
CA THR A 92 12.56 4.50 -18.12
C THR A 92 12.64 3.35 -17.13
N GLU A 93 13.85 3.11 -16.67
CA GLU A 93 14.12 1.99 -15.79
C GLU A 93 15.36 2.21 -14.93
N VAL A 94 15.27 1.82 -13.66
CA VAL A 94 16.45 1.74 -12.82
C VAL A 94 17.29 0.50 -13.18
N ILE A 95 18.57 0.71 -13.44
CA ILE A 95 19.49 -0.33 -13.88
C ILE A 95 20.29 -0.95 -12.71
N GLY A 96 20.23 -2.27 -12.59
CA GLY A 96 20.99 -3.00 -11.57
C GLY A 96 20.27 -3.21 -10.25
N VAL A 97 18.94 -3.33 -10.29
CA VAL A 97 18.15 -3.45 -9.06
C VAL A 97 18.56 -4.66 -8.22
N THR A 98 19.00 -5.73 -8.87
CA THR A 98 19.37 -6.95 -8.20
C THR A 98 20.71 -6.88 -7.42
N THR A 99 21.51 -5.84 -7.65
CA THR A 99 22.71 -5.64 -6.84
C THR A 99 22.40 -5.60 -5.34
N LEU A 100 21.18 -5.16 -4.99
CA LEU A 100 20.78 -5.06 -3.58
C LEU A 100 20.62 -6.42 -2.91
N MET A 101 20.70 -7.49 -3.68
CA MET A 101 20.74 -8.83 -3.10
C MET A 101 22.12 -9.25 -2.62
N ASN A 102 23.15 -8.41 -2.83
CA ASN A 102 24.45 -8.70 -2.21
C ASN A 102 24.44 -8.32 -0.73
N VAL A 103 24.12 -9.30 0.11
CA VAL A 103 24.09 -9.14 1.55
C VAL A 103 25.21 -9.99 2.19
N HIS A 104 26.31 -10.14 1.47
CA HIS A 104 27.45 -10.90 1.94
C HIS A 104 28.79 -10.11 1.89
N SER A 105 28.72 -8.78 1.78
CA SER A 105 29.88 -7.95 1.46
C SER A 105 30.10 -6.82 2.46
N ASN A 106 30.93 -7.10 3.46
CA ASN A 106 31.26 -6.19 4.57
C ASN A 106 30.12 -5.35 5.12
N GLY A 107 28.98 -5.99 5.33
CA GLY A 107 27.84 -5.33 5.95
C GLY A 107 27.76 -5.74 7.40
N GLN A 108 26.65 -5.38 8.03
CA GLN A 108 26.46 -5.64 9.46
C GLN A 108 25.35 -6.65 9.62
N ALA A 109 25.67 -7.80 10.19
CA ALA A 109 24.69 -8.85 10.45
C ALA A 109 23.51 -8.27 11.20
N THR A 110 22.33 -8.65 10.76
CA THR A 110 21.09 -8.17 11.34
C THR A 110 20.89 -8.75 12.74
N HIS A 111 21.47 -9.93 12.99
CA HIS A 111 21.45 -10.57 14.28
C HIS A 111 22.59 -11.60 14.26
N ASP A 112 22.93 -12.19 15.40
CA ASP A 112 24.04 -13.17 15.44
C ASP A 112 23.90 -14.26 14.40
N ASN A 113 24.92 -14.40 13.55
CA ASN A 113 25.01 -15.42 12.49
C ASN A 113 24.18 -15.13 11.25
N GLY A 114 23.53 -13.97 11.22
CA GLY A 114 22.64 -13.62 10.13
C GLY A 114 23.35 -12.98 8.94
N ALA A 115 22.59 -12.80 7.86
CA ALA A 115 23.09 -12.09 6.69
C ALA A 115 23.21 -10.59 6.96
N ALA A 116 23.86 -9.88 6.05
CA ALA A 116 24.04 -8.45 6.24
C ALA A 116 22.71 -7.71 6.04
N LYS A 117 22.56 -6.62 6.78
CA LYS A 117 21.48 -5.67 6.57
C LYS A 117 21.57 -5.12 5.13
N PRO A 118 20.48 -5.23 4.35
CA PRO A 118 20.52 -4.72 2.98
C PRO A 118 20.36 -3.22 2.94
N VAL A 119 20.57 -2.64 1.78
CA VAL A 119 20.36 -1.22 1.55
C VAL A 119 18.90 -0.93 1.88
N GLN A 120 18.67 0.10 2.65
CA GLN A 120 17.32 0.50 3.07
C GLN A 120 17.40 1.90 3.63
N GLY A 121 16.24 2.46 3.96
CA GLY A 121 16.15 3.82 4.49
C GLY A 121 15.85 4.84 3.40
N THR A 122 15.99 6.10 3.76
CA THR A 122 15.58 7.19 2.89
C THR A 122 15.98 6.99 1.42
N SER A 123 15.00 7.07 0.51
CA SER A 123 15.22 7.03 -0.94
C SER A 123 14.60 8.26 -1.63
N PHE A 124 15.18 8.63 -2.78
CA PHE A 124 14.57 9.60 -3.65
C PHE A 124 14.76 9.09 -5.08
N HIS A 125 13.65 8.87 -5.75
CA HIS A 125 13.66 8.42 -7.13
C HIS A 125 12.96 9.49 -7.95
N PHE A 126 13.70 10.03 -8.93
CA PHE A 126 13.27 11.21 -9.64
C PHE A 126 13.73 11.17 -11.09
N PHE A 127 12.88 11.58 -12.00
CA PHE A 127 13.35 11.77 -13.38
C PHE A 127 12.54 12.86 -14.07
N SER A 128 13.14 13.47 -15.08
CA SER A 128 12.48 14.49 -15.83
C SER A 128 12.97 14.49 -17.27
N VAL A 129 12.08 14.94 -18.17
CA VAL A 129 12.38 15.07 -19.58
C VAL A 129 11.89 16.47 -19.98
N GLY A 130 12.77 17.25 -20.58
CA GLY A 130 12.42 18.61 -20.95
C GLY A 130 13.11 19.13 -22.19
N GLY A 131 12.56 20.21 -22.71
CA GLY A 131 13.10 20.88 -23.90
C GLY A 131 14.07 22.00 -23.55
N GLU A 132 14.43 22.05 -22.26
CA GLU A 132 15.40 22.97 -21.70
C GLU A 132 15.77 22.45 -20.30
N ALA A 133 16.78 23.05 -19.69
CA ALA A 133 17.25 22.62 -18.37
C ALA A 133 16.13 22.65 -17.35
N LEU A 134 16.15 21.68 -16.45
CA LEU A 134 15.24 21.65 -15.31
C LEU A 134 15.44 22.91 -14.48
N GLU A 135 14.34 23.58 -14.15
CA GLU A 135 14.44 24.78 -13.32
C GLU A 135 14.31 24.35 -11.85
N LEU A 136 15.20 24.87 -11.01
CA LEU A 136 15.29 24.46 -9.63
C LEU A 136 14.96 25.61 -8.69
N GLN A 137 14.36 25.24 -7.56
CA GLN A 137 14.15 26.11 -6.41
C GLN A 137 14.94 25.57 -5.22
N GLY A 138 15.64 26.47 -4.54
CA GLY A 138 16.47 26.09 -3.39
C GLY A 138 15.62 26.07 -2.14
N VAL A 139 15.76 25.01 -1.34
CA VAL A 139 15.11 24.89 -0.02
C VAL A 139 16.07 24.06 0.82
N VAL A 140 16.33 24.50 2.05
CA VAL A 140 17.33 23.86 2.90
C VAL A 140 16.72 23.41 4.20
N PHE A 141 17.15 22.25 4.69
CA PHE A 141 16.72 21.78 5.98
C PHE A 141 17.09 22.77 7.09
N ASN A 142 18.31 23.29 6.98
CA ASN A 142 18.98 24.10 7.99
C ASN A 142 19.75 25.20 7.25
N TYR A 143 19.34 26.46 7.41
CA TYR A 143 19.94 27.53 6.60
C TYR A 143 21.39 27.80 6.95
N ARG A 144 21.83 27.34 8.12
CA ARG A 144 23.21 27.51 8.56
C ARG A 144 24.15 26.40 8.06
N THR A 145 23.62 25.44 7.31
CA THR A 145 24.47 24.47 6.64
C THR A 145 25.43 25.16 5.68
N THR A 146 26.72 24.86 5.81
CA THR A 146 27.73 25.41 4.88
C THR A 146 27.95 24.33 3.82
N TYR A 147 27.50 24.61 2.60
CA TYR A 147 27.63 23.66 1.51
C TYR A 147 29.05 23.81 0.96
N PRO A 148 29.63 22.71 0.42
CA PRO A 148 31.07 22.71 0.16
C PRO A 148 31.49 23.27 -1.21
N ASP A 149 32.77 23.64 -1.30
CA ASP A 149 33.42 23.97 -2.55
C ASP A 149 33.17 22.89 -3.58
N GLY A 150 32.91 23.30 -4.80
CA GLY A 150 32.66 22.37 -5.87
C GLY A 150 31.22 21.92 -5.97
N THR A 151 30.33 22.43 -5.11
CA THR A 151 28.89 22.28 -5.31
C THR A 151 28.25 23.64 -5.60
N ILE A 152 27.07 23.60 -6.19
CA ILE A 152 26.26 24.81 -6.47
C ILE A 152 25.05 24.70 -5.56
N PHE A 153 24.85 25.73 -4.73
CA PHE A 153 23.92 25.67 -3.61
C PHE A 153 23.22 27.02 -3.40
N PRO A 154 22.13 27.04 -2.60
CA PRO A 154 21.45 28.32 -2.37
C PRO A 154 22.36 29.35 -1.65
N LYS A 155 22.49 30.52 -2.25
CA LYS A 155 23.39 31.56 -1.79
C LYS A 155 22.63 32.57 -0.97
N ASN A 156 23.33 33.20 -0.02
CA ASN A 156 22.73 34.19 0.87
C ASN A 156 21.51 33.59 1.58
N ALA A 157 21.65 32.36 2.07
CA ALA A 157 20.54 31.65 2.69
C ALA A 157 20.18 32.41 3.96
N THR A 158 18.89 32.51 4.24
CA THR A 158 18.37 33.12 5.46
C THR A 158 17.47 32.11 6.13
N VAL A 159 16.96 32.45 7.32
CA VAL A 159 16.08 31.51 7.99
C VAL A 159 14.88 31.17 7.08
N GLN A 160 14.44 32.14 6.29
CA GLN A 160 13.32 31.91 5.38
C GLN A 160 13.61 30.84 4.31
N SER A 161 14.88 30.61 4.00
CA SER A 161 15.30 29.56 3.08
C SER A 161 14.91 28.17 3.56
N GLN A 162 14.63 28.03 4.85
CA GLN A 162 14.13 26.77 5.40
C GLN A 162 12.69 26.41 4.98
N VAL A 163 11.93 27.39 4.48
CA VAL A 163 10.58 27.16 3.99
C VAL A 163 10.32 27.61 2.55
N MET A 164 10.72 28.83 2.19
CA MET A 164 10.68 29.31 0.81
C MET A 164 11.33 30.69 0.71
N ASN A 165 12.40 30.77 -0.07
CA ASN A 165 13.07 32.02 -0.32
C ASN A 165 13.17 32.07 -1.83
N THR A 166 12.44 32.99 -2.44
CA THR A 166 12.37 33.05 -3.89
C THR A 166 13.67 33.50 -4.58
N GLU A 167 14.68 33.95 -3.81
CA GLU A 167 15.99 34.23 -4.40
C GLU A 167 16.68 32.97 -4.95
N HIS A 168 16.43 31.80 -4.37
CA HIS A 168 17.17 30.61 -4.76
C HIS A 168 16.61 29.96 -6.03
N LYS A 169 16.91 30.58 -7.17
CA LYS A 169 16.49 30.07 -8.48
C LYS A 169 17.71 29.60 -9.26
N ALA A 170 17.65 28.42 -9.88
CA ALA A 170 18.78 27.92 -10.65
C ALA A 170 18.32 27.00 -11.77
N TYR A 171 19.25 26.65 -12.65
CA TYR A 171 19.06 25.67 -13.69
C TYR A 171 19.94 24.44 -13.40
N LEU A 172 19.39 23.25 -13.61
CA LEU A 172 20.18 22.03 -13.52
C LEU A 172 21.00 21.92 -14.81
N ASP A 173 22.16 22.56 -14.78
CA ASP A 173 22.98 22.77 -15.98
C ASP A 173 24.39 22.20 -15.84
N LYS A 174 24.62 21.38 -14.83
CA LYS A 174 25.94 20.83 -14.60
C LYS A 174 25.81 19.55 -13.81
N ASN A 175 26.56 18.54 -14.21
CA ASN A 175 26.43 17.22 -13.62
C ASN A 175 27.27 17.18 -12.35
N LYS A 176 26.91 16.30 -11.40
CA LYS A 176 27.61 16.19 -10.11
C LYS A 176 27.98 17.54 -9.45
N ALA A 177 27.01 18.46 -9.40
CA ALA A 177 27.22 19.80 -8.85
C ALA A 177 26.11 20.29 -7.92
N TYR A 178 24.86 19.94 -8.22
CA TYR A 178 23.69 20.42 -7.48
C TYR A 178 23.26 19.37 -6.46
N PRO A 179 23.48 19.63 -5.17
CA PRO A 179 23.14 18.59 -4.21
C PRO A 179 21.64 18.36 -4.10
N VAL A 180 21.27 17.11 -3.95
CA VAL A 180 19.87 16.71 -3.93
C VAL A 180 19.13 17.39 -2.79
N GLU A 181 19.80 17.49 -1.63
CA GLU A 181 19.09 17.88 -0.40
C GLU A 181 18.67 19.35 -0.33
N CYS A 182 19.26 20.21 -1.17
CA CYS A 182 18.99 21.64 -1.12
C CYS A 182 18.34 22.22 -2.37
N TRP A 183 17.99 21.36 -3.33
CA TRP A 183 17.26 21.77 -4.53
C TRP A 183 16.10 20.82 -4.90
N VAL A 184 15.00 21.42 -5.37
CA VAL A 184 13.88 20.68 -5.94
C VAL A 184 13.48 21.33 -7.26
N PRO A 185 12.77 20.57 -8.11
CA PRO A 185 12.13 21.22 -9.28
C PRO A 185 11.24 22.38 -8.82
N ASP A 186 11.38 23.52 -9.49
CA ASP A 186 10.60 24.71 -9.19
C ASP A 186 9.21 24.55 -9.79
N PRO A 187 8.19 24.35 -8.92
CA PRO A 187 6.85 24.16 -9.47
C PRO A 187 6.24 25.40 -10.07
N THR A 188 6.84 26.57 -9.81
CA THR A 188 6.39 27.82 -10.37
C THR A 188 6.89 28.02 -11.79
N ARG A 189 7.81 27.18 -12.24
CA ARG A 189 8.30 27.26 -13.59
C ARG A 189 8.13 25.88 -14.26
N ASN A 190 9.12 25.45 -15.04
CA ASN A 190 9.14 24.10 -15.64
C ASN A 190 8.00 23.75 -16.57
N GLU A 191 7.37 24.74 -17.19
CA GLU A 191 6.25 24.41 -18.08
C GLU A 191 6.63 23.58 -19.33
N ASN A 192 7.92 23.58 -19.68
CA ASN A 192 8.41 22.88 -20.87
C ASN A 192 9.19 21.62 -20.48
N THR A 193 8.89 21.09 -19.28
CA THR A 193 9.51 19.87 -18.74
C THR A 193 8.39 19.05 -18.10
N ARG A 194 8.58 17.74 -18.06
CA ARG A 194 7.70 16.85 -17.32
C ARG A 194 8.58 16.22 -16.26
N TYR A 195 8.26 16.42 -14.98
CA TYR A 195 9.05 15.79 -13.92
C TYR A 195 8.21 14.95 -12.98
N PHE A 196 8.88 13.97 -12.37
CA PHE A 196 8.21 12.98 -11.52
C PHE A 196 9.18 12.55 -10.45
N GLY A 197 8.75 12.55 -9.18
CA GLY A 197 9.68 12.15 -8.12
C GLY A 197 8.96 11.68 -6.87
N THR A 198 9.62 10.81 -6.12
CA THR A 198 9.10 10.34 -4.85
C THR A 198 10.22 10.26 -3.81
N LEU A 199 10.03 10.93 -2.68
CA LEU A 199 10.90 10.82 -1.54
C LEU A 199 10.20 9.89 -0.58
N THR A 200 10.86 8.79 -0.22
CA THR A 200 10.34 7.87 0.77
C THR A 200 11.29 7.87 1.96
N GLY A 201 10.85 8.44 3.08
CA GLY A 201 11.71 8.64 4.24
C GLY A 201 11.72 7.45 5.20
N GLY A 202 12.32 7.62 6.36
CA GLY A 202 12.39 6.55 7.41
C GLY A 202 13.71 5.82 7.33
N GLU A 203 14.32 5.45 8.46
CA GLU A 203 15.63 4.76 8.36
C GLU A 203 15.53 3.30 7.95
N ASN A 204 14.35 2.72 8.09
CA ASN A 204 14.20 1.31 7.82
C ASN A 204 13.36 1.00 6.59
N VAL A 205 12.94 2.01 5.81
CA VAL A 205 12.04 1.71 4.69
C VAL A 205 12.71 0.80 3.66
N PRO A 206 11.99 -0.23 3.23
CA PRO A 206 12.53 -1.18 2.28
C PRO A 206 12.47 -0.63 0.86
N PRO A 207 13.57 -0.79 0.10
CA PRO A 207 13.42 -0.42 -1.31
C PRO A 207 12.38 -1.30 -2.02
N VAL A 208 11.62 -0.68 -2.94
CA VAL A 208 10.68 -1.41 -3.77
C VAL A 208 10.93 -0.95 -5.21
N LEU A 209 11.61 -1.78 -5.98
CA LEU A 209 12.06 -1.39 -7.32
C LEU A 209 11.46 -2.32 -8.37
N HIS A 210 10.65 -1.75 -9.26
CA HIS A 210 10.01 -2.50 -10.33
C HIS A 210 10.75 -2.29 -11.63
N ILE A 211 10.84 -3.35 -12.44
CA ILE A 211 11.41 -3.27 -13.76
C ILE A 211 10.46 -3.94 -14.74
N THR A 212 10.37 -3.34 -15.92
CA THR A 212 9.64 -3.89 -17.03
C THR A 212 9.97 -3.11 -18.30
N ASN A 213 9.90 -3.78 -19.45
CA ASN A 213 10.04 -3.07 -20.73
C ASN A 213 8.68 -2.86 -21.42
N THR A 214 7.59 -2.96 -20.66
CA THR A 214 6.27 -2.85 -21.22
C THR A 214 5.53 -1.58 -20.83
N ALA A 215 6.18 -0.69 -20.10
CA ALA A 215 5.55 0.53 -19.57
C ALA A 215 6.03 1.78 -20.29
N THR A 216 5.09 2.59 -20.78
CA THR A 216 5.41 3.85 -21.44
C THR A 216 4.73 5.02 -20.71
N THR A 217 5.42 6.13 -20.55
CA THR A 217 4.81 7.34 -20.06
C THR A 217 4.62 8.33 -21.20
N VAL A 218 3.41 8.86 -21.34
CA VAL A 218 3.09 9.86 -22.37
C VAL A 218 3.44 11.24 -21.80
N LEU A 219 4.17 12.04 -22.57
CA LEU A 219 4.72 13.30 -22.12
C LEU A 219 3.87 14.51 -22.54
N LEU A 220 2.79 14.25 -23.25
CA LEU A 220 1.91 15.33 -23.73
C LEU A 220 1.17 15.99 -22.58
N ASP A 221 1.09 17.33 -22.59
CA ASP A 221 0.25 18.07 -21.63
C ASP A 221 -1.23 17.98 -22.03
N GLU A 222 -2.07 18.73 -21.31
CA GLU A 222 -3.53 18.68 -21.52
C GLU A 222 -3.96 19.22 -22.91
N PHE A 223 -3.08 19.91 -23.62
CA PHE A 223 -3.36 20.40 -24.96
C PHE A 223 -2.80 19.48 -26.04
N GLY A 224 -2.21 18.36 -25.64
CA GLY A 224 -1.61 17.40 -26.59
C GLY A 224 -0.20 17.75 -27.08
N VAL A 225 0.52 18.55 -26.30
CA VAL A 225 1.84 19.05 -26.68
C VAL A 225 2.87 18.55 -25.66
N GLY A 226 3.92 17.91 -26.16
CA GLY A 226 5.03 17.51 -25.30
C GLY A 226 6.07 18.62 -25.15
N PRO A 227 7.13 18.37 -24.35
CA PRO A 227 8.25 19.30 -24.29
C PRO A 227 8.80 19.62 -25.67
N LEU A 228 9.06 20.90 -25.91
CA LEU A 228 9.60 21.37 -27.18
C LEU A 228 11.08 21.73 -27.01
N CYS A 229 11.94 21.14 -27.83
CA CYS A 229 13.38 21.22 -27.60
C CYS A 229 14.05 22.46 -28.18
N LYS A 230 14.29 23.44 -27.32
CA LYS A 230 14.94 24.69 -27.73
C LYS A 230 16.38 24.44 -28.15
N GLY A 231 16.77 24.99 -29.30
CA GLY A 231 18.12 24.76 -29.80
C GLY A 231 18.43 23.31 -30.09
N ASP A 232 17.40 22.47 -30.21
CA ASP A 232 17.55 21.05 -30.57
C ASP A 232 18.35 20.27 -29.53
N ASN A 233 18.10 20.55 -28.25
CA ASN A 233 18.65 19.76 -27.17
C ASN A 233 17.53 19.21 -26.30
N LEU A 234 17.66 17.95 -25.91
CA LEU A 234 16.76 17.29 -24.98
C LEU A 234 17.49 17.21 -23.64
N TYR A 235 16.79 17.59 -22.59
CA TYR A 235 17.35 17.56 -21.25
C TYR A 235 16.73 16.44 -20.43
N LEU A 236 17.60 15.57 -19.95
CA LEU A 236 17.18 14.46 -19.11
C LEU A 236 17.85 14.61 -17.75
N SER A 237 17.09 14.40 -16.68
CA SER A 237 17.60 14.53 -15.34
C SER A 237 17.11 13.36 -14.47
N ALA A 238 17.88 13.02 -13.44
CA ALA A 238 17.53 11.89 -12.58
C ALA A 238 18.22 11.96 -11.22
N VAL A 239 17.53 11.38 -10.24
CA VAL A 239 18.14 10.99 -8.99
C VAL A 239 17.58 9.62 -8.66
N ASP A 240 18.45 8.66 -8.30
CA ASP A 240 17.99 7.36 -7.78
C ASP A 240 18.83 6.93 -6.58
N VAL A 241 18.66 7.67 -5.49
CA VAL A 241 19.22 7.29 -4.21
C VAL A 241 18.31 6.17 -3.69
N CYS A 242 18.84 4.96 -3.64
CA CYS A 242 18.04 3.78 -3.29
C CYS A 242 17.89 3.55 -1.80
N GLY A 243 18.77 4.19 -1.01
CA GLY A 243 18.81 4.03 0.45
C GLY A 243 20.25 4.11 0.93
N MET A 244 20.50 3.60 2.14
CA MET A 244 21.83 3.57 2.68
C MET A 244 22.33 2.16 2.85
N PHE A 245 23.61 1.96 2.54
CA PHE A 245 24.33 0.74 2.88
C PHE A 245 25.00 0.93 4.24
N THR A 246 24.80 -0.02 5.14
CA THR A 246 25.44 -0.02 6.45
C THR A 246 26.61 -0.96 6.43
N ASN A 247 27.82 -0.46 6.73
CA ASN A 247 28.94 -1.39 6.76
CA ASN A 247 29.04 -1.25 6.83
C ASN A 247 29.06 -2.02 8.15
N ARG A 248 30.01 -2.94 8.29
CA ARG A 248 30.20 -3.73 9.52
C ARG A 248 30.33 -2.86 10.77
N SER A 249 30.94 -1.69 10.64
CA SER A 249 31.12 -0.78 11.76
C SER A 249 29.84 -0.03 12.13
N GLY A 250 28.84 -0.06 11.25
CA GLY A 250 27.60 0.71 11.44
C GLY A 250 27.53 2.03 10.68
N SER A 251 28.66 2.47 10.13
CA SER A 251 28.67 3.69 9.32
CA SER A 251 28.70 3.68 9.29
C SER A 251 27.80 3.47 8.09
N GLN A 252 27.20 4.54 7.60
CA GLN A 252 26.23 4.41 6.53
C GLN A 252 26.58 5.27 5.34
N GLN A 253 26.36 4.72 4.15
CA GLN A 253 26.65 5.40 2.90
C GLN A 253 25.47 5.34 2.00
N TRP A 254 25.17 6.44 1.33
CA TRP A 254 24.11 6.45 0.32
C TRP A 254 24.54 5.52 -0.81
N ARG A 255 23.59 4.77 -1.38
CA ARG A 255 23.83 3.96 -2.58
C ARG A 255 22.84 4.36 -3.68
N GLY A 256 23.36 4.64 -4.87
CA GLY A 256 22.53 4.97 -6.01
C GLY A 256 22.73 4.03 -7.19
N LEU A 257 21.81 4.12 -8.15
CA LEU A 257 21.87 3.33 -9.38
C LEU A 257 21.59 4.21 -10.62
N SER A 258 22.03 3.70 -11.76
CA SER A 258 21.83 4.35 -13.04
C SER A 258 20.37 4.24 -13.49
N ARG A 259 19.95 5.22 -14.32
CA ARG A 259 18.62 5.21 -14.90
C ARG A 259 18.71 5.23 -16.43
N TYR A 260 18.03 4.27 -17.06
CA TYR A 260 17.81 4.21 -18.51
C TYR A 260 16.71 5.15 -18.93
N PHE A 261 16.89 5.80 -20.09
CA PHE A 261 15.86 6.64 -20.71
C PHE A 261 15.73 6.25 -22.19
N LYS A 262 14.50 6.11 -22.68
CA LYS A 262 14.22 6.06 -24.12
C LYS A 262 13.09 7.01 -24.39
N VAL A 263 13.35 8.00 -25.23
CA VAL A 263 12.39 9.04 -25.52
C VAL A 263 12.13 9.06 -27.02
N GLN A 264 10.86 9.03 -27.41
N GLN A 264 10.85 9.01 -27.42
CA GLN A 264 10.47 9.17 -28.82
CA GLN A 264 10.45 9.18 -28.81
C GLN A 264 10.08 10.62 -29.06
C GLN A 264 10.13 10.64 -29.03
N LEU A 265 10.54 11.18 -30.17
CA LEU A 265 10.28 12.58 -30.50
C LEU A 265 9.75 12.71 -31.92
N ARG A 266 8.99 13.77 -32.16
CA ARG A 266 8.46 14.08 -33.49
C ARG A 266 8.66 15.54 -33.81
N LYS A 267 8.69 15.88 -35.09
CA LYS A 267 8.88 17.27 -35.46
C LYS A 267 7.56 18.02 -35.44
N ARG A 268 7.59 19.20 -34.85
CA ARG A 268 6.41 20.04 -34.69
C ARG A 268 6.73 21.43 -35.24
N ARG A 269 5.83 21.98 -36.05
CA ARG A 269 5.99 23.36 -36.51
C ARG A 269 5.48 24.35 -35.46
N VAL A 270 6.20 25.44 -35.30
CA VAL A 270 5.80 26.52 -34.39
C VAL A 270 5.95 27.89 -35.07
N LYS A 271 5.25 28.90 -34.54
CA LYS A 271 5.39 30.28 -35.04
C LYS A 271 5.74 31.20 -33.90
N VAL B 7 12.80 -7.79 -40.80
CA VAL B 7 11.62 -8.59 -40.35
C VAL B 7 10.34 -7.76 -40.39
N GLU B 8 9.77 -7.60 -41.58
CA GLU B 8 8.43 -7.03 -41.75
C GLU B 8 7.38 -8.05 -41.27
N VAL B 9 6.53 -7.66 -40.33
CA VAL B 9 5.50 -8.51 -39.77
C VAL B 9 4.21 -8.37 -40.58
N LEU B 10 3.66 -9.48 -41.05
CA LEU B 10 2.47 -9.46 -41.89
C LEU B 10 1.27 -10.09 -41.16
N GLU B 11 0.37 -10.77 -41.87
CA GLU B 11 -0.88 -11.20 -41.23
C GLU B 11 -0.74 -12.42 -40.31
N VAL B 12 -1.67 -12.49 -39.37
CA VAL B 12 -1.84 -13.67 -38.54
C VAL B 12 -2.55 -14.76 -39.34
N LYS B 13 -2.11 -16.00 -39.18
CA LYS B 13 -2.83 -17.13 -39.75
C LYS B 13 -4.04 -17.46 -38.90
N THR B 14 -5.09 -17.97 -39.54
CA THR B 14 -6.26 -18.49 -38.83
C THR B 14 -6.48 -19.94 -39.25
N GLY B 15 -7.45 -20.60 -38.61
CA GLY B 15 -7.71 -22.01 -38.81
C GLY B 15 -7.32 -22.76 -37.55
N VAL B 16 -7.99 -23.87 -37.27
CA VAL B 16 -7.76 -24.66 -36.05
C VAL B 16 -6.26 -24.89 -35.77
N ASP B 17 -5.50 -25.04 -36.86
CA ASP B 17 -4.08 -25.41 -36.81
C ASP B 17 -3.12 -24.24 -36.50
N SER B 18 -3.65 -23.05 -36.40
CA SER B 18 -2.83 -21.86 -36.34
C SER B 18 -2.48 -21.44 -34.92
N ILE B 19 -2.94 -22.19 -33.91
CA ILE B 19 -2.65 -21.84 -32.52
C ILE B 19 -2.02 -23.00 -31.76
N THR B 20 -1.24 -22.67 -30.73
CA THR B 20 -0.67 -23.68 -29.86
C THR B 20 -0.47 -23.10 -28.45
N GLU B 21 -0.29 -23.98 -27.47
CA GLU B 21 -0.07 -23.57 -26.08
C GLU B 21 1.18 -24.21 -25.54
N VAL B 22 1.86 -23.51 -24.64
CA VAL B 22 2.98 -24.06 -23.89
C VAL B 22 2.57 -23.95 -22.42
N GLU B 23 2.67 -25.08 -21.71
CA GLU B 23 2.38 -25.11 -20.29
C GLU B 23 3.54 -25.82 -19.62
N CYS B 24 4.15 -25.17 -18.63
CA CYS B 24 5.28 -25.76 -17.89
C CYS B 24 5.57 -25.05 -16.57
N PHE B 25 6.56 -25.56 -15.84
CA PHE B 25 7.08 -24.85 -14.67
C PHE B 25 8.60 -24.79 -14.72
N LEU B 26 9.13 -23.71 -14.16
CA LEU B 26 10.55 -23.52 -13.98
C LEU B 26 10.84 -23.68 -12.50
N THR B 27 11.73 -24.61 -12.16
CA THR B 27 12.15 -24.77 -10.77
C THR B 27 13.11 -23.64 -10.41
N PRO B 28 13.13 -23.22 -9.12
CA PRO B 28 14.05 -22.16 -8.69
C PRO B 28 15.47 -22.70 -8.57
N GLU B 29 16.45 -21.81 -8.67
CA GLU B 29 17.88 -22.21 -8.62
C GLU B 29 18.58 -21.35 -7.57
N MET B 30 18.34 -21.76 -6.33
CA MET B 30 18.77 -21.01 -5.17
C MET B 30 20.18 -21.37 -4.69
N GLY B 31 20.74 -22.46 -5.21
CA GLY B 31 22.11 -22.89 -4.86
C GLY B 31 22.25 -24.35 -4.46
N ASP B 32 21.24 -24.86 -3.77
CA ASP B 32 21.09 -26.29 -3.49
C ASP B 32 22.33 -26.90 -2.83
N PRO B 33 22.65 -26.45 -1.61
CA PRO B 33 23.95 -26.76 -0.98
C PRO B 33 24.19 -28.24 -0.66
N ASP B 34 23.13 -29.04 -0.57
CA ASP B 34 23.30 -30.48 -0.36
C ASP B 34 22.09 -31.24 -0.87
N GLU B 35 22.13 -32.56 -0.73
CA GLU B 35 21.09 -33.44 -1.28
C GLU B 35 19.70 -33.27 -0.65
N HIS B 36 19.59 -32.54 0.45
CA HIS B 36 18.30 -32.34 1.12
C HIS B 36 17.75 -30.92 0.93
N LEU B 37 18.48 -30.04 0.22
CA LEU B 37 18.21 -28.60 0.27
C LEU B 37 17.86 -27.92 -1.05
N ARG B 38 17.25 -28.68 -1.96
CA ARG B 38 16.66 -28.15 -3.17
C ARG B 38 15.71 -27.03 -2.78
N GLY B 39 15.86 -25.88 -3.44
CA GLY B 39 15.06 -24.70 -3.16
C GLY B 39 15.65 -23.75 -2.14
N PHE B 40 16.76 -24.15 -1.49
CA PHE B 40 17.47 -23.29 -0.54
C PHE B 40 18.88 -22.96 -1.04
N SER B 41 19.43 -21.84 -0.57
CA SER B 41 20.86 -21.57 -0.71
C SER B 41 21.64 -22.10 0.50
N LYS B 42 22.95 -22.15 0.35
CA LYS B 42 23.87 -22.25 1.49
C LYS B 42 23.61 -21.08 2.43
N SER B 43 23.89 -21.26 3.72
CA SER B 43 23.75 -20.15 4.66
CA SER B 43 23.79 -20.17 4.68
C SER B 43 24.67 -19.02 4.20
N ILE B 44 24.18 -17.81 4.42
CA ILE B 44 24.85 -16.60 3.98
C ILE B 44 25.92 -16.14 4.99
N SER B 45 27.15 -15.98 4.54
CA SER B 45 28.23 -15.44 5.37
C SER B 45 28.63 -14.07 4.82
N ILE B 46 29.27 -13.24 5.64
CA ILE B 46 29.62 -11.86 5.27
C ILE B 46 31.14 -11.67 5.25
N SER B 47 31.67 -11.18 4.14
CA SER B 47 33.09 -10.88 4.03
C SER B 47 33.46 -9.72 4.98
N ASP B 48 34.70 -9.73 5.45
CA ASP B 48 35.22 -8.68 6.32
C ASP B 48 35.58 -7.40 5.60
N THR B 49 35.73 -7.46 4.27
CA THR B 49 36.06 -6.29 3.44
C THR B 49 35.40 -6.45 2.09
N PHE B 50 35.21 -5.35 1.38
CA PHE B 50 34.71 -5.43 0.00
C PHE B 50 35.62 -6.31 -0.86
N GLU B 51 36.93 -6.11 -0.75
CA GLU B 51 37.82 -6.82 -1.67
C GLU B 51 37.90 -8.31 -1.39
N SER B 52 37.54 -8.76 -0.17
CA SER B 52 37.53 -10.18 0.17
C SER B 52 36.18 -10.90 -0.02
N ASP B 53 35.20 -10.22 -0.61
CA ASP B 53 33.91 -10.83 -0.95
C ASP B 53 34.11 -11.87 -2.05
N SER B 54 33.82 -13.13 -1.73
CA SER B 54 34.10 -14.23 -2.64
C SER B 54 33.06 -15.30 -2.40
N PRO B 55 31.82 -15.06 -2.85
CA PRO B 55 30.74 -15.95 -2.43
C PRO B 55 30.84 -17.34 -3.07
N ASN B 56 30.58 -18.39 -2.29
CA ASN B 56 30.44 -19.72 -2.83
C ASN B 56 29.28 -19.81 -3.79
N LYS B 57 29.43 -20.63 -4.82
CA LYS B 57 28.38 -20.81 -5.83
C LYS B 57 27.05 -21.24 -5.19
N ASP B 58 27.12 -22.14 -4.21
CA ASP B 58 25.88 -22.66 -3.63
CA ASP B 58 25.95 -22.69 -3.52
C ASP B 58 25.19 -21.64 -2.72
N MET B 59 25.81 -20.47 -2.54
CA MET B 59 25.25 -19.35 -1.78
C MET B 59 24.56 -18.30 -2.68
N LEU B 60 24.62 -18.52 -3.99
CA LEU B 60 24.15 -17.54 -4.97
C LEU B 60 22.92 -18.00 -5.74
N PRO B 61 21.76 -17.39 -5.47
CA PRO B 61 20.64 -17.67 -6.38
C PRO B 61 20.97 -17.25 -7.81
N CYS B 62 20.53 -18.06 -8.77
CA CYS B 62 20.72 -17.78 -10.18
C CYS B 62 19.39 -17.65 -10.93
N TYR B 63 19.43 -17.01 -12.09
CA TYR B 63 18.28 -16.97 -12.97
C TYR B 63 17.91 -18.37 -13.46
N SER B 64 16.61 -18.65 -13.54
CA SER B 64 16.08 -19.85 -14.20
C SER B 64 15.71 -19.52 -15.63
N VAL B 65 15.89 -20.50 -16.52
CA VAL B 65 15.54 -20.34 -17.93
C VAL B 65 15.15 -21.68 -18.51
N ALA B 66 14.14 -21.68 -19.37
CA ALA B 66 13.83 -22.84 -20.19
C ALA B 66 13.63 -22.40 -21.64
N ARG B 67 14.26 -23.13 -22.55
CA ARG B 67 14.01 -23.02 -23.99
C ARG B 67 13.06 -24.13 -24.39
N ILE B 68 11.88 -23.77 -24.86
CA ILE B 68 10.82 -24.73 -25.17
C ILE B 68 10.65 -24.88 -26.67
N PRO B 69 10.88 -26.09 -27.21
CA PRO B 69 10.68 -26.28 -28.65
C PRO B 69 9.20 -26.22 -29.01
N LEU B 70 8.88 -25.52 -30.08
CA LEU B 70 7.51 -25.40 -30.60
C LEU B 70 7.38 -26.20 -31.88
N PRO B 71 6.14 -26.47 -32.32
CA PRO B 71 5.98 -27.24 -33.54
C PRO B 71 6.69 -26.57 -34.71
N ASN B 72 7.42 -27.36 -35.48
N ASN B 72 7.42 -27.36 -35.48
CA ASN B 72 8.29 -26.85 -36.55
CA ASN B 72 8.30 -26.83 -36.53
C ASN B 72 7.47 -26.19 -37.65
C ASN B 72 7.50 -26.21 -37.67
N LEU B 73 7.93 -25.03 -38.11
CA LEU B 73 7.31 -24.32 -39.21
C LEU B 73 8.34 -24.29 -40.35
N ILE B 82 7.50 -17.59 -44.87
CA ILE B 82 8.05 -17.66 -43.52
C ILE B 82 7.03 -17.39 -42.40
N LEU B 83 6.75 -18.42 -41.61
CA LEU B 83 5.89 -18.29 -40.44
C LEU B 83 6.69 -18.37 -39.14
N MET B 84 6.21 -17.68 -38.11
CA MET B 84 6.81 -17.71 -36.80
C MET B 84 5.70 -17.77 -35.78
N TRP B 85 5.90 -18.53 -34.73
CA TRP B 85 5.01 -18.52 -33.61
C TRP B 85 5.14 -17.17 -32.87
N GLU B 86 3.99 -16.58 -32.54
CA GLU B 86 3.91 -15.29 -31.86
C GLU B 86 3.26 -15.53 -30.52
N ALA B 87 3.95 -15.15 -29.44
CA ALA B 87 3.39 -15.32 -28.08
C ALA B 87 2.44 -14.17 -27.80
N VAL B 88 1.23 -14.49 -27.36
CA VAL B 88 0.15 -13.51 -27.29
C VAL B 88 -0.31 -13.27 -25.85
N THR B 89 -0.45 -14.33 -25.06
CA THR B 89 -0.88 -14.20 -23.67
C THR B 89 -0.07 -15.10 -22.76
N LEU B 90 -0.05 -14.71 -21.48
CA LEU B 90 0.62 -15.42 -20.41
C LEU B 90 -0.30 -15.51 -19.19
N LYS B 91 -0.36 -16.69 -18.59
CA LYS B 91 -0.82 -16.85 -17.22
C LYS B 91 0.37 -17.40 -16.45
N THR B 92 0.61 -16.87 -15.27
CA THR B 92 1.75 -17.31 -14.47
C THR B 92 1.40 -17.26 -12.99
N GLU B 93 2.04 -18.12 -12.23
CA GLU B 93 1.77 -18.29 -10.80
C GLU B 93 3.02 -18.84 -10.08
N VAL B 94 3.28 -18.34 -8.87
CA VAL B 94 4.27 -18.95 -7.99
C VAL B 94 3.64 -20.20 -7.36
N ILE B 95 4.35 -21.31 -7.44
CA ILE B 95 3.83 -22.61 -6.98
C ILE B 95 4.34 -22.98 -5.59
N GLY B 96 3.43 -23.22 -4.66
CA GLY B 96 3.79 -23.65 -3.30
C GLY B 96 3.84 -22.54 -2.26
N VAL B 97 3.02 -21.52 -2.46
CA VAL B 97 3.11 -20.34 -1.58
C VAL B 97 2.85 -20.67 -0.13
N THR B 98 2.03 -21.70 0.12
CA THR B 98 1.62 -22.07 1.48
C THR B 98 2.73 -22.79 2.28
N THR B 99 3.81 -23.17 1.62
CA THR B 99 4.97 -23.75 2.34
C THR B 99 5.54 -22.78 3.40
N LEU B 100 5.35 -21.48 3.18
CA LEU B 100 5.82 -20.44 4.09
C LEU B 100 5.06 -20.42 5.41
N MET B 101 4.01 -21.23 5.52
CA MET B 101 3.29 -21.43 6.77
C MET B 101 3.92 -22.49 7.65
N ASN B 102 4.95 -23.15 7.17
CA ASN B 102 5.70 -24.06 8.04
C ASN B 102 6.61 -23.25 8.94
N VAL B 103 6.13 -23.01 10.16
CA VAL B 103 6.86 -22.24 11.15
C VAL B 103 7.22 -23.13 12.33
N HIS B 104 7.44 -24.42 12.05
CA HIS B 104 7.72 -25.40 13.09
C HIS B 104 8.97 -26.26 12.84
N SER B 105 9.78 -25.92 11.84
CA SER B 105 10.85 -26.80 11.35
C SER B 105 12.25 -26.27 11.72
N ASN B 106 12.56 -26.35 13.01
CA ASN B 106 13.85 -25.92 13.57
C ASN B 106 14.30 -24.52 13.17
N GLY B 107 13.33 -23.62 13.12
CA GLY B 107 13.58 -22.21 12.92
C GLY B 107 13.91 -21.54 14.23
N GLN B 108 13.93 -20.22 14.20
CA GLN B 108 14.29 -19.42 15.36
C GLN B 108 13.04 -18.80 15.96
N ALA B 109 12.68 -19.23 17.17
CA ALA B 109 11.56 -18.65 17.91
C ALA B 109 11.65 -17.11 17.92
N THR B 110 10.55 -16.46 17.57
CA THR B 110 10.47 -14.99 17.55
C THR B 110 10.57 -14.41 18.97
N HIS B 111 10.18 -15.20 19.97
CA HIS B 111 10.23 -14.81 21.39
C HIS B 111 10.09 -16.10 22.18
N ASP B 112 10.28 -16.03 23.50
CA ASP B 112 10.22 -17.22 24.34
CA ASP B 112 10.22 -17.21 24.37
C ASP B 112 8.87 -17.92 24.20
N ASN B 113 8.93 -19.20 23.83
CA ASN B 113 7.77 -20.08 23.62
C ASN B 113 6.99 -19.85 22.33
N GLY B 114 7.47 -18.96 21.47
CA GLY B 114 6.79 -18.61 20.23
C GLY B 114 7.09 -19.54 19.08
N ALA B 115 6.37 -19.34 17.98
CA ALA B 115 6.59 -20.08 16.73
C ALA B 115 7.86 -19.58 16.04
N ALA B 116 8.34 -20.31 15.07
CA ALA B 116 9.53 -19.91 14.35
C ALA B 116 9.25 -18.71 13.47
N LYS B 117 10.25 -17.84 13.38
CA LYS B 117 10.20 -16.72 12.45
C LYS B 117 9.97 -17.25 11.02
N PRO B 118 8.95 -16.73 10.34
CA PRO B 118 8.72 -17.17 8.96
C PRO B 118 9.70 -16.57 7.97
N VAL B 119 9.71 -17.16 6.78
CA VAL B 119 10.51 -16.67 5.68
C VAL B 119 10.13 -15.22 5.41
N GLN B 120 11.14 -14.38 5.23
CA GLN B 120 10.94 -12.97 5.04
C GLN B 120 12.24 -12.30 4.65
N GLY B 121 12.16 -11.01 4.36
CA GLY B 121 13.33 -10.29 3.91
C GLY B 121 13.40 -10.15 2.39
N THR B 122 14.55 -9.73 1.92
CA THR B 122 14.73 -9.38 0.53
C THR B 122 14.15 -10.44 -0.41
N SER B 123 13.30 -10.00 -1.33
CA SER B 123 12.75 -10.86 -2.38
C SER B 123 12.97 -10.28 -3.78
N PHE B 124 13.01 -11.17 -4.76
CA PHE B 124 13.03 -10.77 -6.16
C PHE B 124 12.13 -11.74 -6.90
N HIS B 125 11.07 -11.19 -7.50
CA HIS B 125 10.11 -11.94 -8.27
C HIS B 125 10.11 -11.39 -9.68
N PHE B 126 10.46 -12.25 -10.62
CA PHE B 126 10.74 -11.85 -11.99
C PHE B 126 10.30 -12.95 -12.95
N PHE B 127 9.74 -12.54 -14.08
CA PHE B 127 9.50 -13.48 -15.14
C PHE B 127 9.53 -12.79 -16.50
N SER B 128 9.89 -13.56 -17.52
CA SER B 128 9.90 -13.06 -18.87
C SER B 128 9.50 -14.13 -19.89
N VAL B 129 8.96 -13.66 -21.01
CA VAL B 129 8.58 -14.49 -22.14
C VAL B 129 9.15 -13.80 -23.39
N GLY B 130 9.98 -14.53 -24.14
CA GLY B 130 10.55 -14.01 -25.38
C GLY B 130 10.70 -15.02 -26.50
N GLY B 131 11.00 -14.50 -27.68
CA GLY B 131 11.23 -15.30 -28.87
C GLY B 131 12.71 -15.58 -29.10
N GLU B 132 13.50 -15.33 -28.05
CA GLU B 132 14.94 -15.51 -28.03
C GLU B 132 15.39 -15.31 -26.59
N ALA B 133 16.65 -15.64 -26.31
CA ALA B 133 17.19 -15.53 -24.96
C ALA B 133 17.05 -14.12 -24.41
N LEU B 134 16.70 -14.04 -23.13
CA LEU B 134 16.68 -12.78 -22.40
C LEU B 134 18.07 -12.17 -22.50
N GLU B 135 18.13 -10.88 -22.83
CA GLU B 135 19.41 -10.19 -22.92
C GLU B 135 19.70 -9.51 -21.58
N LEU B 136 20.93 -9.69 -21.09
CA LEU B 136 21.35 -9.25 -19.76
C LEU B 136 22.42 -8.18 -19.81
N GLN B 137 22.36 -7.30 -18.82
CA GLN B 137 23.37 -6.28 -18.54
C GLN B 137 23.90 -6.57 -17.14
N GLY B 138 25.22 -6.62 -17.00
CA GLY B 138 25.86 -6.86 -15.72
C GLY B 138 26.01 -5.59 -14.92
N VAL B 139 25.59 -5.64 -13.66
CA VAL B 139 25.81 -4.57 -12.70
C VAL B 139 26.15 -5.24 -11.38
N VAL B 140 27.16 -4.72 -10.68
CA VAL B 140 27.60 -5.32 -9.44
C VAL B 140 27.51 -4.34 -8.28
N PHE B 141 27.11 -4.84 -7.12
CA PHE B 141 27.15 -4.08 -5.90
C PHE B 141 28.57 -3.61 -5.56
N ASN B 142 29.51 -4.52 -5.74
CA ASN B 142 30.91 -4.34 -5.36
C ASN B 142 31.74 -4.97 -6.48
N TYR B 143 32.52 -4.15 -7.19
CA TYR B 143 33.26 -4.67 -8.36
C TYR B 143 34.37 -5.62 -7.95
N ARG B 144 34.76 -5.60 -6.68
CA ARG B 144 35.81 -6.51 -6.22
C ARG B 144 35.28 -7.86 -5.72
N THR B 145 33.97 -8.07 -5.81
CA THR B 145 33.40 -9.40 -5.58
C THR B 145 33.97 -10.37 -6.60
N THR B 146 34.46 -11.50 -6.14
CA THR B 146 34.94 -12.56 -7.01
C THR B 146 33.80 -13.53 -7.10
N TYR B 147 33.20 -13.65 -8.27
CA TYR B 147 32.16 -14.64 -8.50
C TYR B 147 32.80 -16.01 -8.78
N PRO B 148 32.16 -17.08 -8.34
CA PRO B 148 32.84 -18.38 -8.31
C PRO B 148 32.85 -19.17 -9.61
N ASP B 149 33.78 -20.12 -9.69
CA ASP B 149 33.80 -21.06 -10.80
CA ASP B 149 33.81 -21.11 -10.77
C ASP B 149 32.44 -21.75 -10.90
N GLY B 150 31.99 -21.96 -12.12
CA GLY B 150 30.70 -22.54 -12.36
C GLY B 150 29.60 -21.51 -12.56
N THR B 151 29.89 -20.23 -12.31
CA THR B 151 28.91 -19.17 -12.61
C THR B 151 29.43 -18.35 -13.78
N ILE B 152 28.53 -17.64 -14.44
CA ILE B 152 28.88 -16.74 -15.53
C ILE B 152 28.57 -15.34 -15.02
N PHE B 153 29.56 -14.47 -15.10
CA PHE B 153 29.55 -13.22 -14.35
C PHE B 153 30.20 -12.11 -15.13
N PRO B 154 29.97 -10.85 -14.72
CA PRO B 154 30.62 -9.75 -15.43
C PRO B 154 32.15 -9.88 -15.37
N LYS B 155 32.77 -10.00 -16.54
CA LYS B 155 34.22 -10.15 -16.65
C LYS B 155 34.88 -8.80 -16.84
N ASN B 156 36.12 -8.68 -16.36
CA ASN B 156 36.86 -7.43 -16.39
C ASN B 156 36.11 -6.32 -15.66
N ALA B 157 35.53 -6.63 -14.50
CA ALA B 157 34.78 -5.63 -13.74
C ALA B 157 35.70 -4.51 -13.30
N THR B 158 35.24 -3.27 -13.43
CA THR B 158 35.95 -2.09 -12.96
C THR B 158 35.04 -1.37 -11.99
N VAL B 159 35.54 -0.30 -11.35
CA VAL B 159 34.71 0.41 -10.42
C VAL B 159 33.46 0.98 -11.11
N GLN B 160 33.57 1.25 -12.41
CA GLN B 160 32.42 1.74 -13.17
C GLN B 160 31.34 0.68 -13.29
N SER B 161 31.71 -0.59 -13.13
CA SER B 161 30.74 -1.68 -13.17
C SER B 161 29.75 -1.64 -12.01
N GLN B 162 30.07 -0.86 -10.96
CA GLN B 162 29.14 -0.63 -9.85
C GLN B 162 27.92 0.26 -10.20
N VAL B 163 28.00 0.97 -11.32
CA VAL B 163 26.88 1.80 -11.78
C VAL B 163 26.43 1.49 -13.24
N MET B 164 27.37 1.37 -14.17
CA MET B 164 27.08 0.94 -15.56
C MET B 164 28.35 0.75 -16.37
N ASN B 165 28.59 -0.47 -16.81
CA ASN B 165 29.72 -0.78 -17.70
C ASN B 165 29.15 -1.53 -18.89
N THR B 166 29.14 -0.88 -20.05
CA THR B 166 28.48 -1.44 -21.24
C THR B 166 29.20 -2.66 -21.82
N GLU B 167 30.39 -2.99 -21.30
CA GLU B 167 31.04 -4.23 -21.69
C GLU B 167 30.26 -5.46 -21.20
N HIS B 168 29.53 -5.35 -20.09
CA HIS B 168 28.90 -6.52 -19.48
C HIS B 168 27.56 -6.89 -20.12
N LYS B 169 27.64 -7.47 -21.32
CA LYS B 169 26.48 -7.92 -22.07
C LYS B 169 26.50 -9.44 -22.18
N ALA B 170 25.37 -10.08 -21.88
CA ALA B 170 25.26 -11.54 -21.97
C ALA B 170 23.86 -11.98 -22.38
N TYR B 171 23.76 -13.24 -22.75
CA TYR B 171 22.47 -13.91 -22.98
C TYR B 171 22.17 -14.86 -21.82
N LEU B 172 20.93 -14.88 -21.36
CA LEU B 172 20.52 -15.84 -20.33
C LEU B 172 20.28 -17.15 -21.07
N ASP B 173 21.36 -17.90 -21.23
CA ASP B 173 21.39 -19.04 -22.16
C ASP B 173 21.81 -20.32 -21.45
N LYS B 174 21.81 -20.30 -20.13
CA LYS B 174 22.17 -21.46 -19.37
C LYS B 174 21.49 -21.35 -18.01
N ASN B 175 20.93 -22.46 -17.58
CA ASN B 175 20.20 -22.54 -16.33
C ASN B 175 21.19 -22.72 -15.17
N LYS B 176 20.82 -22.19 -14.01
CA LYS B 176 21.67 -22.18 -12.80
C LYS B 176 23.12 -21.80 -13.05
N ALA B 177 23.32 -20.63 -13.65
CA ALA B 177 24.66 -20.19 -14.01
C ALA B 177 24.87 -18.70 -13.86
N TYR B 178 23.83 -17.93 -14.17
CA TYR B 178 23.85 -16.48 -14.10
C TYR B 178 23.30 -16.03 -12.74
N PRO B 179 24.18 -15.56 -11.84
CA PRO B 179 23.71 -15.16 -10.51
C PRO B 179 22.77 -13.97 -10.57
N VAL B 180 21.74 -13.98 -9.73
CA VAL B 180 20.72 -12.96 -9.77
C VAL B 180 21.33 -11.60 -9.44
N GLU B 181 22.25 -11.57 -8.47
CA GLU B 181 22.77 -10.28 -7.94
C GLU B 181 23.63 -9.42 -8.88
N CYS B 182 24.18 -10.03 -9.93
CA CYS B 182 25.08 -9.31 -10.82
C CYS B 182 24.57 -9.15 -12.25
N TRP B 183 23.34 -9.57 -12.52
CA TRP B 183 22.75 -9.38 -13.85
C TRP B 183 21.32 -8.88 -13.73
N VAL B 184 20.94 -8.01 -14.67
CA VAL B 184 19.54 -7.61 -14.84
C VAL B 184 19.19 -7.67 -16.34
N PRO B 185 17.89 -7.70 -16.65
CA PRO B 185 17.47 -7.52 -18.04
C PRO B 185 18.05 -6.23 -18.61
N ASP B 186 18.57 -6.30 -19.82
CA ASP B 186 19.16 -5.13 -20.48
C ASP B 186 18.08 -4.26 -21.11
N PRO B 187 17.81 -3.07 -20.52
CA PRO B 187 16.72 -2.26 -21.07
C PRO B 187 17.04 -1.65 -22.42
N THR B 188 18.31 -1.70 -22.84
CA THR B 188 18.73 -1.20 -24.15
C THR B 188 18.46 -2.21 -25.27
N ARG B 189 18.13 -3.44 -24.90
CA ARG B 189 17.84 -4.47 -25.88
C ARG B 189 16.46 -5.10 -25.54
N ASN B 190 16.32 -6.41 -25.70
CA ASN B 190 15.09 -7.12 -25.35
C ASN B 190 13.82 -6.67 -26.07
N GLU B 191 13.94 -6.20 -27.31
CA GLU B 191 12.74 -5.80 -28.04
C GLU B 191 11.81 -6.98 -28.36
N ASN B 192 12.36 -8.20 -28.36
CA ASN B 192 11.58 -9.39 -28.70
C ASN B 192 11.26 -10.25 -27.47
N THR B 193 11.23 -9.62 -26.30
CA THR B 193 10.94 -10.26 -25.03
C THR B 193 10.05 -9.30 -24.24
N ARG B 194 9.21 -9.83 -23.36
CA ARG B 194 8.48 -9.03 -22.39
C ARG B 194 8.89 -9.50 -21.00
N TYR B 195 9.36 -8.57 -20.18
CA TYR B 195 9.87 -8.91 -18.84
C TYR B 195 9.27 -8.03 -17.77
N PHE B 196 9.16 -8.61 -16.57
CA PHE B 196 8.51 -7.98 -15.43
C PHE B 196 9.21 -8.44 -14.17
N GLY B 197 9.64 -7.50 -13.33
CA GLY B 197 10.23 -7.86 -12.04
C GLY B 197 10.06 -6.84 -10.94
N THR B 198 10.09 -7.32 -9.71
CA THR B 198 10.07 -6.49 -8.52
C THR B 198 11.09 -6.98 -7.49
N LEU B 199 11.99 -6.09 -7.08
CA LEU B 199 12.90 -6.28 -5.95
C LEU B 199 12.27 -5.56 -4.75
N THR B 200 12.01 -6.31 -3.69
CA THR B 200 11.54 -5.74 -2.42
C THR B 200 12.60 -6.04 -1.38
N GLY B 201 13.26 -4.98 -0.92
CA GLY B 201 14.40 -5.09 -0.01
C GLY B 201 13.97 -5.04 1.44
N GLY B 202 14.95 -5.01 2.34
CA GLY B 202 14.71 -5.03 3.80
C GLY B 202 14.79 -6.42 4.41
N GLU B 203 15.39 -6.53 5.60
CA GLU B 203 15.50 -7.85 6.25
C GLU B 203 14.19 -8.36 6.83
N ASN B 204 13.24 -7.45 7.06
CA ASN B 204 11.98 -7.84 7.69
C ASN B 204 10.77 -7.80 6.77
N VAL B 205 10.96 -7.54 5.47
CA VAL B 205 9.77 -7.38 4.63
C VAL B 205 9.01 -8.69 4.53
N PRO B 206 7.68 -8.62 4.70
CA PRO B 206 6.82 -9.77 4.65
C PRO B 206 6.59 -10.19 3.19
N PRO B 207 6.69 -11.49 2.88
CA PRO B 207 6.26 -11.93 1.54
C PRO B 207 4.75 -11.66 1.35
N VAL B 208 4.37 -11.16 0.18
CA VAL B 208 2.97 -11.03 -0.19
C VAL B 208 2.82 -11.77 -1.51
N LEU B 209 2.19 -12.95 -1.47
CA LEU B 209 2.12 -13.82 -2.65
C LEU B 209 0.67 -14.11 -2.99
N HIS B 210 0.25 -13.62 -4.16
CA HIS B 210 -1.09 -13.80 -4.67
C HIS B 210 -1.13 -14.96 -5.67
N ILE B 211 -2.19 -15.76 -5.57
CA ILE B 211 -2.45 -16.81 -6.53
C ILE B 211 -3.88 -16.68 -7.07
N THR B 212 -4.03 -16.91 -8.36
CA THR B 212 -5.33 -17.01 -9.01
C THR B 212 -5.17 -17.60 -10.41
N ASN B 213 -6.20 -18.30 -10.88
CA ASN B 213 -6.22 -18.80 -12.24
C ASN B 213 -7.09 -17.94 -13.16
N THR B 214 -7.36 -16.70 -12.74
CA THR B 214 -8.24 -15.81 -13.50
C THR B 214 -7.53 -14.63 -14.15
N ALA B 215 -6.20 -14.57 -14.05
CA ALA B 215 -5.44 -13.41 -14.51
C ALA B 215 -4.59 -13.75 -15.72
N THR B 216 -4.66 -12.91 -16.74
CA THR B 216 -3.95 -13.12 -17.98
C THR B 216 -3.15 -11.85 -18.29
N THR B 217 -1.89 -11.99 -18.70
CA THR B 217 -1.12 -10.86 -19.20
C THR B 217 -1.02 -10.94 -20.72
N VAL B 218 -1.35 -9.84 -21.39
CA VAL B 218 -1.27 -9.73 -22.85
C VAL B 218 0.17 -9.34 -23.21
N LEU B 219 0.78 -10.07 -24.14
CA LEU B 219 2.20 -9.90 -24.47
C LEU B 219 2.44 -9.03 -25.70
N LEU B 220 1.35 -8.54 -26.28
CA LEU B 220 1.44 -7.76 -27.51
C LEU B 220 2.03 -6.39 -27.21
N ASP B 221 2.88 -5.89 -28.09
CA ASP B 221 3.39 -4.53 -27.93
C ASP B 221 2.36 -3.50 -28.44
N GLU B 222 2.79 -2.24 -28.50
CA GLU B 222 1.93 -1.12 -28.88
C GLU B 222 1.50 -1.17 -30.34
N PHE B 223 2.10 -2.06 -31.14
CA PHE B 223 1.70 -2.28 -32.52
C PHE B 223 0.90 -3.56 -32.69
N GLY B 224 0.53 -4.21 -31.60
CA GLY B 224 -0.23 -5.45 -31.68
C GLY B 224 0.61 -6.71 -31.92
N VAL B 225 1.93 -6.62 -31.73
CA VAL B 225 2.84 -7.75 -32.02
C VAL B 225 3.46 -8.31 -30.75
N GLY B 226 3.35 -9.62 -30.59
CA GLY B 226 3.95 -10.32 -29.45
C GLY B 226 5.36 -10.76 -29.80
N PRO B 227 6.08 -11.34 -28.83
CA PRO B 227 7.39 -11.91 -29.14
C PRO B 227 7.29 -12.96 -30.27
N LEU B 228 8.22 -12.90 -31.22
CA LEU B 228 8.26 -13.81 -32.37
C LEU B 228 9.37 -14.84 -32.16
N CYS B 229 9.03 -16.11 -32.22
CA CYS B 229 9.93 -17.18 -31.76
C CYS B 229 10.92 -17.63 -32.84
N LYS B 230 12.16 -17.18 -32.71
CA LYS B 230 13.21 -17.50 -33.68
C LYS B 230 13.59 -18.96 -33.57
N GLY B 231 13.70 -19.65 -34.70
CA GLY B 231 13.98 -21.10 -34.69
C GLY B 231 12.92 -21.94 -33.99
N ASP B 232 11.69 -21.43 -33.90
CA ASP B 232 10.59 -22.17 -33.26
C ASP B 232 10.92 -22.58 -31.82
N ASN B 233 11.55 -21.67 -31.09
CA ASN B 233 11.81 -21.81 -29.67
C ASN B 233 11.21 -20.65 -28.89
N LEU B 234 10.57 -21.00 -27.79
CA LEU B 234 10.06 -20.04 -26.83
C LEU B 234 10.98 -20.01 -25.60
N TYR B 235 11.35 -18.81 -25.16
CA TYR B 235 12.20 -18.64 -23.98
C TYR B 235 11.42 -18.09 -22.78
N LEU B 236 11.45 -18.87 -21.70
CA LEU B 236 10.84 -18.50 -20.44
C LEU B 236 11.94 -18.36 -19.41
N SER B 237 11.91 -17.27 -18.64
CA SER B 237 12.88 -17.02 -17.58
C SER B 237 12.17 -16.56 -16.30
N ALA B 238 12.79 -16.84 -15.16
CA ALA B 238 12.18 -16.56 -13.86
C ALA B 238 13.19 -16.49 -12.74
N VAL B 239 12.86 -15.69 -11.73
CA VAL B 239 13.51 -15.71 -10.43
C VAL B 239 12.37 -15.50 -9.43
N ASP B 240 12.33 -16.34 -8.38
CA ASP B 240 11.37 -16.19 -7.32
C ASP B 240 12.08 -16.50 -6.01
N VAL B 241 12.94 -15.57 -5.62
CA VAL B 241 13.56 -15.55 -4.29
C VAL B 241 12.50 -14.94 -3.38
N CYS B 242 11.96 -15.76 -2.49
CA CYS B 242 10.83 -15.36 -1.67
C CYS B 242 11.24 -14.60 -0.42
N GLY B 243 12.51 -14.73 -0.04
CA GLY B 243 13.03 -14.17 1.20
C GLY B 243 14.07 -15.13 1.75
N MET B 244 14.33 -15.03 3.04
CA MET B 244 15.29 -15.92 3.70
C MET B 244 14.63 -16.68 4.83
N PHE B 245 15.03 -17.95 4.95
CA PHE B 245 14.71 -18.77 6.13
C PHE B 245 15.78 -18.59 7.18
N THR B 246 15.35 -18.31 8.42
CA THR B 246 16.24 -18.24 9.55
C THR B 246 16.25 -19.54 10.39
N ASN B 247 17.40 -20.17 10.47
CA ASN B 247 17.57 -21.36 11.28
C ASN B 247 17.58 -21.00 12.75
N ARG B 248 17.39 -21.98 13.62
CA ARG B 248 17.53 -21.80 15.08
C ARG B 248 18.82 -21.06 15.45
N SER B 249 19.93 -21.43 14.81
CA SER B 249 21.25 -20.84 15.10
C SER B 249 21.35 -19.34 14.75
N GLY B 250 20.43 -18.84 13.93
CA GLY B 250 20.50 -17.46 13.42
C GLY B 250 20.97 -17.39 11.98
N SER B 251 21.57 -18.47 11.48
CA SER B 251 22.02 -18.54 10.08
C SER B 251 20.82 -18.44 9.14
N GLN B 252 21.03 -17.86 7.97
CA GLN B 252 19.95 -17.56 7.04
C GLN B 252 20.26 -18.08 5.65
N GLN B 253 19.21 -18.63 5.03
CA GLN B 253 19.30 -19.21 3.70
C GLN B 253 18.21 -18.62 2.83
N TRP B 254 18.56 -18.25 1.61
CA TRP B 254 17.54 -17.89 0.62
C TRP B 254 16.60 -19.07 0.39
N ARG B 255 15.31 -18.77 0.20
CA ARG B 255 14.33 -19.80 -0.20
C ARG B 255 13.57 -19.35 -1.43
N GLY B 256 13.46 -20.26 -2.38
CA GLY B 256 12.76 -19.98 -3.62
C GLY B 256 11.67 -20.98 -3.91
N LEU B 257 10.80 -20.58 -4.85
CA LEU B 257 9.70 -21.42 -5.31
C LEU B 257 9.66 -21.47 -6.86
N SER B 258 9.04 -22.54 -7.37
CA SER B 258 8.82 -22.71 -8.79
C SER B 258 7.80 -21.72 -9.33
N ARG B 259 7.86 -21.51 -10.64
CA ARG B 259 6.89 -20.66 -11.33
C ARG B 259 6.28 -21.37 -12.52
N TYR B 260 4.95 -21.34 -12.55
CA TYR B 260 4.14 -21.88 -13.62
C TYR B 260 4.00 -20.88 -14.73
N PHE B 261 4.02 -21.37 -15.97
CA PHE B 261 3.83 -20.54 -17.16
C PHE B 261 2.82 -21.23 -18.08
N LYS B 262 1.83 -20.50 -18.57
CA LYS B 262 1.01 -20.98 -19.67
C LYS B 262 0.96 -19.88 -20.71
N VAL B 263 1.41 -20.18 -21.93
CA VAL B 263 1.55 -19.19 -22.98
C VAL B 263 0.76 -19.67 -24.19
N GLN B 264 -0.07 -18.79 -24.75
CA GLN B 264 -0.80 -19.07 -25.96
C GLN B 264 -0.08 -18.37 -27.11
N LEU B 265 0.11 -19.11 -28.21
CA LEU B 265 0.79 -18.60 -29.38
C LEU B 265 -0.07 -18.79 -30.61
N ARG B 266 0.17 -17.94 -31.60
CA ARG B 266 -0.51 -18.02 -32.89
C ARG B 266 0.55 -17.90 -33.98
N LYS B 267 0.25 -18.40 -35.19
CA LYS B 267 1.18 -18.31 -36.30
C LYS B 267 1.08 -16.94 -37.00
N ARG B 268 2.24 -16.33 -37.23
CA ARG B 268 2.34 -15.00 -37.85
C ARG B 268 3.28 -15.05 -39.07
N ARG B 269 2.83 -14.56 -40.22
CA ARG B 269 3.72 -14.50 -41.39
C ARG B 269 4.61 -13.27 -41.30
N VAL B 270 5.87 -13.44 -41.69
CA VAL B 270 6.82 -12.32 -41.77
C VAL B 270 7.58 -12.39 -43.11
N LYS B 271 8.15 -11.27 -43.55
CA LYS B 271 8.88 -11.21 -44.83
C LYS B 271 10.37 -11.32 -44.60
N GLU C 8 -19.01 -29.16 -25.46
CA GLU C 8 -19.73 -28.12 -26.28
C GLU C 8 -20.73 -27.34 -25.44
N VAL C 9 -20.41 -26.08 -25.14
CA VAL C 9 -21.29 -25.21 -24.35
C VAL C 9 -22.17 -24.40 -25.30
N LEU C 10 -23.49 -24.56 -25.13
CA LEU C 10 -24.49 -23.89 -25.96
C LEU C 10 -25.14 -22.73 -25.20
N GLU C 11 -26.42 -22.48 -25.42
CA GLU C 11 -27.05 -21.26 -24.89
C GLU C 11 -27.50 -21.37 -23.44
N VAL C 12 -27.56 -20.20 -22.78
CA VAL C 12 -28.18 -20.05 -21.47
C VAL C 12 -29.70 -20.14 -21.57
N LYS C 13 -30.34 -20.85 -20.64
CA LYS C 13 -31.79 -20.91 -20.56
C LYS C 13 -32.27 -19.68 -19.80
N THR C 14 -33.33 -19.02 -20.27
CA THR C 14 -33.91 -17.89 -19.56
C THR C 14 -35.30 -18.26 -19.01
N GLY C 15 -35.98 -17.29 -18.39
CA GLY C 15 -37.25 -17.56 -17.71
C GLY C 15 -36.98 -17.65 -16.22
N VAL C 16 -38.03 -17.46 -15.43
CA VAL C 16 -37.86 -17.29 -13.98
C VAL C 16 -37.29 -18.56 -13.34
N ASP C 17 -37.65 -19.72 -13.90
CA ASP C 17 -37.19 -21.04 -13.45
C ASP C 17 -35.67 -21.32 -13.68
N SER C 18 -34.97 -20.39 -14.34
CA SER C 18 -33.65 -20.67 -14.89
C SER C 18 -32.47 -20.22 -14.04
N ILE C 19 -32.74 -19.60 -12.90
CA ILE C 19 -31.69 -19.13 -12.03
C ILE C 19 -31.91 -19.67 -10.62
N THR C 20 -30.82 -19.86 -9.88
CA THR C 20 -30.91 -20.25 -8.46
C THR C 20 -29.72 -19.62 -7.72
N GLU C 21 -29.77 -19.61 -6.39
CA GLU C 21 -28.70 -19.07 -5.56
C GLU C 21 -28.29 -20.03 -4.49
N VAL C 22 -27.00 -20.04 -4.18
CA VAL C 22 -26.47 -20.79 -3.06
C VAL C 22 -25.94 -19.81 -2.05
N GLU C 23 -26.30 -20.00 -0.80
CA GLU C 23 -25.81 -19.14 0.23
C GLU C 23 -25.40 -20.02 1.40
N CYS C 24 -24.15 -19.89 1.84
CA CYS C 24 -23.68 -20.65 2.98
C CYS C 24 -22.40 -20.08 3.60
N PHE C 25 -21.94 -20.72 4.67
CA PHE C 25 -20.68 -20.37 5.27
C PHE C 25 -19.86 -21.63 5.46
N LEU C 26 -18.54 -21.47 5.32
CA LEU C 26 -17.59 -22.54 5.61
C LEU C 26 -16.86 -22.20 6.90
N THR C 27 -16.90 -23.10 7.86
CA THR C 27 -16.15 -22.92 9.09
C THR C 27 -14.66 -23.20 8.88
N PRO C 28 -13.78 -22.53 9.64
CA PRO C 28 -12.35 -22.75 9.48
C PRO C 28 -11.97 -24.06 10.15
N GLU C 29 -10.89 -24.67 9.67
CA GLU C 29 -10.37 -25.91 10.28
C GLU C 29 -8.92 -25.75 10.71
N MET C 30 -8.73 -25.17 11.89
CA MET C 30 -7.43 -24.73 12.35
C MET C 30 -6.70 -25.79 13.17
N GLY C 31 -7.40 -26.83 13.59
CA GLY C 31 -6.79 -27.90 14.37
C GLY C 31 -7.64 -28.32 15.55
N ASP C 32 -8.32 -27.34 16.17
CA ASP C 32 -9.25 -27.57 17.28
C ASP C 32 -8.69 -28.53 18.33
N PRO C 33 -7.68 -28.08 19.09
CA PRO C 33 -6.95 -28.99 19.98
C PRO C 33 -7.76 -29.50 21.18
N ASP C 34 -8.83 -28.83 21.56
CA ASP C 34 -9.76 -29.38 22.56
C ASP C 34 -11.18 -28.86 22.39
N GLU C 35 -12.06 -29.27 23.29
CA GLU C 35 -13.49 -28.94 23.24
C GLU C 35 -13.82 -27.46 23.39
N HIS C 36 -12.85 -26.64 23.81
CA HIS C 36 -13.06 -25.20 23.99
C HIS C 36 -12.44 -24.34 22.88
N LEU C 37 -11.75 -24.96 21.92
CA LEU C 37 -10.84 -24.23 21.05
C LEU C 37 -11.11 -24.32 19.53
N ARG C 38 -12.38 -24.50 19.18
CA ARG C 38 -12.85 -24.36 17.80
C ARG C 38 -12.37 -23.02 17.24
N GLY C 39 -11.71 -23.05 16.08
CA GLY C 39 -11.19 -21.85 15.47
C GLY C 39 -9.72 -21.58 15.71
N PHE C 40 -9.11 -22.37 16.60
CA PHE C 40 -7.71 -22.23 17.04
C PHE C 40 -6.94 -23.54 16.73
N SER C 41 -5.63 -23.43 16.52
CA SER C 41 -4.75 -24.60 16.42
C SER C 41 -4.19 -24.91 17.80
N LYS C 42 -3.62 -26.10 17.94
CA LYS C 42 -2.73 -26.38 19.06
C LYS C 42 -1.59 -25.36 19.06
N SER C 43 -1.05 -25.02 20.23
CA SER C 43 0.10 -24.12 20.27
CA SER C 43 0.11 -24.14 20.28
C SER C 43 1.22 -24.70 19.39
N ILE C 44 1.97 -23.81 18.75
CA ILE C 44 2.99 -24.23 17.79
C ILE C 44 4.32 -24.58 18.48
N SER C 45 4.81 -25.81 18.31
CA SER C 45 6.16 -26.14 18.77
C SER C 45 7.13 -26.24 17.61
N ILE C 46 8.40 -26.05 17.90
CA ILE C 46 9.48 -26.07 16.89
C ILE C 46 10.35 -27.32 17.08
N SER C 47 10.56 -28.09 16.00
CA SER C 47 11.42 -29.27 16.06
C SER C 47 12.85 -28.89 16.43
N ASP C 48 13.56 -29.85 17.04
CA ASP C 48 14.93 -29.68 17.52
C ASP C 48 15.97 -29.75 16.40
N THR C 49 15.59 -30.36 15.29
CA THR C 49 16.46 -30.43 14.12
C THR C 49 15.58 -30.25 12.89
N PHE C 50 16.17 -29.90 11.78
CA PHE C 50 15.42 -29.74 10.54
C PHE C 50 14.78 -31.06 10.10
N GLU C 51 15.57 -32.12 10.18
CA GLU C 51 15.14 -33.45 9.77
C GLU C 51 14.00 -34.02 10.62
N SER C 52 13.90 -33.60 11.89
CA SER C 52 12.90 -34.15 12.83
C SER C 52 11.56 -33.40 12.87
N ASP C 53 11.37 -32.44 11.98
CA ASP C 53 10.07 -31.76 11.85
C ASP C 53 8.93 -32.78 11.79
N SER C 54 7.98 -32.66 12.72
CA SER C 54 6.93 -33.65 12.89
CA SER C 54 6.92 -33.65 12.88
C SER C 54 5.70 -33.01 13.54
N PRO C 55 4.98 -32.15 12.80
CA PRO C 55 3.87 -31.43 13.42
C PRO C 55 2.69 -32.32 13.81
N ASN C 56 2.12 -32.10 14.99
CA ASN C 56 0.86 -32.77 15.39
C ASN C 56 -0.28 -32.32 14.50
N LYS C 57 -1.25 -33.22 14.30
CA LYS C 57 -2.43 -32.92 13.49
C LYS C 57 -3.16 -31.65 13.95
N ASP C 58 -3.35 -31.49 15.26
CA ASP C 58 -4.14 -30.36 15.74
CA ASP C 58 -4.09 -30.37 15.84
C ASP C 58 -3.35 -29.04 15.71
N MET C 59 -2.10 -29.08 15.25
CA MET C 59 -1.29 -27.90 15.04
C MET C 59 -1.35 -27.41 13.58
N LEU C 60 -2.01 -28.19 12.72
CA LEU C 60 -2.01 -27.92 11.25
C LEU C 60 -3.36 -27.42 10.73
N PRO C 61 -3.46 -26.11 10.39
CA PRO C 61 -4.67 -25.72 9.69
C PRO C 61 -4.80 -26.47 8.37
N CYS C 62 -6.05 -26.78 8.01
CA CYS C 62 -6.37 -27.51 6.80
C CYS C 62 -7.32 -26.72 5.90
N TYR C 63 -7.37 -27.08 4.61
CA TYR C 63 -8.33 -26.50 3.70
C TYR C 63 -9.75 -26.86 4.15
N SER C 64 -10.67 -25.92 4.04
CA SER C 64 -12.11 -26.17 4.18
C SER C 64 -12.73 -26.41 2.83
N VAL C 65 -13.71 -27.30 2.76
CA VAL C 65 -14.48 -27.56 1.55
C VAL C 65 -15.92 -27.93 1.89
N ALA C 66 -16.84 -27.44 1.07
CA ALA C 66 -18.27 -27.81 1.14
C ALA C 66 -18.72 -28.15 -0.27
N ARG C 67 -19.40 -29.28 -0.41
CA ARG C 67 -20.08 -29.63 -1.66
C ARG C 67 -21.56 -29.36 -1.49
N ILE C 68 -22.11 -28.45 -2.29
CA ILE C 68 -23.51 -28.03 -2.10
C ILE C 68 -24.38 -28.61 -3.22
N PRO C 69 -25.41 -29.42 -2.87
CA PRO C 69 -26.31 -29.97 -3.87
C PRO C 69 -27.21 -28.89 -4.44
N LEU C 70 -27.42 -28.93 -5.75
CA LEU C 70 -28.21 -27.95 -6.48
C LEU C 70 -29.51 -28.57 -6.95
N PRO C 71 -30.49 -27.74 -7.34
CA PRO C 71 -31.71 -28.31 -7.89
C PRO C 71 -31.42 -29.31 -9.00
N ASN C 72 -31.99 -30.50 -8.86
CA ASN C 72 -31.80 -31.58 -9.80
C ASN C 72 -32.25 -31.17 -11.21
N LEU C 73 -31.39 -31.38 -12.20
CA LEU C 73 -31.73 -31.09 -13.59
C LEU C 73 -31.90 -32.44 -14.33
N ASN C 74 -32.31 -32.39 -15.59
CA ASN C 74 -32.31 -33.56 -16.49
C ASN C 74 -33.01 -34.84 -15.97
N ILE C 82 -29.18 -31.98 -22.26
CA ILE C 82 -28.37 -31.83 -21.05
C ILE C 82 -28.22 -30.36 -20.58
N LEU C 83 -28.73 -30.07 -19.39
CA LEU C 83 -28.48 -28.80 -18.72
C LEU C 83 -27.55 -28.98 -17.52
N MET C 84 -26.78 -27.93 -17.25
CA MET C 84 -25.92 -27.87 -16.09
C MET C 84 -26.08 -26.47 -15.51
N TRP C 85 -26.02 -26.38 -14.19
CA TRP C 85 -25.89 -25.11 -13.51
C TRP C 85 -24.50 -24.52 -13.78
N GLU C 86 -24.51 -23.24 -14.11
CA GLU C 86 -23.30 -22.48 -14.37
C GLU C 86 -23.18 -21.37 -13.33
N ALA C 87 -22.06 -21.36 -12.60
CA ALA C 87 -21.84 -20.37 -11.54
C ALA C 87 -21.37 -19.07 -12.21
N VAL C 88 -22.07 -17.99 -11.90
CA VAL C 88 -21.90 -16.73 -12.61
C VAL C 88 -21.28 -15.65 -11.74
N THR C 89 -21.79 -15.47 -10.52
CA THR C 89 -21.27 -14.44 -9.62
C THR C 89 -21.04 -14.99 -8.22
N LEU C 90 -20.13 -14.33 -7.50
CA LEU C 90 -19.82 -14.64 -6.10
C LEU C 90 -19.81 -13.37 -5.28
N LYS C 91 -20.46 -13.42 -4.12
CA LYS C 91 -20.17 -12.47 -3.04
C LYS C 91 -19.58 -13.31 -1.91
N THR C 92 -18.55 -12.78 -1.27
CA THR C 92 -17.86 -13.51 -0.19
C THR C 92 -17.30 -12.53 0.83
N GLU C 93 -17.17 -13.00 2.06
CA GLU C 93 -16.81 -12.17 3.17
C GLU C 93 -16.28 -13.02 4.32
N VAL C 94 -15.24 -12.57 5.01
CA VAL C 94 -14.84 -13.19 6.28
C VAL C 94 -15.83 -12.80 7.39
N ILE C 95 -16.30 -13.79 8.15
CA ILE C 95 -17.32 -13.60 9.18
C ILE C 95 -16.69 -13.48 10.57
N GLY C 96 -16.97 -12.37 11.26
CA GLY C 96 -16.47 -12.17 12.63
C GLY C 96 -15.14 -11.44 12.71
N VAL C 97 -14.89 -10.51 11.77
CA VAL C 97 -13.63 -9.78 11.75
C VAL C 97 -13.39 -9.04 13.06
N THR C 98 -14.45 -8.58 13.74
CA THR C 98 -14.29 -7.78 14.93
C THR C 98 -13.86 -8.55 16.18
N THR C 99 -13.86 -9.88 16.12
CA THR C 99 -13.39 -10.68 17.25
C THR C 99 -11.94 -10.37 17.56
N LEU C 100 -11.19 -9.95 16.54
CA LEU C 100 -9.79 -9.61 16.73
C LEU C 100 -9.58 -8.35 17.57
N MET C 101 -10.65 -7.67 17.97
CA MET C 101 -10.56 -6.57 18.92
C MET C 101 -10.58 -7.05 20.36
N ASN C 102 -10.80 -8.34 20.59
CA ASN C 102 -10.67 -8.89 21.95
C ASN C 102 -9.20 -8.95 22.33
N VAL C 103 -8.73 -7.94 23.06
CA VAL C 103 -7.33 -7.84 23.50
C VAL C 103 -7.24 -7.89 25.03
N HIS C 104 -8.14 -8.64 25.65
CA HIS C 104 -8.22 -8.69 27.09
C HIS C 104 -8.33 -10.13 27.62
N SER C 105 -8.15 -11.12 26.76
CA SER C 105 -8.39 -12.53 27.09
C SER C 105 -7.11 -13.33 27.30
N ASN C 106 -6.41 -13.01 28.37
CA ASN C 106 -5.18 -13.71 28.77
C ASN C 106 -4.14 -13.81 27.66
N GLY C 107 -4.03 -12.75 26.86
CA GLY C 107 -2.94 -12.62 25.92
C GLY C 107 -1.71 -12.07 26.61
N GLN C 108 -0.72 -11.71 25.81
CA GLN C 108 0.55 -11.23 26.30
C GLN C 108 0.58 -9.72 26.15
N ALA C 109 0.69 -9.01 27.26
CA ALA C 109 0.78 -7.54 27.24
C ALA C 109 1.91 -7.09 26.34
N THR C 110 1.62 -6.09 25.53
CA THR C 110 2.60 -5.56 24.59
C THR C 110 3.74 -4.84 25.30
N HIS C 111 3.46 -4.28 26.48
CA HIS C 111 4.42 -3.63 27.34
C HIS C 111 3.77 -3.58 28.73
N ASP C 112 4.51 -3.17 29.75
CA ASP C 112 3.97 -3.11 31.11
C ASP C 112 2.68 -2.31 31.17
N ASN C 113 1.62 -2.96 31.68
CA ASN C 113 0.28 -2.37 31.83
C ASN C 113 -0.52 -2.18 30.54
N GLY C 114 0.05 -2.59 29.40
CA GLY C 114 -0.65 -2.47 28.15
C GLY C 114 -1.67 -3.57 27.92
N ALA C 115 -2.44 -3.40 26.86
CA ALA C 115 -3.39 -4.40 26.41
C ALA C 115 -2.65 -5.59 25.82
N ALA C 116 -3.37 -6.67 25.56
CA ALA C 116 -2.77 -7.86 24.93
C ALA C 116 -2.44 -7.64 23.47
N LYS C 117 -1.36 -8.26 23.04
CA LYS C 117 -0.99 -8.30 21.63
C LYS C 117 -2.15 -8.89 20.82
N PRO C 118 -2.58 -8.19 19.74
CA PRO C 118 -3.70 -8.72 18.98
C PRO C 118 -3.23 -9.83 18.05
N VAL C 119 -4.18 -10.60 17.52
CA VAL C 119 -3.88 -11.61 16.51
C VAL C 119 -3.14 -10.93 15.36
N GLN C 120 -2.03 -11.51 14.95
CA GLN C 120 -1.25 -10.95 13.87
C GLN C 120 -0.29 -12.00 13.33
N GLY C 121 0.47 -11.63 12.31
CA GLY C 121 1.43 -12.55 11.72
C GLY C 121 0.90 -13.26 10.50
N THR C 122 1.60 -14.29 10.09
CA THR C 122 1.33 -14.97 8.84
C THR C 122 -0.15 -15.28 8.63
N SER C 123 -0.65 -14.91 7.46
CA SER C 123 -2.05 -15.16 7.11
C SER C 123 -2.16 -15.78 5.72
N PHE C 124 -3.19 -16.59 5.51
CA PHE C 124 -3.53 -17.13 4.20
C PHE C 124 -5.03 -17.02 4.06
N HIS C 125 -5.45 -16.19 3.09
CA HIS C 125 -6.84 -15.95 2.77
C HIS C 125 -7.10 -16.42 1.35
N PHE C 126 -7.98 -17.42 1.23
CA PHE C 126 -8.18 -18.17 0.01
C PHE C 126 -9.63 -18.60 -0.12
N PHE C 127 -10.15 -18.55 -1.35
CA PHE C 127 -11.46 -19.09 -1.65
C PHE C 127 -11.54 -19.52 -3.10
N SER C 128 -12.39 -20.49 -3.36
CA SER C 128 -12.61 -20.98 -4.71
C SER C 128 -14.04 -21.45 -4.91
N VAL C 129 -14.50 -21.31 -6.14
CA VAL C 129 -15.81 -21.77 -6.57
C VAL C 129 -15.62 -22.59 -7.82
N GLY C 130 -16.16 -23.81 -7.81
CA GLY C 130 -15.96 -24.73 -8.94
C GLY C 130 -17.09 -25.72 -9.15
N GLY C 131 -17.10 -26.31 -10.32
CA GLY C 131 -18.13 -27.27 -10.68
C GLY C 131 -17.71 -28.70 -10.40
N GLU C 132 -16.63 -28.83 -9.62
CA GLU C 132 -16.03 -30.10 -9.21
C GLU C 132 -14.98 -29.78 -8.15
N ALA C 133 -14.42 -30.81 -7.51
CA ALA C 133 -13.43 -30.59 -6.46
C ALA C 133 -12.24 -29.76 -6.95
N LEU C 134 -11.77 -28.86 -6.10
CA LEU C 134 -10.51 -28.15 -6.34
C LEU C 134 -9.38 -29.15 -6.50
N GLU C 135 -8.56 -28.96 -7.53
CA GLU C 135 -7.43 -29.85 -7.78
C GLU C 135 -6.20 -29.26 -7.11
N LEU C 136 -5.45 -30.11 -6.40
CA LEU C 136 -4.33 -29.67 -5.60
C LEU C 136 -3.02 -30.22 -6.11
N GLN C 137 -1.95 -29.44 -5.89
CA GLN C 137 -0.56 -29.84 -6.14
C GLN C 137 0.19 -29.76 -4.82
N GLY C 138 0.91 -30.82 -4.48
CA GLY C 138 1.68 -30.86 -3.25
C GLY C 138 3.04 -30.21 -3.38
N VAL C 139 3.37 -29.36 -2.41
CA VAL C 139 4.69 -28.75 -2.31
C VAL C 139 4.97 -28.63 -0.83
N VAL C 140 6.18 -29.02 -0.42
CA VAL C 140 6.53 -29.01 1.00
C VAL C 140 7.71 -28.08 1.27
N PHE C 141 7.68 -27.44 2.43
CA PHE C 141 8.80 -26.61 2.85
C PHE C 141 10.04 -27.47 3.06
N ASN C 142 9.82 -28.66 3.61
CA ASN C 142 10.87 -29.56 4.06
C ASN C 142 10.38 -30.98 3.76
N TYR C 143 11.05 -31.66 2.84
CA TYR C 143 10.59 -32.98 2.39
C TYR C 143 10.72 -34.04 3.47
N ARG C 144 11.51 -33.76 4.50
CA ARG C 144 11.68 -34.70 5.60
C ARG C 144 10.73 -34.41 6.76
N THR C 145 9.84 -33.43 6.58
CA THR C 145 8.68 -33.30 7.48
C THR C 145 7.84 -34.59 7.48
N THR C 146 7.53 -35.09 8.68
CA THR C 146 6.60 -36.21 8.83
C THR C 146 5.24 -35.59 9.09
N TYR C 147 4.35 -35.65 8.10
CA TYR C 147 2.98 -35.21 8.30
C TYR C 147 2.22 -36.31 9.04
N PRO C 148 1.24 -35.92 9.89
CA PRO C 148 0.71 -36.85 10.89
C PRO C 148 -0.46 -37.70 10.43
N ASP C 149 -0.65 -38.82 11.10
CA ASP C 149 -1.80 -39.67 10.88
C ASP C 149 -3.09 -38.85 11.00
N GLY C 150 -4.05 -39.10 10.11
CA GLY C 150 -5.30 -38.33 10.06
C GLY C 150 -5.30 -37.17 9.07
N THR C 151 -4.14 -36.87 8.48
CA THR C 151 -4.05 -35.87 7.39
C THR C 151 -3.70 -36.58 6.08
N ILE C 152 -4.03 -35.93 4.97
CA ILE C 152 -3.68 -36.39 3.64
C ILE C 152 -2.60 -35.44 3.12
N PHE C 153 -1.45 -36.01 2.76
CA PHE C 153 -0.24 -35.23 2.52
C PHE C 153 0.53 -35.82 1.36
N PRO C 154 1.48 -35.05 0.80
CA PRO C 154 2.25 -35.58 -0.32
C PRO C 154 2.97 -36.88 0.06
N LYS C 155 2.68 -37.95 -0.68
CA LYS C 155 3.27 -39.25 -0.40
C LYS C 155 4.54 -39.46 -1.19
N ASN C 156 5.45 -40.29 -0.65
CA ASN C 156 6.75 -40.54 -1.27
C ASN C 156 7.48 -39.24 -1.59
N ALA C 157 7.48 -38.29 -0.63
CA ALA C 157 8.11 -36.99 -0.83
C ALA C 157 9.61 -37.18 -1.03
N THR C 158 10.19 -36.44 -1.97
CA THR C 158 11.63 -36.50 -2.20
C THR C 158 12.13 -35.06 -2.07
N VAL C 159 13.44 -34.86 -2.20
CA VAL C 159 13.98 -33.51 -2.12
C VAL C 159 13.39 -32.59 -3.21
N GLN C 160 13.03 -33.16 -4.36
CA GLN C 160 12.42 -32.38 -5.43
C GLN C 160 11.01 -31.90 -5.05
N SER C 161 10.37 -32.58 -4.10
CA SER C 161 9.09 -32.11 -3.57
C SER C 161 9.15 -30.72 -2.91
N GLN C 162 10.36 -30.27 -2.53
CA GLN C 162 10.59 -28.94 -1.97
C GLN C 162 10.37 -27.79 -2.99
N VAL C 163 10.37 -28.12 -4.27
CA VAL C 163 10.11 -27.15 -5.35
C VAL C 163 9.02 -27.54 -6.34
N MET C 164 9.02 -28.79 -6.81
CA MET C 164 7.95 -29.33 -7.68
C MET C 164 8.15 -30.82 -7.95
N ASN C 165 7.23 -31.63 -7.47
CA ASN C 165 7.22 -33.06 -7.80
C ASN C 165 5.81 -33.35 -8.29
N THR C 166 5.68 -33.66 -9.59
CA THR C 166 4.38 -33.81 -10.26
C THR C 166 3.59 -35.04 -9.80
N GLU C 167 4.21 -35.94 -9.03
CA GLU C 167 3.50 -37.05 -8.44
C GLU C 167 2.44 -36.60 -7.42
N HIS C 168 2.63 -35.42 -6.80
CA HIS C 168 1.74 -34.99 -5.70
C HIS C 168 0.49 -34.26 -6.19
N LYS C 169 -0.44 -35.06 -6.71
CA LYS C 169 -1.71 -34.56 -7.21
C LYS C 169 -2.80 -35.07 -6.31
N ALA C 170 -3.81 -34.25 -6.04
CA ALA C 170 -4.90 -34.68 -5.22
C ALA C 170 -6.12 -33.82 -5.48
N TYR C 171 -7.26 -34.28 -4.95
CA TYR C 171 -8.51 -33.54 -4.96
C TYR C 171 -8.86 -33.08 -3.54
N LEU C 172 -9.27 -31.83 -3.39
CA LEU C 172 -9.81 -31.34 -2.11
C LEU C 172 -11.22 -31.93 -1.95
N ASP C 173 -11.25 -33.17 -1.47
CA ASP C 173 -12.48 -33.97 -1.43
C ASP C 173 -12.89 -34.40 -0.01
N LYS C 174 -12.26 -33.79 0.99
CA LYS C 174 -12.48 -34.12 2.40
C LYS C 174 -12.11 -32.92 3.24
N ASN C 175 -12.97 -32.60 4.18
CA ASN C 175 -12.82 -31.47 5.06
C ASN C 175 -11.85 -31.84 6.19
N LYS C 176 -11.23 -30.81 6.76
CA LYS C 176 -10.18 -30.96 7.82
C LYS C 176 -9.22 -32.13 7.64
N ALA C 177 -8.67 -32.23 6.43
CA ALA C 177 -7.79 -33.35 6.09
C ALA C 177 -6.52 -32.95 5.33
N TYR C 178 -6.63 -31.94 4.47
CA TYR C 178 -5.52 -31.48 3.63
C TYR C 178 -4.84 -30.27 4.28
N PRO C 179 -3.62 -30.44 4.81
CA PRO C 179 -3.03 -29.31 5.50
C PRO C 179 -2.70 -28.18 4.55
N VAL C 180 -2.88 -26.95 5.00
CA VAL C 180 -2.64 -25.78 4.18
C VAL C 180 -1.18 -25.73 3.72
N GLU C 181 -0.25 -25.98 4.63
CA GLU C 181 1.17 -25.76 4.33
C GLU C 181 1.80 -26.63 3.24
N CYS C 182 1.17 -27.75 2.89
CA CYS C 182 1.75 -28.70 1.92
C CYS C 182 0.92 -28.90 0.64
N TRP C 183 -0.15 -28.12 0.49
CA TRP C 183 -0.96 -28.16 -0.73
C TRP C 183 -1.30 -26.76 -1.23
N VAL C 184 -1.34 -26.62 -2.56
CA VAL C 184 -1.84 -25.42 -3.21
C VAL C 184 -2.74 -25.82 -4.38
N PRO C 185 -3.55 -24.88 -4.86
CA PRO C 185 -4.28 -25.13 -6.07
C PRO C 185 -3.29 -25.46 -7.18
N ASP C 186 -3.62 -26.50 -7.96
CA ASP C 186 -2.79 -26.96 -9.08
C ASP C 186 -3.06 -26.03 -10.28
N PRO C 187 -2.08 -25.19 -10.66
CA PRO C 187 -2.32 -24.28 -11.77
C PRO C 187 -2.34 -24.99 -13.13
N THR C 188 -1.92 -26.26 -13.20
CA THR C 188 -1.94 -27.00 -14.45
C THR C 188 -3.29 -27.60 -14.69
N ARG C 189 -4.18 -27.58 -13.71
CA ARG C 189 -5.53 -28.08 -13.89
C ARG C 189 -6.51 -26.97 -13.53
N ASN C 190 -7.62 -27.33 -12.86
CA ASN C 190 -8.62 -26.39 -12.41
C ASN C 190 -9.28 -25.52 -13.47
N GLU C 191 -9.46 -26.05 -14.67
CA GLU C 191 -10.15 -25.30 -15.74
C GLU C 191 -11.61 -24.99 -15.39
N ASN C 192 -12.21 -25.82 -14.54
CA ASN C 192 -13.63 -25.68 -14.14
C ASN C 192 -13.83 -25.10 -12.74
N THR C 193 -12.83 -24.34 -12.28
CA THR C 193 -12.86 -23.70 -10.97
C THR C 193 -12.25 -22.32 -11.10
N ARG C 194 -12.72 -21.38 -10.28
CA ARG C 194 -12.08 -20.08 -10.14
C ARG C 194 -11.55 -19.95 -8.72
N TYR C 195 -10.24 -19.74 -8.57
CA TYR C 195 -9.62 -19.60 -7.25
C TYR C 195 -8.82 -18.31 -7.07
N PHE C 196 -8.74 -17.89 -5.80
CA PHE C 196 -8.07 -16.65 -5.44
C PHE C 196 -7.47 -16.79 -4.06
N GLY C 197 -6.19 -16.49 -3.92
CA GLY C 197 -5.53 -16.54 -2.60
C GLY C 197 -4.40 -15.57 -2.43
N THR C 198 -4.19 -15.16 -1.19
CA THR C 198 -3.05 -14.33 -0.77
C THR C 198 -2.41 -14.86 0.51
N LEU C 199 -1.11 -15.15 0.44
CA LEU C 199 -0.27 -15.44 1.59
C LEU C 199 0.45 -14.15 1.94
N THR C 200 0.28 -13.70 3.19
CA THR C 200 1.04 -12.60 3.75
C THR C 200 1.88 -13.10 4.94
N GLY C 201 3.20 -13.16 4.76
CA GLY C 201 4.11 -13.80 5.75
C GLY C 201 4.75 -12.78 6.68
N GLY C 202 5.23 -13.20 7.84
CA GLY C 202 5.88 -12.27 8.76
C GLY C 202 5.17 -12.28 10.10
N GLU C 203 5.93 -12.34 11.18
CA GLU C 203 5.34 -12.50 12.51
C GLU C 203 4.58 -11.29 13.01
N ASN C 204 4.84 -10.11 12.43
CA ASN C 204 4.19 -8.87 12.89
C ASN C 204 3.19 -8.30 11.92
N VAL C 205 2.89 -9.06 10.87
CA VAL C 205 1.98 -8.63 9.83
C VAL C 205 0.59 -8.32 10.41
N PRO C 206 0.11 -7.09 10.22
CA PRO C 206 -1.22 -6.72 10.69
C PRO C 206 -2.36 -7.32 9.82
N PRO C 207 -3.37 -7.92 10.44
CA PRO C 207 -4.54 -8.27 9.63
C PRO C 207 -5.24 -7.04 9.05
N VAL C 208 -5.63 -7.14 7.78
CA VAL C 208 -6.41 -6.09 7.13
C VAL C 208 -7.60 -6.79 6.51
N LEU C 209 -8.75 -6.67 7.15
CA LEU C 209 -9.93 -7.42 6.77
C LEU C 209 -11.06 -6.47 6.41
N HIS C 210 -11.50 -6.55 5.16
CA HIS C 210 -12.55 -5.67 4.64
C HIS C 210 -13.86 -6.43 4.56
N ILE C 211 -14.94 -5.76 4.92
CA ILE C 211 -16.26 -6.34 4.75
C ILE C 211 -17.16 -5.37 4.02
N THR C 212 -18.03 -5.91 3.17
CA THR C 212 -19.07 -5.14 2.49
C THR C 212 -20.01 -6.09 1.75
N ASN C 213 -21.27 -5.68 1.63
CA ASN C 213 -22.26 -6.44 0.87
C ASN C 213 -22.51 -5.86 -0.51
N THR C 214 -21.58 -5.02 -1.00
CA THR C 214 -21.73 -4.31 -2.26
C THR C 214 -20.75 -4.78 -3.35
N ALA C 215 -19.91 -5.77 -3.05
CA ALA C 215 -18.85 -6.21 -3.96
C ALA C 215 -19.15 -7.61 -4.53
N THR C 216 -19.14 -7.73 -5.85
CA THR C 216 -19.41 -9.00 -6.52
C THR C 216 -18.24 -9.39 -7.40
N THR C 217 -17.86 -10.67 -7.35
CA THR C 217 -16.87 -11.20 -8.30
C THR C 217 -17.62 -11.95 -9.41
N VAL C 218 -17.28 -11.65 -10.66
CA VAL C 218 -17.84 -12.36 -11.81
C VAL C 218 -16.95 -13.58 -12.10
N LEU C 219 -17.57 -14.76 -12.25
CA LEU C 219 -16.85 -16.03 -12.36
C LEU C 219 -16.69 -16.53 -13.80
N LEU C 220 -17.16 -15.75 -14.77
CA LEU C 220 -17.11 -16.15 -16.15
C LEU C 220 -15.67 -16.07 -16.65
N ASP C 221 -15.28 -17.04 -17.47
CA ASP C 221 -13.96 -17.00 -18.10
C ASP C 221 -13.96 -16.05 -19.31
N GLU C 222 -12.87 -16.05 -20.06
CA GLU C 222 -12.70 -15.13 -21.19
C GLU C 222 -13.66 -15.40 -22.34
N PHE C 223 -14.33 -16.56 -22.33
CA PHE C 223 -15.36 -16.90 -23.30
C PHE C 223 -16.78 -16.72 -22.77
N GLY C 224 -16.92 -16.14 -21.58
CA GLY C 224 -18.24 -15.88 -20.99
C GLY C 224 -18.86 -17.10 -20.33
N VAL C 225 -18.02 -18.05 -19.90
CA VAL C 225 -18.52 -19.28 -19.33
C VAL C 225 -18.01 -19.46 -17.90
N GLY C 226 -18.94 -19.70 -16.97
CA GLY C 226 -18.60 -19.93 -15.58
C GLY C 226 -18.32 -21.40 -15.31
N PRO C 227 -17.92 -21.74 -14.08
CA PRO C 227 -17.84 -23.15 -13.69
C PRO C 227 -19.16 -23.87 -13.93
N LEU C 228 -19.09 -25.05 -14.54
CA LEU C 228 -20.27 -25.85 -14.84
C LEU C 228 -20.35 -27.02 -13.86
N CYS C 229 -21.48 -27.15 -13.19
CA CYS C 229 -21.58 -28.02 -12.01
C CYS C 229 -21.89 -29.47 -12.36
N LYS C 230 -20.85 -30.30 -12.39
CA LYS C 230 -21.03 -31.73 -12.72
C LYS C 230 -21.86 -32.42 -11.63
N GLY C 231 -22.81 -33.24 -12.03
CA GLY C 231 -23.70 -33.91 -11.08
C GLY C 231 -24.54 -32.98 -10.21
N ASP C 232 -24.75 -31.74 -10.66
CA ASP C 232 -25.54 -30.73 -9.92
C ASP C 232 -25.01 -30.48 -8.50
N ASN C 233 -23.69 -30.44 -8.38
CA ASN C 233 -23.02 -30.07 -7.14
C ASN C 233 -22.09 -28.89 -7.36
N LEU C 234 -22.12 -27.95 -6.43
CA LEU C 234 -21.23 -26.79 -6.42
C LEU C 234 -20.17 -26.99 -5.35
N TYR C 235 -18.90 -26.79 -5.72
CA TYR C 235 -17.80 -26.94 -4.77
C TYR C 235 -17.27 -25.60 -4.32
N LEU C 236 -17.35 -25.37 -3.01
CA LEU C 236 -16.76 -24.20 -2.38
C LEU C 236 -15.61 -24.61 -1.47
N SER C 237 -14.50 -23.89 -1.55
CA SER C 237 -13.32 -24.15 -0.72
C SER C 237 -12.81 -22.83 -0.15
N ALA C 238 -12.17 -22.92 1.00
CA ALA C 238 -11.65 -21.72 1.67
C ALA C 238 -10.52 -22.04 2.64
N VAL C 239 -9.64 -21.06 2.81
CA VAL C 239 -8.80 -20.97 4.00
C VAL C 239 -8.81 -19.53 4.47
N ASP C 240 -8.96 -19.31 5.78
CA ASP C 240 -8.83 -17.95 6.34
C ASP C 240 -8.12 -18.00 7.69
N VAL C 241 -6.83 -18.32 7.58
CA VAL C 241 -5.89 -18.21 8.68
C VAL C 241 -5.55 -16.71 8.82
N CYS C 242 -5.99 -16.13 9.92
CA CYS C 242 -5.92 -14.66 10.09
C CYS C 242 -4.61 -14.20 10.68
N GLY C 243 -3.90 -15.14 11.28
CA GLY C 243 -2.67 -14.86 12.00
C GLY C 243 -2.58 -15.79 13.18
N MET C 244 -1.77 -15.40 14.17
CA MET C 244 -1.59 -16.14 15.41
C MET C 244 -2.00 -15.32 16.62
N PHE C 245 -2.65 -16.01 17.56
CA PHE C 245 -2.90 -15.48 18.90
C PHE C 245 -1.74 -15.87 19.80
N THR C 246 -1.22 -14.88 20.53
CA THR C 246 -0.13 -15.11 21.46
C THR C 246 -0.69 -15.12 22.87
N ASN C 247 -0.50 -16.25 23.54
CA ASN C 247 -0.92 -16.39 24.93
C ASN C 247 0.01 -15.66 25.88
N ARG C 248 -0.47 -15.36 27.08
CA ARG C 248 0.35 -14.76 28.12
C ARG C 248 1.72 -15.42 28.19
N SER C 249 1.77 -16.75 28.14
CA SER C 249 3.05 -17.46 28.26
C SER C 249 3.99 -17.24 27.07
N GLY C 250 3.49 -16.71 25.97
CA GLY C 250 4.29 -16.58 24.75
C GLY C 250 3.97 -17.63 23.68
N SER C 251 3.27 -18.70 24.07
CA SER C 251 2.88 -19.74 23.12
C SER C 251 1.89 -19.16 22.12
N GLN C 252 1.91 -19.69 20.90
CA GLN C 252 1.15 -19.11 19.80
C GLN C 252 0.29 -20.15 19.11
N GLN C 253 -0.95 -19.75 18.78
CA GLN C 253 -1.90 -20.60 18.10
C GLN C 253 -2.47 -19.91 16.87
N TRP C 254 -2.59 -20.63 15.77
CA TRP C 254 -3.27 -20.06 14.62
C TRP C 254 -4.73 -19.75 15.00
N ARG C 255 -5.27 -18.67 14.46
CA ARG C 255 -6.69 -18.30 14.61
C ARG C 255 -7.30 -18.12 13.23
N GLY C 256 -8.41 -18.80 12.98
CA GLY C 256 -9.14 -18.68 11.72
C GLY C 256 -10.56 -18.23 11.92
N LEU C 257 -11.20 -17.79 10.83
CA LEU C 257 -12.57 -17.37 10.82
C LEU C 257 -13.33 -18.00 9.65
N SER C 258 -14.65 -18.04 9.80
CA SER C 258 -15.54 -18.56 8.77
C SER C 258 -15.62 -17.61 7.58
N ARG C 259 -16.01 -18.18 6.46
CA ARG C 259 -16.18 -17.45 5.22
C ARG C 259 -17.58 -17.63 4.64
N TYR C 260 -18.23 -16.50 4.35
CA TYR C 260 -19.54 -16.47 3.74
C TYR C 260 -19.40 -16.60 2.22
N PHE C 261 -20.28 -17.38 1.60
CA PHE C 261 -20.36 -17.47 0.13
C PHE C 261 -21.81 -17.24 -0.33
N LYS C 262 -22.00 -16.39 -1.34
CA LYS C 262 -23.27 -16.33 -2.07
C LYS C 262 -22.95 -16.46 -3.55
N VAL C 263 -23.45 -17.52 -4.18
CA VAL C 263 -23.16 -17.80 -5.58
C VAL C 263 -24.45 -17.78 -6.36
N GLN C 264 -24.49 -17.03 -7.46
CA GLN C 264 -25.62 -17.06 -8.37
C GLN C 264 -25.33 -17.97 -9.55
N LEU C 265 -26.28 -18.84 -9.87
CA LEU C 265 -26.12 -19.82 -10.95
C LEU C 265 -27.25 -19.73 -11.96
N ARG C 266 -26.94 -20.09 -13.21
CA ARG C 266 -27.97 -20.11 -14.24
C ARG C 266 -27.88 -21.43 -15.00
N LYS C 267 -28.98 -21.85 -15.61
CA LYS C 267 -28.99 -23.09 -16.40
C LYS C 267 -28.39 -22.89 -17.79
N ARG C 268 -27.47 -23.78 -18.16
CA ARG C 268 -26.78 -23.73 -19.43
C ARG C 268 -26.91 -25.06 -20.19
N ARG C 269 -27.28 -25.00 -21.47
CA ARG C 269 -27.35 -26.22 -22.28
C ARG C 269 -25.95 -26.59 -22.78
N VAL C 270 -25.62 -27.87 -22.74
CA VAL C 270 -24.32 -28.38 -23.22
C VAL C 270 -24.58 -29.63 -24.07
N LYS C 271 -23.71 -29.91 -25.04
CA LYS C 271 -23.94 -31.00 -26.03
C LYS C 271 -23.28 -32.31 -25.63
N VAL D 7 -42.93 -6.37 -2.25
CA VAL D 7 -43.15 -5.12 -3.04
C VAL D 7 -42.47 -5.19 -4.41
N GLU D 8 -43.20 -4.82 -5.46
CA GLU D 8 -42.59 -4.58 -6.78
C GLU D 8 -42.11 -3.13 -6.81
N VAL D 9 -40.89 -2.90 -7.29
CA VAL D 9 -40.32 -1.56 -7.37
C VAL D 9 -40.67 -0.93 -8.71
N LEU D 10 -41.42 0.17 -8.69
CA LEU D 10 -41.85 0.81 -9.94
C LEU D 10 -41.02 2.07 -10.18
N GLU D 11 -41.61 3.13 -10.72
CA GLU D 11 -40.83 4.29 -11.15
C GLU D 11 -40.46 5.26 -10.02
N VAL D 12 -39.35 5.97 -10.22
CA VAL D 12 -38.99 7.13 -9.40
C VAL D 12 -39.92 8.31 -9.69
N LYS D 13 -40.30 9.04 -8.65
CA LYS D 13 -41.11 10.24 -8.82
C LYS D 13 -40.18 11.43 -9.02
N THR D 14 -40.57 12.36 -9.89
CA THR D 14 -39.76 13.54 -10.20
C THR D 14 -40.47 14.82 -9.78
N GLY D 15 -39.79 15.94 -9.95
CA GLY D 15 -40.39 17.25 -9.69
C GLY D 15 -40.22 17.74 -8.27
N VAL D 16 -41.02 18.75 -7.92
CA VAL D 16 -40.91 19.45 -6.64
C VAL D 16 -41.20 18.52 -5.45
N ASP D 17 -40.31 18.55 -4.48
CA ASP D 17 -40.49 17.83 -3.25
C ASP D 17 -40.28 16.33 -3.42
N SER D 18 -39.75 15.88 -4.56
CA SER D 18 -39.49 14.46 -4.79
C SER D 18 -38.12 13.99 -4.31
N ILE D 19 -37.29 14.91 -3.79
CA ILE D 19 -36.00 14.56 -3.23
C ILE D 19 -35.86 15.20 -1.86
N THR D 20 -35.04 14.60 -1.01
CA THR D 20 -34.72 15.18 0.30
C THR D 20 -33.31 14.78 0.70
N GLU D 21 -32.78 15.43 1.73
CA GLU D 21 -31.45 15.13 2.24
C GLU D 21 -31.50 14.92 3.74
N VAL D 22 -30.66 14.02 4.22
CA VAL D 22 -30.43 13.85 5.64
C VAL D 22 -28.95 14.18 5.88
N GLU D 23 -28.68 15.00 6.89
CA GLU D 23 -27.34 15.38 7.27
C GLU D 23 -27.22 15.27 8.78
N CYS D 24 -26.23 14.54 9.27
CA CYS D 24 -26.09 14.37 10.71
C CYS D 24 -24.74 13.80 11.07
N PHE D 25 -24.50 13.64 12.37
CA PHE D 25 -23.30 12.94 12.82
C PHE D 25 -23.65 11.96 13.91
N LEU D 26 -22.87 10.90 13.98
CA LEU D 26 -23.01 9.87 15.01
C LEU D 26 -21.78 9.92 15.89
N THR D 27 -21.99 10.13 17.19
CA THR D 27 -20.88 10.14 18.14
C THR D 27 -20.41 8.71 18.41
N PRO D 28 -19.11 8.52 18.70
CA PRO D 28 -18.59 7.20 18.97
C PRO D 28 -19.00 6.74 20.36
N GLU D 29 -19.10 5.43 20.57
CA GLU D 29 -19.48 4.88 21.88
C GLU D 29 -18.41 3.90 22.36
N MET D 30 -17.36 4.47 22.96
CA MET D 30 -16.14 3.72 23.28
C MET D 30 -16.14 3.17 24.70
N GLY D 31 -17.07 3.62 25.53
CA GLY D 31 -17.16 3.15 26.91
C GLY D 31 -17.36 4.26 27.92
N ASP D 32 -16.71 5.41 27.69
CA ASP D 32 -16.88 6.62 28.51
C ASP D 32 -16.78 6.36 30.00
N PRO D 33 -15.58 5.98 30.48
CA PRO D 33 -15.41 5.50 31.84
C PRO D 33 -15.60 6.54 32.95
N ASP D 34 -15.54 7.84 32.64
CA ASP D 34 -15.90 8.86 33.63
C ASP D 34 -16.36 10.16 32.94
N GLU D 35 -16.67 11.18 33.75
CA GLU D 35 -17.24 12.43 33.25
CA GLU D 35 -17.21 12.49 33.31
C GLU D 35 -16.30 13.23 32.34
N HIS D 36 -15.02 12.89 32.33
CA HIS D 36 -14.02 13.59 31.52
C HIS D 36 -13.59 12.84 30.27
N LEU D 37 -14.14 11.64 30.02
CA LEU D 37 -13.52 10.70 29.07
C LEU D 37 -14.43 10.23 27.92
N ARG D 38 -15.37 11.09 27.53
CA ARG D 38 -16.17 10.84 26.35
C ARG D 38 -15.23 10.62 25.16
N GLY D 39 -15.46 9.56 24.39
CA GLY D 39 -14.65 9.20 23.24
C GLY D 39 -13.53 8.23 23.56
N PHE D 40 -13.33 7.92 24.83
CA PHE D 40 -12.32 6.96 25.28
C PHE D 40 -13.01 5.78 25.95
N SER D 41 -12.34 4.64 25.96
CA SER D 41 -12.76 3.52 26.81
C SER D 41 -12.03 3.55 28.15
N LYS D 42 -12.49 2.71 29.08
CA LYS D 42 -11.72 2.40 30.28
C LYS D 42 -10.38 1.77 29.84
N SER D 43 -9.34 1.91 30.63
CA SER D 43 -8.09 1.21 30.33
C SER D 43 -8.32 -0.32 30.28
N ILE D 44 -7.59 -0.96 29.37
CA ILE D 44 -7.83 -2.35 29.05
C ILE D 44 -7.03 -3.18 30.07
N SER D 45 -7.70 -4.10 30.74
CA SER D 45 -7.02 -5.07 31.58
C SER D 45 -7.17 -6.46 30.96
N ILE D 46 -6.22 -7.34 31.29
CA ILE D 46 -6.13 -8.67 30.70
C ILE D 46 -6.50 -9.71 31.76
N SER D 47 -7.39 -10.63 31.41
CA SER D 47 -7.80 -11.69 32.35
C SER D 47 -6.61 -12.58 32.69
N ASP D 48 -6.65 -13.20 33.88
CA ASP D 48 -5.57 -14.06 34.37
C ASP D 48 -5.56 -15.44 33.73
N THR D 49 -6.70 -15.86 33.19
CA THR D 49 -6.83 -17.12 32.45
C THR D 49 -7.74 -16.87 31.26
N PHE D 50 -7.72 -17.77 30.30
CA PHE D 50 -8.53 -17.61 29.09
C PHE D 50 -9.99 -17.72 29.44
N GLU D 51 -10.30 -18.71 30.28
CA GLU D 51 -11.64 -19.01 30.73
C GLU D 51 -12.26 -17.85 31.51
N SER D 52 -11.45 -17.03 32.18
CA SER D 52 -11.96 -15.97 33.07
C SER D 52 -12.12 -14.60 32.40
N ASP D 53 -11.94 -14.53 31.08
CA ASP D 53 -12.18 -13.28 30.35
C ASP D 53 -13.54 -12.69 30.72
N SER D 54 -13.55 -11.45 31.18
CA SER D 54 -14.75 -10.82 31.74
CA SER D 54 -14.74 -10.82 31.72
C SER D 54 -14.63 -9.30 31.64
N PRO D 55 -14.71 -8.76 30.42
CA PRO D 55 -14.49 -7.32 30.28
C PRO D 55 -15.60 -6.45 30.88
N ASN D 56 -15.22 -5.34 31.52
CA ASN D 56 -16.17 -4.37 32.01
C ASN D 56 -16.84 -3.64 30.85
N LYS D 57 -18.09 -3.25 31.07
CA LYS D 57 -18.84 -2.55 30.05
C LYS D 57 -18.11 -1.32 29.52
N ASP D 58 -17.51 -0.54 30.41
CA ASP D 58 -16.89 0.71 30.00
CA ASP D 58 -16.85 0.72 30.04
C ASP D 58 -15.57 0.50 29.26
N MET D 59 -15.13 -0.77 29.16
CA MET D 59 -13.95 -1.15 28.41
C MET D 59 -14.30 -1.62 27.01
N LEU D 60 -15.60 -1.70 26.68
CA LEU D 60 -16.03 -2.27 25.38
C LEU D 60 -16.60 -1.22 24.42
N PRO D 61 -15.86 -0.91 23.35
CA PRO D 61 -16.53 -0.09 22.34
C PRO D 61 -17.79 -0.78 21.81
N CYS D 62 -18.80 0.03 21.47
CA CYS D 62 -20.06 -0.46 20.92
C CYS D 62 -20.40 0.20 19.56
N TYR D 63 -21.24 -0.47 18.78
CA TYR D 63 -21.75 0.09 17.54
C TYR D 63 -22.61 1.32 17.85
N SER D 64 -22.48 2.32 17.01
CA SER D 64 -23.34 3.50 17.07
C SER D 64 -24.44 3.34 16.02
N VAL D 65 -25.64 3.83 16.35
CA VAL D 65 -26.76 3.79 15.45
C VAL D 65 -27.63 5.01 15.66
N ALA D 66 -28.15 5.55 14.57
CA ALA D 66 -29.20 6.56 14.64
C ALA D 66 -30.31 6.24 13.62
N ARG D 67 -31.55 6.41 14.06
CA ARG D 67 -32.71 6.28 13.21
C ARG D 67 -33.24 7.68 12.94
N ILE D 68 -33.29 8.07 11.67
CA ILE D 68 -33.60 9.45 11.29
C ILE D 68 -34.98 9.45 10.63
N PRO D 69 -35.94 10.19 11.20
CA PRO D 69 -37.27 10.31 10.57
C PRO D 69 -37.23 11.11 9.29
N LEU D 70 -37.91 10.64 8.25
CA LEU D 70 -37.94 11.31 6.95
C LEU D 70 -39.30 11.97 6.76
N PRO D 71 -39.42 12.91 5.81
CA PRO D 71 -40.74 13.48 5.59
C PRO D 71 -41.81 12.41 5.35
N ASN D 72 -42.95 12.58 6.00
CA ASN D 72 -43.98 11.54 6.04
C ASN D 72 -44.59 11.35 4.66
N LEU D 73 -44.68 10.12 4.17
CA LEU D 73 -45.31 9.83 2.89
C LEU D 73 -46.66 9.11 3.10
N ASN D 74 -47.46 9.01 2.04
CA ASN D 74 -48.71 8.24 2.07
C ASN D 74 -49.72 8.63 3.17
N ILE D 82 -48.44 3.48 -2.82
CA ILE D 82 -47.35 3.54 -1.84
C ILE D 82 -46.05 4.14 -2.40
N LEU D 83 -45.55 5.20 -1.77
CA LEU D 83 -44.23 5.76 -2.03
C LEU D 83 -43.30 5.48 -0.85
N MET D 84 -42.02 5.23 -1.16
CA MET D 84 -40.98 5.09 -0.17
C MET D 84 -39.79 5.95 -0.56
N TRP D 85 -39.11 6.46 0.46
CA TRP D 85 -37.84 7.15 0.30
C TRP D 85 -36.76 6.11 0.00
N GLU D 86 -35.97 6.40 -1.03
CA GLU D 86 -34.92 5.52 -1.54
C GLU D 86 -33.60 6.28 -1.38
N ALA D 87 -32.65 5.68 -0.67
CA ALA D 87 -31.36 6.30 -0.40
C ALA D 87 -30.47 6.06 -1.61
N VAL D 88 -29.95 7.13 -2.19
CA VAL D 88 -29.26 7.05 -3.48
C VAL D 88 -27.77 7.33 -3.36
N THR D 89 -27.39 8.32 -2.56
CA THR D 89 -25.97 8.63 -2.38
C THR D 89 -25.62 8.91 -0.92
N LEU D 90 -24.33 8.74 -0.63
CA LEU D 90 -23.75 8.99 0.68
C LEU D 90 -22.44 9.75 0.54
N LYS D 91 -22.29 10.80 1.35
CA LYS D 91 -20.98 11.36 1.65
C LYS D 91 -20.77 11.14 3.14
N THR D 92 -19.58 10.69 3.50
CA THR D 92 -19.29 10.43 4.90
C THR D 92 -17.85 10.79 5.23
N GLU D 93 -17.62 11.13 6.49
CA GLU D 93 -16.33 11.62 6.92
C GLU D 93 -16.12 11.39 8.41
N VAL D 94 -14.92 11.00 8.80
CA VAL D 94 -14.54 10.96 10.22
C VAL D 94 -14.22 12.40 10.66
N ILE D 95 -14.82 12.82 11.77
CA ILE D 95 -14.73 14.20 12.27
C ILE D 95 -13.72 14.30 13.41
N GLY D 96 -12.73 15.19 13.26
CA GLY D 96 -11.69 15.47 14.27
C GLY D 96 -10.39 14.69 14.10
N VAL D 97 -10.04 14.36 12.86
CA VAL D 97 -8.87 13.52 12.62
C VAL D 97 -7.61 14.15 13.19
N THR D 98 -7.55 15.48 13.25
CA THR D 98 -6.35 16.16 13.67
C THR D 98 -6.13 16.11 15.18
N THR D 99 -7.13 15.70 15.96
CA THR D 99 -6.97 15.50 17.39
C THR D 99 -5.81 14.54 17.70
N LEU D 100 -5.52 13.62 16.78
CA LEU D 100 -4.44 12.64 16.97
C LEU D 100 -3.06 13.27 16.92
N MET D 101 -2.98 14.57 16.64
CA MET D 101 -1.74 15.31 16.73
C MET D 101 -1.44 15.83 18.12
N ASN D 102 -2.35 15.65 19.07
CA ASN D 102 -2.03 15.96 20.44
C ASN D 102 -1.17 14.85 21.04
N VAL D 103 0.14 15.07 21.02
CA VAL D 103 1.15 14.14 21.54
C VAL D 103 1.88 14.74 22.75
N HIS D 104 1.17 15.62 23.48
CA HIS D 104 1.73 16.35 24.61
C HIS D 104 0.90 16.23 25.91
N SER D 105 -0.06 15.31 25.96
CA SER D 105 -1.11 15.27 27.01
C SER D 105 -1.02 13.95 27.79
N ASN D 106 -0.01 13.85 28.64
CA ASN D 106 0.19 12.72 29.54
C ASN D 106 0.20 11.34 28.91
N GLY D 107 0.90 11.26 27.79
CA GLY D 107 1.13 10.01 27.12
C GLY D 107 2.46 9.46 27.57
N GLN D 108 2.93 8.43 26.87
CA GLN D 108 4.18 7.76 27.15
C GLN D 108 5.18 8.11 26.07
N ALA D 109 6.26 8.77 26.45
CA ALA D 109 7.33 9.11 25.54
C ALA D 109 7.86 7.88 24.78
N THR D 110 8.04 8.06 23.48
CA THR D 110 8.45 6.96 22.62
C THR D 110 9.90 6.55 22.88
N HIS D 111 10.70 7.47 23.43
CA HIS D 111 12.09 7.26 23.80
C HIS D 111 12.44 8.45 24.71
N ASP D 112 13.63 8.44 25.32
CA ASP D 112 14.01 9.50 26.25
C ASP D 112 13.93 10.88 25.60
N ASN D 113 13.14 11.77 26.20
CA ASN D 113 12.92 13.15 25.72
C ASN D 113 12.00 13.30 24.51
N GLY D 114 11.42 12.19 24.04
CA GLY D 114 10.57 12.20 22.88
C GLY D 114 9.15 12.66 23.15
N ALA D 115 8.42 12.87 22.09
CA ALA D 115 7.00 13.16 22.18
C ALA D 115 6.26 11.91 22.60
N ALA D 116 5.00 12.08 22.98
CA ALA D 116 4.19 10.93 23.39
C ALA D 116 3.86 10.03 22.20
N LYS D 117 3.84 8.73 22.45
CA LYS D 117 3.32 7.79 21.48
C LYS D 117 1.92 8.23 21.07
N PRO D 118 1.67 8.36 19.76
CA PRO D 118 0.35 8.75 19.28
C PRO D 118 -0.64 7.58 19.30
N VAL D 119 -1.91 7.89 19.11
CA VAL D 119 -2.95 6.87 19.02
C VAL D 119 -2.59 5.97 17.85
N GLN D 120 -2.61 4.67 18.08
CA GLN D 120 -2.23 3.70 17.08
C GLN D 120 -2.67 2.31 17.52
N GLY D 121 -2.53 1.34 16.64
CA GLY D 121 -2.94 -0.03 16.91
C GLY D 121 -4.31 -0.34 16.35
N THR D 122 -4.88 -1.46 16.79
CA THR D 122 -6.10 -2.00 16.20
C THR D 122 -7.17 -0.95 15.96
N SER D 123 -7.68 -0.89 14.72
CA SER D 123 -8.77 0.01 14.35
C SER D 123 -9.93 -0.72 13.66
N PHE D 124 -11.13 -0.16 13.78
CA PHE D 124 -12.29 -0.64 13.02
C PHE D 124 -13.07 0.58 12.58
N HIS D 125 -13.15 0.76 11.28
CA HIS D 125 -13.90 1.85 10.67
C HIS D 125 -14.99 1.25 9.82
N PHE D 126 -16.23 1.59 10.19
CA PHE D 126 -17.40 0.95 9.69
C PHE D 126 -18.54 1.95 9.55
N PHE D 127 -19.31 1.80 8.50
CA PHE D 127 -20.53 2.60 8.35
C PHE D 127 -21.51 1.87 7.47
N SER D 128 -22.80 2.14 7.68
CA SER D 128 -23.84 1.54 6.87
C SER D 128 -25.00 2.50 6.80
N VAL D 129 -25.72 2.40 5.70
CA VAL D 129 -26.96 3.11 5.44
C VAL D 129 -28.00 2.08 5.00
N GLY D 130 -29.17 2.12 5.63
CA GLY D 130 -30.23 1.17 5.33
C GLY D 130 -31.63 1.69 5.54
N GLY D 131 -32.60 0.96 5.00
CA GLY D 131 -34.01 1.34 5.14
C GLY D 131 -34.68 0.65 6.31
N GLU D 132 -33.85 0.04 7.18
CA GLU D 132 -34.27 -0.70 8.35
C GLU D 132 -33.01 -0.98 9.16
N ALA D 133 -33.16 -1.52 10.36
CA ALA D 133 -32.04 -1.74 11.24
C ALA D 133 -30.98 -2.64 10.59
N LEU D 134 -29.71 -2.32 10.81
CA LEU D 134 -28.62 -3.21 10.44
C LEU D 134 -28.84 -4.57 11.12
N GLU D 135 -28.72 -5.65 10.36
CA GLU D 135 -28.84 -6.98 10.92
C GLU D 135 -27.46 -7.51 11.30
N LEU D 136 -27.36 -8.09 12.49
CA LEU D 136 -26.10 -8.56 13.04
C LEU D 136 -26.04 -10.07 13.25
N GLN D 137 -24.83 -10.59 13.11
CA GLN D 137 -24.50 -11.98 13.41
C GLN D 137 -23.44 -11.92 14.51
N GLY D 138 -23.65 -12.72 15.54
CA GLY D 138 -22.69 -12.79 16.65
C GLY D 138 -21.55 -13.78 16.39
N VAL D 139 -20.34 -13.35 16.69
CA VAL D 139 -19.17 -14.22 16.67
C VAL D 139 -18.28 -13.77 17.80
N VAL D 140 -17.75 -14.70 18.57
CA VAL D 140 -16.94 -14.34 19.72
C VAL D 140 -15.53 -14.90 19.59
N PHE D 141 -14.56 -14.10 20.03
CA PHE D 141 -13.18 -14.59 20.08
C PHE D 141 -13.04 -15.81 20.99
N ASN D 142 -13.76 -15.76 22.12
CA ASN D 142 -13.65 -16.73 23.19
C ASN D 142 -15.07 -16.95 23.74
N TYR D 143 -15.63 -18.14 23.55
CA TYR D 143 -17.03 -18.38 23.94
C TYR D 143 -17.23 -18.34 25.43
N ARG D 144 -16.15 -18.48 26.20
CA ARG D 144 -16.25 -18.39 27.65
C ARG D 144 -16.06 -16.96 28.18
N THR D 145 -15.87 -15.99 27.30
CA THR D 145 -15.96 -14.60 27.71
C THR D 145 -17.32 -14.30 28.35
N THR D 146 -17.30 -13.66 29.51
CA THR D 146 -18.50 -13.23 30.18
C THR D 146 -18.68 -11.76 29.80
N TYR D 147 -19.66 -11.49 28.93
CA TYR D 147 -19.97 -10.13 28.52
C TYR D 147 -20.78 -9.47 29.63
N PRO D 148 -20.59 -8.16 29.83
CA PRO D 148 -21.11 -7.55 31.06
C PRO D 148 -22.57 -7.16 30.99
N ASP D 149 -23.18 -7.08 32.15
CA ASP D 149 -24.54 -6.57 32.27
C ASP D 149 -24.60 -5.19 31.64
N GLY D 150 -25.67 -4.92 30.91
CA GLY D 150 -25.84 -3.61 30.27
C GLY D 150 -25.42 -3.63 28.82
N THR D 151 -24.79 -4.71 28.38
CA THR D 151 -24.52 -4.92 26.96
C THR D 151 -25.44 -6.02 26.42
N ILE D 152 -25.65 -5.98 25.11
CA ILE D 152 -26.39 -7.04 24.42
C ILE D 152 -25.37 -7.88 23.65
N PHE D 153 -25.35 -9.18 23.91
CA PHE D 153 -24.28 -10.03 23.42
C PHE D 153 -24.83 -11.40 23.02
N PRO D 154 -24.02 -12.20 22.31
CA PRO D 154 -24.48 -13.53 21.95
C PRO D 154 -24.84 -14.37 23.18
N LYS D 155 -26.10 -14.76 23.30
CA LYS D 155 -26.56 -15.57 24.42
C LYS D 155 -26.39 -17.06 24.14
N ASN D 156 -26.24 -17.84 25.22
CA ASN D 156 -26.02 -19.29 25.13
C ASN D 156 -24.88 -19.63 24.18
N ALA D 157 -23.80 -18.88 24.28
CA ALA D 157 -22.63 -19.07 23.43
C ALA D 157 -22.09 -20.47 23.68
N THR D 158 -21.68 -21.15 22.62
CA THR D 158 -21.07 -22.47 22.73
C THR D 158 -19.73 -22.39 22.05
N VAL D 159 -18.93 -23.47 22.09
CA VAL D 159 -17.64 -23.42 21.42
C VAL D 159 -17.84 -23.10 19.92
N GLN D 160 -18.96 -23.52 19.34
CA GLN D 160 -19.20 -23.24 17.91
C GLN D 160 -19.34 -21.74 17.62
N SER D 161 -19.71 -20.96 18.64
CA SER D 161 -19.84 -19.50 18.51
C SER D 161 -18.51 -18.81 18.22
N GLN D 162 -17.39 -19.49 18.48
CA GLN D 162 -16.06 -18.99 18.09
C GLN D 162 -15.83 -18.94 16.58
N VAL D 163 -16.61 -19.71 15.82
CA VAL D 163 -16.53 -19.67 14.36
C VAL D 163 -17.85 -19.30 13.65
N MET D 164 -18.96 -19.90 14.05
CA MET D 164 -20.28 -19.54 13.52
C MET D 164 -21.37 -20.34 14.21
N ASN D 165 -22.24 -19.63 14.93
CA ASN D 165 -23.41 -20.22 15.55
C ASN D 165 -24.56 -19.34 15.09
N THR D 166 -25.43 -19.92 14.28
CA THR D 166 -26.50 -19.17 13.63
C THR D 166 -27.61 -18.74 14.59
N GLU D 167 -27.57 -19.21 15.84
CA GLU D 167 -28.51 -18.73 16.85
C GLU D 167 -28.29 -17.24 17.15
N HIS D 168 -27.07 -16.74 16.97
CA HIS D 168 -26.76 -15.36 17.35
C HIS D 168 -27.13 -14.32 16.27
N LYS D 169 -28.43 -14.07 16.14
CA LYS D 169 -28.98 -13.04 15.23
C LYS D 169 -29.52 -11.88 16.05
N ALA D 170 -29.24 -10.65 15.65
CA ALA D 170 -29.81 -9.49 16.33
C ALA D 170 -29.98 -8.34 15.35
N TYR D 171 -30.64 -7.29 15.83
CA TYR D 171 -30.80 -6.04 15.11
C TYR D 171 -30.02 -4.99 15.88
N LEU D 172 -29.28 -4.15 15.18
CA LEU D 172 -28.63 -3.00 15.77
C LEU D 172 -29.73 -1.96 15.97
N ASP D 173 -30.44 -2.11 17.08
CA ASP D 173 -31.64 -1.33 17.37
C ASP D 173 -31.51 -0.49 18.65
N LYS D 174 -30.30 -0.42 19.21
CA LYS D 174 -30.04 0.31 20.45
C LYS D 174 -28.61 0.82 20.42
N ASN D 175 -28.44 2.07 20.86
CA ASN D 175 -27.14 2.73 20.86
C ASN D 175 -26.37 2.36 22.13
N LYS D 176 -25.04 2.45 22.07
CA LYS D 176 -24.13 2.01 23.15
C LYS D 176 -24.52 0.73 23.90
N ALA D 177 -24.87 -0.30 23.13
CA ALA D 177 -25.35 -1.58 23.69
C ALA D 177 -24.70 -2.82 23.08
N TYR D 178 -24.43 -2.80 21.78
CA TYR D 178 -23.89 -3.97 21.06
C TYR D 178 -22.37 -3.84 20.96
N PRO D 179 -21.62 -4.70 21.68
CA PRO D 179 -20.17 -4.53 21.60
C PRO D 179 -19.61 -4.85 20.23
N VAL D 180 -18.67 -4.04 19.79
CA VAL D 180 -18.05 -4.21 18.50
C VAL D 180 -17.44 -5.61 18.39
N GLU D 181 -16.78 -6.07 19.45
CA GLU D 181 -15.98 -7.29 19.34
C GLU D 181 -16.73 -8.58 19.16
N CYS D 182 -18.04 -8.59 19.46
CA CYS D 182 -18.85 -9.82 19.38
C CYS D 182 -19.99 -9.79 18.33
N TRP D 183 -20.07 -8.72 17.55
CA TRP D 183 -21.06 -8.62 16.48
C TRP D 183 -20.46 -8.08 15.20
N VAL D 184 -20.93 -8.62 14.07
CA VAL D 184 -20.63 -8.11 12.75
C VAL D 184 -21.93 -8.04 11.94
N PRO D 185 -21.91 -7.27 10.85
CA PRO D 185 -23.03 -7.31 9.93
C PRO D 185 -23.24 -8.74 9.43
N ASP D 186 -24.49 -9.17 9.39
CA ASP D 186 -24.87 -10.51 8.99
C ASP D 186 -24.92 -10.56 7.46
N PRO D 187 -23.95 -11.22 6.84
CA PRO D 187 -23.90 -11.21 5.37
C PRO D 187 -25.03 -12.03 4.75
N THR D 188 -25.71 -12.87 5.53
CA THR D 188 -26.83 -13.65 5.02
C THR D 188 -28.12 -12.85 4.97
N ARG D 189 -28.13 -11.63 5.53
CA ARG D 189 -29.33 -10.79 5.48
C ARG D 189 -28.90 -9.43 4.94
N ASN D 190 -29.48 -8.34 5.45
CA ASN D 190 -29.06 -6.98 5.06
C ASN D 190 -29.26 -6.61 3.59
N GLU D 191 -30.29 -7.17 2.96
CA GLU D 191 -30.49 -6.84 1.52
C GLU D 191 -30.97 -5.40 1.31
N ASN D 192 -31.52 -4.79 2.35
CA ASN D 192 -32.01 -3.41 2.29
C ASN D 192 -31.07 -2.40 3.01
N THR D 193 -29.80 -2.79 3.16
CA THR D 193 -28.78 -1.97 3.77
C THR D 193 -27.52 -2.06 2.89
N ARG D 194 -26.71 -1.01 2.89
CA ARG D 194 -25.39 -1.04 2.29
C ARG D 194 -24.36 -0.81 3.38
N TYR D 195 -23.45 -1.76 3.57
CA TYR D 195 -22.45 -1.63 4.66
C TYR D 195 -21.01 -1.81 4.17
N PHE D 196 -20.10 -1.13 4.86
CA PHE D 196 -18.71 -1.05 4.50
C PHE D 196 -17.86 -0.99 5.75
N GLY D 197 -16.88 -1.90 5.87
CA GLY D 197 -15.98 -1.84 7.00
C GLY D 197 -14.59 -2.38 6.78
N THR D 198 -13.64 -1.87 7.56
CA THR D 198 -12.26 -2.37 7.58
C THR D 198 -11.74 -2.53 9.01
N LEU D 199 -11.32 -3.74 9.35
CA LEU D 199 -10.56 -4.03 10.57
C LEU D 199 -9.09 -4.06 10.19
N THR D 200 -8.30 -3.22 10.85
CA THR D 200 -6.85 -3.22 10.69
C THR D 200 -6.22 -3.57 12.04
N GLY D 201 -5.66 -4.76 12.15
CA GLY D 201 -5.17 -5.27 13.47
C GLY D 201 -3.66 -5.10 13.65
N GLY D 202 -3.18 -5.14 14.89
CA GLY D 202 -1.76 -4.96 15.16
C GLY D 202 -1.58 -3.82 16.13
N GLU D 203 -0.72 -4.00 17.13
CA GLU D 203 -0.57 -2.98 18.19
C GLU D 203 0.12 -1.71 17.74
N ASN D 204 0.85 -1.79 16.63
CA ASN D 204 1.56 -0.60 16.14
C ASN D 204 1.03 -0.01 14.85
N VAL D 205 -0.12 -0.48 14.35
CA VAL D 205 -0.57 0.01 13.04
C VAL D 205 -0.91 1.49 13.09
N PRO D 206 -0.39 2.24 12.13
CA PRO D 206 -0.61 3.67 12.13
C PRO D 206 -2.00 4.00 11.61
N PRO D 207 -2.74 4.88 12.30
CA PRO D 207 -3.98 5.33 11.68
C PRO D 207 -3.73 6.03 10.34
N VAL D 208 -4.57 5.79 9.33
CA VAL D 208 -4.49 6.56 8.08
C VAL D 208 -5.89 7.08 7.83
N LEU D 209 -6.10 8.38 8.03
CA LEU D 209 -7.43 8.94 7.99
C LEU D 209 -7.51 10.04 6.93
N HIS D 210 -8.35 9.82 5.92
CA HIS D 210 -8.50 10.73 4.79
C HIS D 210 -9.75 11.55 4.97
N ILE D 211 -9.70 12.84 4.64
CA ILE D 211 -10.90 13.66 4.69
C ILE D 211 -11.03 14.38 3.36
N THR D 212 -12.26 14.49 2.87
CA THR D 212 -12.55 15.29 1.69
C THR D 212 -14.06 15.45 1.57
N ASN D 213 -14.48 16.56 0.96
CA ASN D 213 -15.90 16.76 0.69
C ASN D 213 -16.24 16.56 -0.79
N THR D 214 -15.35 15.88 -1.52
CA THR D 214 -15.52 15.65 -2.94
C THR D 214 -15.87 14.20 -3.32
N ALA D 215 -16.02 13.32 -2.33
CA ALA D 215 -16.19 11.88 -2.57
C ALA D 215 -17.63 11.46 -2.26
N THR D 216 -18.26 10.78 -3.20
CA THR D 216 -19.64 10.29 -3.05
C THR D 216 -19.71 8.78 -3.29
N THR D 217 -20.36 8.04 -2.39
CA THR D 217 -20.71 6.64 -2.63
C THR D 217 -22.15 6.50 -3.12
N VAL D 218 -22.34 5.75 -4.21
CA VAL D 218 -23.64 5.47 -4.75
C VAL D 218 -24.16 4.22 -4.04
N LEU D 219 -25.41 4.27 -3.58
CA LEU D 219 -26.00 3.20 -2.75
C LEU D 219 -26.91 2.25 -3.51
N LEU D 220 -27.02 2.47 -4.82
CA LEU D 220 -27.87 1.67 -5.68
C LEU D 220 -27.26 0.29 -5.86
N ASP D 221 -28.10 -0.73 -5.79
CA ASP D 221 -27.66 -2.09 -6.07
C ASP D 221 -27.54 -2.32 -7.58
N GLU D 222 -27.25 -3.55 -7.97
CA GLU D 222 -27.06 -3.90 -9.38
C GLU D 222 -28.31 -3.64 -10.25
N PHE D 223 -29.49 -3.56 -9.64
CA PHE D 223 -30.73 -3.25 -10.38
C PHE D 223 -31.09 -1.76 -10.41
N GLY D 224 -30.20 -0.88 -9.96
CA GLY D 224 -30.50 0.54 -9.85
C GLY D 224 -31.36 0.93 -8.64
N VAL D 225 -31.45 0.07 -7.63
CA VAL D 225 -32.32 0.31 -6.47
C VAL D 225 -31.52 0.49 -5.17
N GLY D 226 -31.75 1.63 -4.52
CA GLY D 226 -31.14 1.92 -3.23
C GLY D 226 -31.97 1.41 -2.07
N PRO D 227 -31.44 1.54 -0.84
CA PRO D 227 -32.22 1.14 0.32
C PRO D 227 -33.58 1.84 0.37
N LEU D 228 -34.62 1.10 0.67
CA LEU D 228 -35.96 1.64 0.70
C LEU D 228 -36.41 1.75 2.14
N CYS D 229 -36.82 2.95 2.55
CA CYS D 229 -36.90 3.29 3.96
C CYS D 229 -38.28 2.92 4.53
N LYS D 230 -38.34 1.81 5.27
CA LYS D 230 -39.63 1.33 5.82
C LYS D 230 -40.08 2.26 6.94
N GLY D 231 -41.35 2.66 6.92
CA GLY D 231 -41.90 3.60 7.92
C GLY D 231 -41.31 5.01 7.85
N ASP D 232 -40.74 5.37 6.71
CA ASP D 232 -40.11 6.68 6.54
C ASP D 232 -39.00 6.94 7.57
N ASN D 233 -38.21 5.92 7.84
CA ASN D 233 -37.05 6.04 8.70
C ASN D 233 -35.79 5.55 7.99
N LEU D 234 -34.73 6.34 8.13
CA LEU D 234 -33.41 6.01 7.59
C LEU D 234 -32.53 5.55 8.73
N TYR D 235 -31.88 4.40 8.58
CA TYR D 235 -30.96 3.90 9.61
C TYR D 235 -29.50 4.10 9.22
N LEU D 236 -28.77 4.78 10.09
CA LEU D 236 -27.34 5.01 9.93
C LEU D 236 -26.59 4.35 11.11
N SER D 237 -25.52 3.64 10.79
CA SER D 237 -24.72 2.95 11.78
C SER D 237 -23.23 3.19 11.53
N ALA D 238 -22.42 3.18 12.59
CA ALA D 238 -21.00 3.49 12.52
C ALA D 238 -20.16 2.91 13.66
N VAL D 239 -18.90 2.62 13.34
CA VAL D 239 -17.87 2.41 14.33
C VAL D 239 -16.60 3.08 13.80
N ASP D 240 -15.94 3.87 14.63
CA ASP D 240 -14.67 4.46 14.25
C ASP D 240 -13.75 4.42 15.44
N VAL D 241 -13.31 3.20 15.76
CA VAL D 241 -12.26 2.97 16.73
C VAL D 241 -10.96 3.26 16.01
N CYS D 242 -10.27 4.31 16.42
CA CYS D 242 -9.11 4.78 15.65
C CYS D 242 -7.84 4.08 16.05
N GLY D 243 -7.86 3.47 17.24
CA GLY D 243 -6.69 2.87 17.84
C GLY D 243 -6.75 3.05 19.35
N MET D 244 -5.61 2.89 20.01
CA MET D 244 -5.48 3.06 21.44
C MET D 244 -4.55 4.20 21.77
N PHE D 245 -4.95 4.95 22.80
CA PHE D 245 -4.11 5.92 23.45
C PHE D 245 -3.38 5.22 24.56
N THR D 246 -2.07 5.43 24.62
CA THR D 246 -1.23 4.89 25.68
C THR D 246 -0.93 5.99 26.69
N ASN D 247 -1.38 5.75 27.93
CA ASN D 247 -1.04 6.63 29.03
C ASN D 247 0.41 6.50 29.43
N ARG D 248 0.94 7.55 30.07
CA ARG D 248 2.27 7.53 30.67
C ARG D 248 2.60 6.24 31.40
N SER D 249 1.61 5.72 32.14
CA SER D 249 1.84 4.51 32.91
C SER D 249 1.94 3.24 32.03
N GLY D 250 1.58 3.33 30.76
CA GLY D 250 1.49 2.15 29.91
C GLY D 250 0.08 1.63 29.69
N SER D 251 -0.87 2.04 30.52
CA SER D 251 -2.26 1.63 30.36
C SER D 251 -2.80 2.16 29.03
N GLN D 252 -3.67 1.38 28.39
CA GLN D 252 -4.21 1.76 27.06
C GLN D 252 -5.72 1.83 27.05
N GLN D 253 -6.20 2.86 26.35
CA GLN D 253 -7.63 3.12 26.21
C GLN D 253 -7.97 3.24 24.72
N TRP D 254 -9.06 2.60 24.29
CA TRP D 254 -9.55 2.83 22.93
C TRP D 254 -9.92 4.31 22.75
N ARG D 255 -9.65 4.87 21.58
CA ARG D 255 -10.08 6.23 21.24
C ARG D 255 -10.91 6.19 19.94
N GLY D 256 -12.07 6.82 19.95
CA GLY D 256 -12.95 6.87 18.78
C GLY D 256 -13.29 8.29 18.40
N LEU D 257 -13.81 8.46 17.19
CA LEU D 257 -14.22 9.76 16.69
C LEU D 257 -15.61 9.66 16.07
N SER D 258 -16.30 10.81 16.01
CA SER D 258 -17.61 10.91 15.39
C SER D 258 -17.53 10.74 13.86
N ARG D 259 -18.66 10.36 13.26
CA ARG D 259 -18.79 10.19 11.81
C ARG D 259 -19.93 11.01 11.26
N TYR D 260 -19.62 11.77 10.21
CA TYR D 260 -20.60 12.59 9.48
C TYR D 260 -21.26 11.76 8.38
N PHE D 261 -22.57 11.93 8.20
CA PHE D 261 -23.31 11.33 7.10
C PHE D 261 -24.14 12.40 6.42
N LYS D 262 -24.09 12.41 5.10
CA LYS D 262 -25.06 13.12 4.26
C LYS D 262 -25.62 12.14 3.23
N VAL D 263 -26.94 11.93 3.28
CA VAL D 263 -27.62 10.97 2.40
C VAL D 263 -28.66 11.72 1.58
N GLN D 264 -28.61 11.51 0.26
CA GLN D 264 -29.66 12.01 -0.66
C GLN D 264 -30.64 10.92 -0.96
N LEU D 265 -31.92 11.28 -0.87
CA LEU D 265 -33.02 10.34 -1.08
C LEU D 265 -34.02 10.87 -2.09
N ARG D 266 -34.63 9.93 -2.81
CA ARG D 266 -35.69 10.25 -3.76
C ARG D 266 -36.89 9.39 -3.49
N LYS D 267 -38.07 9.87 -3.87
CA LYS D 267 -39.28 9.09 -3.74
C LYS D 267 -39.43 8.07 -4.84
N ARG D 268 -39.74 6.84 -4.43
CA ARG D 268 -39.91 5.70 -5.32
C ARG D 268 -41.29 5.08 -5.09
N ARG D 269 -42.02 4.80 -6.17
CA ARG D 269 -43.31 4.10 -6.05
C ARG D 269 -43.06 2.61 -6.00
N VAL D 270 -43.82 1.93 -5.14
CA VAL D 270 -43.77 0.46 -5.03
C VAL D 270 -45.18 -0.12 -4.88
N LYS D 271 -45.35 -1.41 -5.23
CA LYS D 271 -46.67 -2.07 -5.23
C LYS D 271 -46.85 -3.01 -4.04
N VAL E 7 -27.80 31.84 -5.18
CA VAL E 7 -27.34 32.10 -6.58
C VAL E 7 -27.82 31.02 -7.52
N GLU E 8 -28.50 31.43 -8.59
CA GLU E 8 -28.76 30.57 -9.74
C GLU E 8 -27.51 30.62 -10.65
N VAL E 9 -26.90 29.47 -10.94
CA VAL E 9 -25.71 29.44 -11.80
C VAL E 9 -26.12 29.34 -13.28
N LEU E 10 -25.68 30.31 -14.10
CA LEU E 10 -26.02 30.33 -15.54
C LEU E 10 -24.77 29.99 -16.38
N GLU E 11 -24.59 30.60 -17.55
CA GLU E 11 -23.56 30.11 -18.48
C GLU E 11 -22.16 30.65 -18.17
N VAL E 12 -21.15 29.89 -18.59
CA VAL E 12 -19.75 30.31 -18.59
C VAL E 12 -19.51 31.34 -19.69
N LYS E 13 -18.75 32.38 -19.40
CA LYS E 13 -18.32 33.34 -20.40
C LYS E 13 -17.17 32.74 -21.20
N THR E 14 -17.11 33.06 -22.49
CA THR E 14 -15.99 32.63 -23.30
C THR E 14 -15.27 33.86 -23.85
N GLY E 15 -14.18 33.63 -24.58
CA GLY E 15 -13.36 34.71 -25.09
C GLY E 15 -12.03 34.65 -24.35
N VAL E 16 -11.02 35.28 -24.93
CA VAL E 16 -9.66 35.26 -24.38
C VAL E 16 -9.59 35.87 -22.96
N ASP E 17 -10.56 36.73 -22.63
CA ASP E 17 -10.56 37.49 -21.38
C ASP E 17 -11.39 36.84 -20.27
N SER E 18 -11.95 35.68 -20.57
CA SER E 18 -12.85 35.03 -19.67
C SER E 18 -12.13 34.07 -18.73
N ILE E 19 -10.80 33.98 -18.80
CA ILE E 19 -10.04 33.12 -17.87
C ILE E 19 -8.87 33.85 -17.18
N THR E 20 -8.51 33.39 -15.98
CA THR E 20 -7.36 33.91 -15.27
C THR E 20 -6.73 32.79 -14.44
N GLU E 21 -5.52 33.00 -13.97
CA GLU E 21 -4.82 32.02 -13.14
C GLU E 21 -4.27 32.67 -11.89
N VAL E 22 -4.23 31.90 -10.81
CA VAL E 22 -3.59 32.29 -9.57
C VAL E 22 -2.48 31.28 -9.31
N GLU E 23 -1.28 31.78 -9.05
CA GLU E 23 -0.15 30.95 -8.72
C GLU E 23 0.50 31.53 -7.48
N CYS E 24 0.74 30.69 -6.48
CA CYS E 24 1.32 31.17 -5.25
C CYS E 24 1.82 30.03 -4.37
N PHE E 25 2.42 30.36 -3.24
CA PHE E 25 2.77 29.35 -2.27
C PHE E 25 2.39 29.82 -0.88
N LEU E 26 2.11 28.86 -0.02
CA LEU E 26 1.77 29.13 1.36
C LEU E 26 2.88 28.54 2.21
N THR E 27 3.48 29.35 3.05
CA THR E 27 4.51 28.87 3.99
C THR E 27 3.87 28.12 5.16
N PRO E 28 4.60 27.15 5.74
CA PRO E 28 4.05 26.42 6.87
C PRO E 28 4.18 27.28 8.13
N GLU E 29 3.30 27.03 9.10
CA GLU E 29 3.29 27.73 10.36
C GLU E 29 3.35 26.71 11.51
N MET E 30 4.58 26.28 11.80
CA MET E 30 4.83 25.18 12.73
C MET E 30 5.06 25.63 14.16
N GLY E 31 5.30 26.93 14.35
CA GLY E 31 5.51 27.48 15.69
C GLY E 31 6.68 28.45 15.76
N ASP E 32 7.75 28.16 15.00
CA ASP E 32 8.88 29.07 14.80
C ASP E 32 9.46 29.57 16.14
N PRO E 33 9.98 28.65 16.96
CA PRO E 33 10.40 28.95 18.34
C PRO E 33 11.55 29.96 18.51
N ASP E 34 12.43 30.09 17.54
CA ASP E 34 13.43 31.16 17.54
C ASP E 34 13.76 31.62 16.13
N GLU E 35 14.64 32.59 16.02
CA GLU E 35 15.00 33.24 14.74
C GLU E 35 15.70 32.31 13.75
N HIS E 36 16.08 31.10 14.18
CA HIS E 36 16.81 30.16 13.33
C HIS E 36 15.98 28.94 12.95
N LEU E 37 14.72 28.89 13.40
CA LEU E 37 13.94 27.67 13.36
C LEU E 37 12.59 27.82 12.62
N ARG E 38 12.55 28.72 11.63
CA ARG E 38 11.42 28.82 10.74
C ARG E 38 11.18 27.45 10.11
N GLY E 39 9.94 27.00 10.14
CA GLY E 39 9.53 25.69 9.60
C GLY E 39 9.54 24.56 10.62
N PHE E 40 9.93 24.87 11.85
CA PHE E 40 9.97 23.90 12.94
C PHE E 40 9.07 24.40 14.07
N SER E 41 8.61 23.47 14.88
CA SER E 41 8.01 23.80 16.18
C SER E 41 9.04 23.82 17.27
N LYS E 42 8.61 24.30 18.44
CA LYS E 42 9.39 24.13 19.64
C LYS E 42 9.45 22.64 19.94
N SER E 43 10.48 22.19 20.65
CA SER E 43 10.49 20.82 21.08
C SER E 43 9.20 20.47 21.85
N ILE E 44 8.75 19.23 21.65
CA ILE E 44 7.50 18.77 22.22
C ILE E 44 7.73 18.23 23.61
N SER E 45 6.97 18.73 24.58
CA SER E 45 7.00 18.20 25.93
C SER E 45 5.64 17.57 26.22
N ILE E 46 5.55 16.86 27.35
CA ILE E 46 4.38 16.09 27.71
C ILE E 46 3.96 16.46 29.13
N SER E 47 2.69 16.84 29.30
CA SER E 47 2.15 17.20 30.59
C SER E 47 2.11 15.99 31.49
N ASP E 48 2.08 16.23 32.80
CA ASP E 48 2.13 15.18 33.81
C ASP E 48 0.80 14.56 34.13
N THR E 49 -0.27 15.22 33.70
CA THR E 49 -1.61 14.71 33.91
C THR E 49 -2.44 15.13 32.73
N PHE E 50 -3.50 14.37 32.52
CA PHE E 50 -4.37 14.67 31.39
C PHE E 50 -4.96 16.06 31.55
N GLU E 51 -5.37 16.39 32.78
CA GLU E 51 -5.96 17.68 33.10
C GLU E 51 -5.04 18.89 32.98
N SER E 52 -3.72 18.71 33.15
CA SER E 52 -2.77 19.84 33.15
C SER E 52 -2.19 20.15 31.76
N ASP E 53 -2.64 19.46 30.72
CA ASP E 53 -2.16 19.70 29.35
C ASP E 53 -2.29 21.20 29.01
N SER E 54 -1.19 21.83 28.62
CA SER E 54 -1.15 23.28 28.43
CA SER E 54 -1.15 23.29 28.42
C SER E 54 -0.06 23.66 27.42
N PRO E 55 -0.26 23.33 26.15
CA PRO E 55 0.81 23.56 25.17
C PRO E 55 1.11 25.03 24.91
N ASN E 56 2.39 25.35 24.80
CA ASN E 56 2.84 26.67 24.40
C ASN E 56 2.54 26.92 22.93
N LYS E 57 2.34 28.20 22.61
CA LYS E 57 1.97 28.58 21.25
C LYS E 57 3.00 28.09 20.23
N ASP E 58 4.28 28.23 20.55
CA ASP E 58 5.35 27.88 19.62
C ASP E 58 5.53 26.36 19.40
N MET E 59 4.82 25.57 20.20
CA MET E 59 4.83 24.12 20.08
C MET E 59 3.65 23.62 19.21
N LEU E 60 2.76 24.51 18.78
CA LEU E 60 1.55 24.12 18.06
C LEU E 60 1.55 24.53 16.57
N PRO E 61 1.62 23.55 15.66
CA PRO E 61 1.41 23.89 14.27
C PRO E 61 0.00 24.46 14.05
N CYS E 62 -0.12 25.40 13.13
CA CYS E 62 -1.39 26.04 12.79
C CYS E 62 -1.69 25.90 11.30
N TYR E 63 -2.95 26.07 10.94
CA TYR E 63 -3.37 26.09 9.55
C TYR E 63 -2.78 27.32 8.86
N SER E 64 -2.40 27.15 7.60
CA SER E 64 -2.03 28.30 6.78
C SER E 64 -3.19 28.69 5.87
N VAL E 65 -3.29 29.99 5.60
CA VAL E 65 -4.34 30.50 4.73
C VAL E 65 -3.85 31.72 3.97
N ALA E 66 -4.29 31.83 2.72
CA ALA E 66 -4.07 33.02 1.93
C ALA E 66 -5.38 33.37 1.22
N ARG E 67 -5.71 34.65 1.28
CA ARG E 67 -6.84 35.23 0.57
C ARG E 67 -6.27 35.97 -0.64
N ILE E 68 -6.60 35.51 -1.85
CA ILE E 68 -6.00 36.06 -3.07
C ILE E 68 -7.05 36.90 -3.81
N PRO E 69 -6.83 38.22 -3.92
CA PRO E 69 -7.74 39.06 -4.72
C PRO E 69 -7.66 38.71 -6.18
N LEU E 70 -8.81 38.67 -6.82
CA LEU E 70 -8.89 38.34 -8.23
C LEU E 70 -9.29 39.59 -9.00
N PRO E 71 -9.18 39.57 -10.35
CA PRO E 71 -9.55 40.74 -11.13
C PRO E 71 -11.01 41.11 -10.91
N ASN E 72 -11.27 42.41 -10.72
CA ASN E 72 -12.58 42.88 -10.31
C ASN E 72 -13.61 42.58 -11.39
N LEU E 73 -14.80 42.16 -10.97
CA LEU E 73 -15.85 41.76 -11.91
C LEU E 73 -17.11 42.67 -11.96
N ASN E 74 -17.64 43.08 -10.81
CA ASN E 74 -18.89 43.85 -10.83
C ASN E 74 -18.77 45.19 -10.14
N ILE E 82 -24.27 40.07 -13.37
CA ILE E 82 -23.42 39.57 -12.27
C ILE E 82 -22.52 38.36 -12.62
N LEU E 83 -21.22 38.61 -12.67
CA LEU E 83 -20.21 37.56 -12.93
C LEU E 83 -19.43 37.22 -11.68
N MET E 84 -18.99 35.97 -11.60
CA MET E 84 -18.12 35.49 -10.54
C MET E 84 -17.03 34.64 -11.15
N TRP E 85 -15.87 34.68 -10.55
CA TRP E 85 -14.80 33.77 -10.90
C TRP E 85 -15.10 32.40 -10.34
N GLU E 86 -14.98 31.38 -11.19
CA GLU E 86 -15.26 29.99 -10.82
C GLU E 86 -13.92 29.23 -10.91
N ALA E 87 -13.52 28.65 -9.78
CA ALA E 87 -12.28 27.86 -9.73
C ALA E 87 -12.53 26.48 -10.39
N VAL E 88 -11.76 26.16 -11.44
CA VAL E 88 -11.97 24.96 -12.23
C VAL E 88 -10.93 23.87 -12.00
N THR E 89 -9.66 24.23 -11.97
CA THR E 89 -8.58 23.27 -11.75
C THR E 89 -7.54 23.72 -10.73
N LEU E 90 -6.86 22.74 -10.15
CA LEU E 90 -5.79 22.94 -9.20
C LEU E 90 -4.60 22.05 -9.54
N LYS E 91 -3.42 22.66 -9.60
CA LYS E 91 -2.16 21.91 -9.43
C LYS E 91 -1.54 22.34 -8.10
N THR E 92 -1.02 21.37 -7.36
CA THR E 92 -0.45 21.67 -6.06
C THR E 92 0.71 20.72 -5.80
N GLU E 93 1.65 21.19 -4.99
CA GLU E 93 2.86 20.44 -4.71
C GLU E 93 3.49 20.88 -3.38
N VAL E 94 4.01 19.94 -2.62
CA VAL E 94 4.82 20.27 -1.45
C VAL E 94 6.23 20.68 -1.94
N ILE E 95 6.72 21.81 -1.46
CA ILE E 95 7.98 22.40 -1.91
C ILE E 95 9.11 22.07 -0.94
N GLY E 96 10.19 21.49 -1.46
CA GLY E 96 11.39 21.19 -0.67
C GLY E 96 11.46 19.77 -0.10
N VAL E 97 10.86 18.80 -0.78
CA VAL E 97 10.80 17.41 -0.25
C VAL E 97 12.19 16.82 0.04
N THR E 98 13.18 17.21 -0.77
CA THR E 98 14.52 16.66 -0.62
C THR E 98 15.27 17.16 0.62
N THR E 99 14.79 18.21 1.27
CA THR E 99 15.40 18.67 2.54
C THR E 99 15.50 17.52 3.57
N LEU E 100 14.59 16.55 3.46
CA LEU E 100 14.55 15.41 4.38
C LEU E 100 15.72 14.47 4.20
N MET E 101 16.54 14.70 3.17
CA MET E 101 17.79 13.98 2.99
C MET E 101 18.94 14.55 3.80
N ASN E 102 18.72 15.65 4.53
CA ASN E 102 19.77 16.12 5.43
C ASN E 102 19.69 15.32 6.72
N VAL E 103 20.47 14.24 6.74
CA VAL E 103 20.59 13.38 7.91
C VAL E 103 22.00 13.51 8.52
N HIS E 104 22.59 14.70 8.39
CA HIS E 104 23.92 14.96 8.94
C HIS E 104 23.97 16.21 9.85
N SER E 105 22.82 16.72 10.28
CA SER E 105 22.73 18.01 10.96
C SER E 105 22.14 17.84 12.36
N ASN E 106 23.02 17.67 13.33
CA ASN E 106 22.66 17.58 14.75
C ASN E 106 21.46 16.70 15.10
N GLY E 107 21.39 15.54 14.47
CA GLY E 107 20.34 14.61 14.79
C GLY E 107 20.86 13.53 15.72
N GLN E 108 20.06 12.50 15.88
CA GLN E 108 20.36 11.38 16.76
C GLN E 108 20.66 10.19 15.89
N ALA E 109 21.86 9.66 16.01
CA ALA E 109 22.27 8.50 15.26
C ALA E 109 21.33 7.34 15.55
N THR E 110 20.92 6.65 14.49
CA THR E 110 19.97 5.54 14.61
C THR E 110 20.58 4.33 15.33
N HIS E 111 21.92 4.24 15.31
CA HIS E 111 22.70 3.20 15.98
C HIS E 111 24.14 3.70 15.95
N ASP E 112 25.05 3.01 16.64
CA ASP E 112 26.45 3.43 16.71
C ASP E 112 27.05 3.66 15.32
N ASN E 113 27.56 4.88 15.12
CA ASN E 113 28.25 5.30 13.89
C ASN E 113 27.32 5.58 12.72
N GLY E 114 26.01 5.48 12.95
CA GLY E 114 25.03 5.58 11.87
C GLY E 114 24.71 7.02 11.55
N ALA E 115 23.92 7.23 10.50
CA ALA E 115 23.40 8.55 10.17
C ALA E 115 22.27 8.94 11.09
N ALA E 116 21.90 10.23 11.05
CA ALA E 116 20.84 10.73 11.89
C ALA E 116 19.49 10.15 11.49
N LYS E 117 18.66 9.88 12.49
CA LYS E 117 17.29 9.53 12.26
C LYS E 117 16.63 10.66 11.45
N PRO E 118 15.98 10.29 10.33
CA PRO E 118 15.30 11.28 9.50
C PRO E 118 13.96 11.72 10.07
N VAL E 119 13.43 12.81 9.53
CA VAL E 119 12.08 13.25 9.86
C VAL E 119 11.10 12.10 9.60
N GLN E 120 10.28 11.81 10.60
CA GLN E 120 9.29 10.75 10.47
C GLN E 120 8.24 10.90 11.58
N GLY E 121 7.28 9.99 11.59
CA GLY E 121 6.19 10.06 12.57
C GLY E 121 5.00 10.85 12.04
N THR E 122 4.04 11.14 12.91
CA THR E 122 2.76 11.73 12.52
C THR E 122 2.85 12.89 11.53
N SER E 123 2.08 12.78 10.43
CA SER E 123 1.98 13.80 9.39
C SER E 123 0.53 14.19 9.14
N PHE E 124 0.33 15.44 8.74
CA PHE E 124 -0.96 15.91 8.24
C PHE E 124 -0.71 16.75 7.00
N HIS E 125 -1.19 16.27 5.87
CA HIS E 125 -1.06 16.95 4.60
C HIS E 125 -2.47 17.30 4.13
N PHE E 126 -2.72 18.59 3.95
CA PHE E 126 -4.07 19.12 3.74
C PHE E 126 -4.02 20.34 2.84
N PHE E 127 -5.00 20.43 1.95
CA PHE E 127 -5.14 21.63 1.13
C PHE E 127 -6.59 21.84 0.72
N SER E 128 -6.95 23.09 0.50
CA SER E 128 -8.29 23.42 0.10
C SER E 128 -8.30 24.67 -0.77
N VAL E 129 -9.31 24.73 -1.64
CA VAL E 129 -9.54 25.85 -2.55
C VAL E 129 -11.01 26.17 -2.44
N GLY E 130 -11.34 27.43 -2.16
CA GLY E 130 -12.74 27.83 -2.09
C GLY E 130 -12.98 29.27 -2.47
N GLY E 131 -14.25 29.62 -2.59
CA GLY E 131 -14.67 30.96 -2.95
C GLY E 131 -15.03 31.80 -1.75
N GLU E 132 -14.67 31.30 -0.57
CA GLU E 132 -14.85 31.93 0.72
C GLU E 132 -13.98 31.22 1.74
N ALA E 133 -13.88 31.77 2.94
CA ALA E 133 -13.01 31.17 3.95
C ALA E 133 -13.42 29.70 4.22
N LEU E 134 -12.44 28.83 4.43
CA LEU E 134 -12.68 27.48 4.91
C LEU E 134 -13.44 27.52 6.23
N GLU E 135 -14.51 26.74 6.32
CA GLU E 135 -15.27 26.68 7.55
C GLU E 135 -14.77 25.53 8.43
N LEU E 136 -14.57 25.84 9.71
CA LEU E 136 -13.94 24.92 10.65
C LEU E 136 -14.90 24.44 11.73
N GLN E 137 -14.72 23.19 12.15
CA GLN E 137 -15.37 22.64 13.31
C GLN E 137 -14.29 22.30 14.34
N GLY E 138 -14.53 22.69 15.57
CA GLY E 138 -13.59 22.40 16.64
C GLY E 138 -13.83 21.01 17.21
N VAL E 139 -12.75 20.26 17.35
CA VAL E 139 -12.76 18.97 18.07
C VAL E 139 -11.44 18.88 18.80
N VAL E 140 -11.47 18.47 20.07
CA VAL E 140 -10.26 18.42 20.88
C VAL E 140 -9.98 16.99 21.36
N PHE E 141 -8.71 16.64 21.40
CA PHE E 141 -8.33 15.35 21.97
C PHE E 141 -8.75 15.24 23.45
N ASN E 142 -8.58 16.35 24.15
CA ASN E 142 -8.75 16.46 25.60
C ASN E 142 -9.39 17.82 25.90
N TYR E 143 -10.63 17.84 26.40
CA TYR E 143 -11.34 19.11 26.58
C TYR E 143 -10.72 19.97 27.67
N ARG E 144 -9.87 19.39 28.52
CA ARG E 144 -9.20 20.15 29.58
C ARG E 144 -7.86 20.74 29.14
N THR E 145 -7.44 20.49 27.89
CA THR E 145 -6.29 21.19 27.34
C THR E 145 -6.51 22.70 27.42
N THR E 146 -5.51 23.44 27.92
CA THR E 146 -5.54 24.91 27.92
C THR E 146 -4.77 25.37 26.69
N TYR E 147 -5.46 25.92 25.68
CA TYR E 147 -4.80 26.44 24.48
C TYR E 147 -4.27 27.84 24.79
N PRO E 148 -3.11 28.21 24.23
CA PRO E 148 -2.40 29.39 24.72
C PRO E 148 -2.91 30.70 24.15
N ASP E 149 -2.57 31.79 24.83
CA ASP E 149 -2.91 33.12 24.33
CA ASP E 149 -2.83 33.17 24.36
C ASP E 149 -2.22 33.33 22.99
N GLY E 150 -2.91 33.98 22.08
CA GLY E 150 -2.36 34.17 20.72
C GLY E 150 -2.81 33.11 19.74
N THR E 151 -3.55 32.10 20.21
CA THR E 151 -4.19 31.14 19.30
C THR E 151 -5.70 31.33 19.41
N ILE E 152 -6.39 30.85 18.39
CA ILE E 152 -7.85 30.83 18.36
C ILE E 152 -8.27 29.37 18.45
N PHE E 153 -9.07 29.06 19.45
CA PHE E 153 -9.30 27.66 19.83
C PHE E 153 -10.75 27.49 20.25
N PRO E 154 -11.21 26.23 20.39
CA PRO E 154 -12.60 26.01 20.81
C PRO E 154 -12.88 26.55 22.21
N LYS E 155 -13.85 27.47 22.31
CA LYS E 155 -14.19 28.11 23.56
C LYS E 155 -15.35 27.41 24.28
N ASN E 156 -15.34 27.51 25.61
CA ASN E 156 -16.32 26.82 26.45
C ASN E 156 -16.33 25.32 26.13
N ALA E 157 -15.14 24.75 25.94
CA ALA E 157 -15.04 23.31 25.67
C ALA E 157 -15.64 22.53 26.82
N THR E 158 -16.33 21.45 26.50
CA THR E 158 -16.89 20.55 27.50
C THR E 158 -16.45 19.14 27.14
N VAL E 159 -16.82 18.17 27.96
CA VAL E 159 -16.44 16.80 27.66
C VAL E 159 -16.93 16.38 26.27
N GLN E 160 -18.10 16.87 25.87
CA GLN E 160 -18.65 16.56 24.56
C GLN E 160 -17.78 17.08 23.41
N SER E 161 -16.97 18.12 23.67
CA SER E 161 -16.04 18.66 22.67
C SER E 161 -14.97 17.64 22.23
N GLN E 162 -14.79 16.59 23.03
CA GLN E 162 -13.90 15.49 22.65
C GLN E 162 -14.45 14.60 21.51
N VAL E 163 -15.74 14.71 21.19
CA VAL E 163 -16.34 13.95 20.09
C VAL E 163 -17.08 14.84 19.09
N MET E 164 -17.93 15.75 19.56
CA MET E 164 -18.62 16.73 18.69
C MET E 164 -19.45 17.71 19.51
N ASN E 165 -19.03 18.97 19.51
CA ASN E 165 -19.79 20.02 20.16
C ASN E 165 -20.05 21.05 19.07
N THR E 166 -21.30 21.20 18.68
CA THR E 166 -21.65 22.05 17.54
C THR E 166 -21.45 23.56 17.81
N GLU E 167 -21.13 23.94 19.05
CA GLU E 167 -20.81 25.32 19.35
C GLU E 167 -19.49 25.76 18.67
N HIS E 168 -18.56 24.84 18.44
CA HIS E 168 -17.23 25.23 17.97
C HIS E 168 -17.19 25.38 16.45
N LYS E 169 -17.77 26.48 15.96
CA LYS E 169 -17.73 26.83 14.53
C LYS E 169 -16.81 28.03 14.34
N ALA E 170 -16.03 28.03 13.28
CA ALA E 170 -15.15 29.16 13.01
C ALA E 170 -14.83 29.22 11.55
N TYR E 171 -14.27 30.34 11.13
CA TYR E 171 -13.74 30.51 9.79
C TYR E 171 -12.22 30.57 9.88
N LEU E 172 -11.54 29.93 8.95
CA LEU E 172 -10.08 30.01 8.85
C LEU E 172 -9.75 31.36 8.19
N ASP E 173 -9.64 32.37 9.02
CA ASP E 173 -9.59 33.78 8.57
C ASP E 173 -8.34 34.51 9.06
N LYS E 174 -7.35 33.76 9.54
CA LYS E 174 -6.14 34.37 10.07
C LYS E 174 -5.00 33.36 10.08
N ASN E 175 -3.80 33.82 9.72
CA ASN E 175 -2.60 32.96 9.72
CA ASN E 175 -2.62 32.96 9.78
C ASN E 175 -2.00 32.88 11.14
N LYS E 176 -1.22 31.83 11.37
CA LYS E 176 -0.54 31.60 12.65
C LYS E 176 -1.50 31.67 13.83
N ALA E 177 -2.71 31.15 13.68
CA ALA E 177 -3.72 31.36 14.72
C ALA E 177 -4.55 30.13 15.12
N TYR E 178 -4.91 29.31 14.16
CA TYR E 178 -5.83 28.19 14.36
C TYR E 178 -5.02 26.90 14.47
N PRO E 179 -4.92 26.34 15.69
CA PRO E 179 -4.03 25.18 15.79
C PRO E 179 -4.61 23.98 15.03
N VAL E 180 -3.74 23.25 14.38
CA VAL E 180 -4.14 22.08 13.59
C VAL E 180 -4.91 21.06 14.44
N GLU E 181 -4.39 20.80 15.64
CA GLU E 181 -4.88 19.69 16.43
C GLU E 181 -6.29 19.85 16.99
N CYS E 182 -6.83 21.09 17.00
CA CYS E 182 -8.16 21.33 17.56
C CYS E 182 -9.21 21.85 16.56
N TRP E 183 -8.88 21.85 15.27
CA TRP E 183 -9.83 22.26 14.24
C TRP E 183 -9.73 21.34 13.02
N VAL E 184 -10.87 21.04 12.42
CA VAL E 184 -10.93 20.37 11.13
C VAL E 184 -11.90 21.12 10.22
N PRO E 185 -11.81 20.85 8.90
CA PRO E 185 -12.89 21.35 8.03
C PRO E 185 -14.25 20.84 8.51
N ASP E 186 -15.23 21.72 8.55
CA ASP E 186 -16.58 21.37 8.99
C ASP E 186 -17.29 20.69 7.83
N PRO E 187 -17.53 19.37 7.92
CA PRO E 187 -18.16 18.69 6.79
C PRO E 187 -19.64 19.04 6.64
N THR E 188 -20.23 19.69 7.64
CA THR E 188 -21.63 20.09 7.57
C THR E 188 -21.77 21.40 6.78
N ARG E 189 -20.67 22.04 6.42
CA ARG E 189 -20.72 23.29 5.67
C ARG E 189 -19.78 23.14 4.47
N ASN E 190 -19.05 24.19 4.09
CA ASN E 190 -18.04 24.10 3.05
C ASN E 190 -18.54 23.67 1.66
N GLU E 191 -19.80 23.96 1.35
CA GLU E 191 -20.29 23.60 0.00
C GLU E 191 -19.59 24.39 -1.13
N ASN E 192 -18.99 25.54 -0.82
CA ASN E 192 -18.33 26.40 -1.83
C ASN E 192 -16.80 26.31 -1.75
N THR E 193 -16.32 25.18 -1.24
CA THR E 193 -14.91 24.87 -1.06
C THR E 193 -14.69 23.40 -1.45
N ARG E 194 -13.49 23.06 -1.93
CA ARG E 194 -13.10 21.66 -2.09
C ARG E 194 -11.91 21.44 -1.20
N TYR E 195 -11.97 20.45 -0.31
CA TYR E 195 -10.88 20.20 0.59
C TYR E 195 -10.45 18.75 0.59
N PHE E 196 -9.17 18.53 0.86
CA PHE E 196 -8.56 17.22 0.80
C PHE E 196 -7.50 17.12 1.89
N GLY E 197 -7.52 16.06 2.70
CA GLY E 197 -6.51 15.89 3.74
C GLY E 197 -6.28 14.46 4.16
N THR E 198 -5.06 14.19 4.61
CA THR E 198 -4.69 12.87 5.15
C THR E 198 -3.88 13.03 6.43
N LEU E 199 -4.36 12.41 7.51
CA LEU E 199 -3.63 12.29 8.74
C LEU E 199 -3.00 10.89 8.70
N THR E 200 -1.67 10.80 8.79
CA THR E 200 -0.98 9.49 8.91
C THR E 200 -0.29 9.46 10.28
N GLY E 201 -0.78 8.61 11.18
CA GLY E 201 -0.34 8.61 12.58
C GLY E 201 0.81 7.62 12.79
N GLY E 202 1.36 7.56 13.98
CA GLY E 202 2.43 6.61 14.34
C GLY E 202 3.76 7.31 14.49
N GLU E 203 4.56 6.91 15.49
CA GLU E 203 5.83 7.63 15.72
C GLU E 203 6.90 7.33 14.69
N ASN E 204 6.78 6.20 13.99
CA ASN E 204 7.79 5.82 13.01
C ASN E 204 7.28 5.81 11.58
N VAL E 205 6.11 6.39 11.32
CA VAL E 205 5.63 6.36 9.93
C VAL E 205 6.56 7.16 9.02
N PRO E 206 6.97 6.55 7.89
CA PRO E 206 7.87 7.20 6.96
C PRO E 206 7.11 8.17 6.10
N PRO E 207 7.68 9.39 5.91
CA PRO E 207 7.09 10.26 4.91
C PRO E 207 7.15 9.67 3.50
N VAL E 208 6.07 9.85 2.73
CA VAL E 208 6.06 9.47 1.31
C VAL E 208 5.56 10.68 0.54
N LEU E 209 6.48 11.40 -0.11
CA LEU E 209 6.15 12.68 -0.73
C LEU E 209 6.39 12.59 -2.22
N HIS E 210 5.33 12.76 -2.99
CA HIS E 210 5.38 12.65 -4.45
C HIS E 210 5.40 14.06 -5.02
N ILE E 211 6.18 14.28 -6.08
CA ILE E 211 6.16 15.56 -6.79
C ILE E 211 6.00 15.28 -8.28
N THR E 212 5.20 16.11 -8.96
CA THR E 212 5.08 16.06 -10.39
C THR E 212 4.38 17.33 -10.85
N ASN E 213 4.67 17.74 -12.07
CA ASN E 213 3.94 18.89 -12.65
C ASN E 213 2.95 18.43 -13.71
N THR E 214 2.61 17.13 -13.67
CA THR E 214 1.74 16.55 -14.67
C THR E 214 0.32 16.22 -14.14
N ALA E 215 0.06 16.52 -12.88
CA ALA E 215 -1.18 16.11 -12.22
C ALA E 215 -2.09 17.29 -11.93
N THR E 216 -3.33 17.22 -12.40
CA THR E 216 -4.32 18.28 -12.23
C THR E 216 -5.56 17.72 -11.51
N THR E 217 -6.02 18.42 -10.47
CA THR E 217 -7.29 18.11 -9.82
C THR E 217 -8.40 19.02 -10.34
N VAL E 218 -9.50 18.42 -10.77
CA VAL E 218 -10.68 19.18 -11.25
C VAL E 218 -11.53 19.53 -10.02
N LEU E 219 -11.95 20.79 -9.92
CA LEU E 219 -12.63 21.32 -8.75
C LEU E 219 -14.15 21.43 -8.91
N LEU E 220 -14.63 20.98 -10.05
CA LEU E 220 -16.04 21.02 -10.36
C LEU E 220 -16.77 19.99 -9.51
N ASP E 221 -17.96 20.35 -9.06
CA ASP E 221 -18.84 19.42 -8.35
C ASP E 221 -19.62 18.56 -9.34
N GLU E 222 -20.52 17.75 -8.80
CA GLU E 222 -21.32 16.84 -9.60
C GLU E 222 -22.25 17.56 -10.60
N PHE E 223 -22.47 18.86 -10.42
CA PHE E 223 -23.24 19.65 -11.40
C PHE E 223 -22.36 20.42 -12.37
N GLY E 224 -21.05 20.19 -12.34
CA GLY E 224 -20.13 20.88 -13.24
C GLY E 224 -19.76 22.28 -12.79
N VAL E 225 -19.93 22.58 -11.49
CA VAL E 225 -19.68 23.92 -10.94
C VAL E 225 -18.56 23.91 -9.89
N GLY E 226 -17.55 24.72 -10.13
CA GLY E 226 -16.50 24.91 -9.17
C GLY E 226 -16.83 25.95 -8.10
N PRO E 227 -15.94 26.12 -7.13
CA PRO E 227 -16.11 27.16 -6.13
C PRO E 227 -16.30 28.51 -6.81
N LEU E 228 -17.28 29.27 -6.36
CA LEU E 228 -17.54 30.60 -6.89
C LEU E 228 -17.03 31.67 -5.91
N CYS E 229 -16.21 32.61 -6.42
CA CYS E 229 -15.43 33.46 -5.56
C CYS E 229 -16.17 34.72 -5.15
N LYS E 230 -16.66 34.75 -3.92
CA LYS E 230 -17.46 35.87 -3.42
C LYS E 230 -16.56 37.08 -3.22
N GLY E 231 -17.00 38.24 -3.66
CA GLY E 231 -16.16 39.45 -3.56
C GLY E 231 -14.87 39.37 -4.36
N ASP E 232 -14.81 38.46 -5.34
CA ASP E 232 -13.61 38.28 -6.17
C ASP E 232 -12.38 37.94 -5.34
N ASN E 233 -12.55 37.06 -4.36
CA ASN E 233 -11.45 36.54 -3.58
C ASN E 233 -11.45 35.04 -3.65
N LEU E 234 -10.26 34.49 -3.83
CA LEU E 234 -10.00 33.06 -3.78
C LEU E 234 -9.30 32.73 -2.45
N TYR E 235 -9.76 31.71 -1.76
CA TYR E 235 -9.18 31.29 -0.49
C TYR E 235 -8.44 29.96 -0.63
N LEU E 236 -7.14 29.96 -0.32
CA LEU E 236 -6.31 28.77 -0.32
C LEU E 236 -5.90 28.49 1.12
N SER E 237 -5.96 27.22 1.51
CA SER E 237 -5.54 26.80 2.85
C SER E 237 -4.70 25.54 2.74
N ALA E 238 -3.82 25.35 3.72
CA ALA E 238 -2.89 24.23 3.70
C ALA E 238 -2.39 23.92 5.09
N VAL E 239 -2.09 22.65 5.29
CA VAL E 239 -1.22 22.18 6.37
C VAL E 239 -0.29 21.12 5.78
N ASP E 240 1.02 21.23 6.01
CA ASP E 240 1.97 20.19 5.62
C ASP E 240 2.99 19.87 6.72
N VAL E 241 2.48 19.27 7.79
CA VAL E 241 3.31 18.75 8.88
C VAL E 241 3.85 17.43 8.35
N CYS E 242 5.16 17.37 8.09
CA CYS E 242 5.78 16.23 7.42
C CYS E 242 6.13 15.12 8.36
N GLY E 243 6.20 15.44 9.64
CA GLY E 243 6.69 14.54 10.66
C GLY E 243 7.44 15.30 11.74
N MET E 244 8.23 14.58 12.52
CA MET E 244 9.05 15.19 13.55
C MET E 244 10.51 14.95 13.28
N PHE E 245 11.31 15.99 13.53
CA PHE E 245 12.77 15.91 13.56
C PHE E 245 13.20 15.62 14.99
N THR E 246 14.05 14.62 15.15
CA THR E 246 14.61 14.24 16.44
C THR E 246 16.04 14.80 16.57
N ASN E 247 16.28 15.61 17.60
CA ASN E 247 17.63 16.14 17.82
CA ASN E 247 17.60 16.16 17.91
C ASN E 247 18.47 15.12 18.60
N ARG E 248 19.78 15.40 18.70
CA ARG E 248 20.72 14.48 19.37
C ARG E 248 20.20 14.00 20.71
N SER E 249 19.59 14.90 21.48
CA SER E 249 19.17 14.58 22.84
C SER E 249 17.94 13.70 22.87
N GLY E 250 17.28 13.56 21.73
CA GLY E 250 16.02 12.83 21.69
C GLY E 250 14.78 13.72 21.62
N SER E 251 14.94 15.03 21.83
CA SER E 251 13.80 15.94 21.76
CA SER E 251 13.82 15.98 21.74
C SER E 251 13.32 16.04 20.32
N GLN E 252 12.02 16.26 20.16
CA GLN E 252 11.39 16.19 18.87
C GLN E 252 10.62 17.47 18.56
N GLN E 253 10.71 17.91 17.32
CA GLN E 253 10.05 19.12 16.84
C GLN E 253 9.30 18.79 15.57
N TRP E 254 8.08 19.31 15.43
CA TRP E 254 7.38 19.18 14.16
C TRP E 254 8.18 19.89 13.04
N ARG E 255 8.20 19.31 11.85
CA ARG E 255 8.81 19.97 10.69
C ARG E 255 7.76 20.09 9.58
N GLY E 256 7.63 21.28 9.01
CA GLY E 256 6.67 21.51 7.94
C GLY E 256 7.33 22.05 6.69
N LEU E 257 6.60 21.99 5.57
CA LEU E 257 7.09 22.53 4.29
C LEU E 257 6.00 23.37 3.63
N SER E 258 6.44 24.26 2.75
CA SER E 258 5.53 25.12 2.00
C SER E 258 4.75 24.31 0.95
N ARG E 259 3.60 24.85 0.52
CA ARG E 259 2.79 24.27 -0.53
C ARG E 259 2.50 25.26 -1.66
N TYR E 260 2.77 24.79 -2.87
CA TYR E 260 2.47 25.52 -4.10
C TYR E 260 1.03 25.30 -4.53
N PHE E 261 0.38 26.37 -5.02
CA PHE E 261 -0.95 26.28 -5.63
C PHE E 261 -0.96 26.96 -6.99
N LYS E 262 -1.53 26.29 -7.98
CA LYS E 262 -1.87 26.94 -9.27
C LYS E 262 -3.32 26.64 -9.54
N VAL E 263 -4.13 27.69 -9.62
CA VAL E 263 -5.56 27.55 -9.83
C VAL E 263 -5.99 28.26 -11.09
N GLN E 264 -6.73 27.55 -11.94
CA GLN E 264 -7.33 28.14 -13.13
C GLN E 264 -8.79 28.46 -12.87
N LEU E 265 -9.20 29.67 -13.26
CA LEU E 265 -10.56 30.14 -13.05
C LEU E 265 -11.19 30.63 -14.35
N ARG E 266 -12.52 30.60 -14.40
CA ARG E 266 -13.24 31.13 -15.57
C ARG E 266 -14.40 31.96 -15.07
N LYS E 267 -14.85 32.91 -15.89
CA LYS E 267 -16.01 33.73 -15.53
C LYS E 267 -17.32 33.00 -15.73
N ARG E 268 -18.18 33.08 -14.74
CA ARG E 268 -19.47 32.41 -14.73
C ARG E 268 -20.54 33.46 -14.40
N ARG E 269 -21.59 33.52 -15.22
CA ARG E 269 -22.74 34.39 -14.89
C ARG E 269 -23.63 33.71 -13.87
N VAL E 270 -24.12 34.50 -12.92
CA VAL E 270 -25.09 34.04 -11.91
C VAL E 270 -26.25 35.04 -11.75
N LYS E 271 -27.33 34.64 -11.08
CA LYS E 271 -28.52 35.52 -10.91
C LYS E 271 -28.77 35.92 -9.45
C2 BGC F . 29.66 -31.30 14.03
C3 BGC F . 28.94 -29.99 13.75
C4 BGC F . 27.48 -30.27 13.37
C5 BGC F . 26.82 -31.15 14.42
C6 BGC F . 25.35 -31.44 14.11
C1 BGC F . 28.87 -32.23 14.95
O1 BGC F . 29.50 -33.52 14.97
O2 BGC F . 30.92 -30.94 14.60
O3 BGC F . 29.66 -29.32 12.71
O4 BGC F . 26.77 -29.03 13.29
O5 BGC F . 27.53 -32.40 14.49
O6 BGC F . 25.26 -32.12 12.86
C1 GAL F . 26.06 -28.89 12.05
C2 GAL F . 25.21 -27.61 12.18
C3 GAL F . 24.59 -27.21 10.84
C4 GAL F . 25.65 -27.21 9.75
C5 GAL F . 26.35 -28.55 9.73
C6 GAL F . 27.42 -28.58 8.63
O2 GAL F . 24.20 -27.76 13.15
O3 GAL F . 24.09 -25.91 11.08
O4 GAL F . 26.61 -26.24 10.13
O5 GAL F . 26.98 -28.78 10.98
O6 GAL F . 27.96 -29.89 8.59
C1 SIA F . 22.74 -24.08 10.74
C2 SIA F . 22.83 -25.57 10.45
C3 SIA F . 21.66 -26.32 11.06
C4 SIA F . 20.34 -26.03 10.33
C5 SIA F . 20.49 -26.21 8.80
C6 SIA F . 21.69 -25.40 8.33
C7 SIA F . 22.00 -25.50 6.84
C8 SIA F . 23.29 -24.82 6.45
C9 SIA F . 23.35 -24.55 4.95
C10 SIA F . 18.72 -26.40 7.06
C11 SIA F . 17.43 -25.80 6.55
N5 SIA F . 19.27 -25.80 8.13
O1A SIA F . 22.14 -23.67 11.76
O1B SIA F . 23.36 -23.30 9.95
O4 SIA F . 19.29 -26.83 10.90
O6 SIA F . 22.86 -25.82 9.05
O7 SIA F . 22.10 -26.89 6.51
O8 SIA F . 23.41 -23.58 7.14
O9 SIA F . 24.59 -23.89 4.64
O10 SIA F . 19.23 -27.36 6.49
C1 NGA F . 26.61 -25.11 9.26
C2 NGA F . 27.15 -23.90 10.02
C3 NGA F . 27.26 -22.70 9.10
C4 NGA F . 27.99 -23.05 7.80
C5 NGA F . 27.38 -24.29 7.16
C6 NGA F . 28.12 -24.72 5.90
C7 NGA F . 26.53 -24.10 12.39
C8 NGA F . 25.56 -23.75 13.47
N2 NGA F . 26.30 -23.62 11.17
O3 NGA F . 27.97 -21.66 9.77
O4 NGA F . 29.39 -23.27 8.08
O5 NGA F . 27.39 -25.37 8.09
O6 NGA F . 27.41 -24.24 4.74
O7 NGA F . 27.50 -24.81 12.63
C2 BGC G . -1.29 -28.40 35.41
C3 BGC G . -0.84 -27.58 34.21
C4 BGC G . -1.81 -26.43 33.92
C5 BGC G . -2.12 -25.65 35.19
C6 BGC G . -3.11 -24.52 34.95
C1 BGC G . -1.71 -27.53 36.59
O1 BGC G . -2.32 -28.36 37.57
O2 BGC G . -0.20 -29.25 35.78
O3 BGC G . -0.75 -28.46 33.08
O4 BGC G . -1.22 -25.56 32.95
O5 BGC G . -2.65 -26.52 36.19
O6 BGC G . -4.31 -25.08 34.38
C1 GAL G . -1.96 -25.51 31.73
C2 GAL G . -1.36 -24.33 30.97
C3 GAL G . -1.85 -24.28 29.51
C4 GAL G . -1.71 -25.65 28.86
C5 GAL G . -2.44 -26.69 29.70
C6 GAL G . -2.32 -28.08 29.08
O2 GAL G . -1.64 -23.14 31.67
O3 GAL G . -1.03 -23.34 28.85
O4 GAL G . -0.34 -25.99 28.83
O5 GAL G . -1.88 -26.72 31.01
O6 GAL G . -3.14 -28.96 29.82
C1 SIA G . -0.48 -21.80 27.23
C2 SIA G . -1.67 -22.47 27.91
C3 SIA G . -2.56 -21.42 28.59
C4 SIA G . -3.33 -20.58 27.57
C5 SIA G . -4.08 -21.46 26.57
C6 SIA G . -3.08 -22.43 25.93
C7 SIA G . -3.64 -23.39 24.89
C8 SIA G . -2.63 -24.45 24.46
C9 SIA G . -3.08 -25.12 23.17
C10 SIA G . -5.94 -20.87 25.05
C11 SIA G . -6.44 -19.86 24.05
N5 SIA G . -4.74 -20.63 25.59
O1A SIA G . -0.05 -20.71 27.68
O1B SIA G . 0.04 -22.38 26.27
O4 SIA G . -4.24 -19.70 28.23
O6 SIA G . -2.46 -23.22 26.96
O7 SIA G . -4.82 -24.02 25.40
O8 SIA G . -1.35 -23.83 24.30
O9 SIA G . -2.14 -26.08 22.68
O10 SIA G . -6.58 -21.85 25.33
C1 NGA G . 0.18 -25.90 27.49
C2 NGA G . 1.66 -25.57 27.56
C3 NGA G . 2.26 -25.62 26.15
C4 NGA G . 1.86 -26.89 25.43
C5 NGA G . 0.35 -27.06 25.43
C6 NGA G . -0.06 -28.33 24.70
C7 NGA G . 2.09 -24.05 29.47
C8 NGA G . 2.20 -22.64 29.95
N2 NGA G . 1.82 -24.25 28.16
O3 NGA G . 3.69 -25.55 26.16
O4 NGA G . 2.46 -28.01 26.09
O5 NGA G . -0.11 -27.10 26.79
O6 NGA G . -1.46 -28.33 24.47
O7 NGA G . 2.23 -24.96 30.25
C1 GAL H . -5.24 7.75 39.56
C2 GAL H . -4.38 7.28 38.39
C3 GAL H . -5.21 6.96 37.13
C4 GAL H . -6.43 6.12 37.48
C5 GAL H . -7.19 6.77 38.63
C6 GAL H . -8.42 5.94 39.04
O1 GAL H . -4.44 7.74 40.72
O2 GAL H . -3.43 8.29 38.14
O3 GAL H . -4.38 6.28 36.21
O4 GAL H . -6.02 4.82 37.89
O5 GAL H . -6.35 6.89 39.76
O6 GAL H . -9.38 6.83 39.52
C1 SIA H . -3.78 5.48 34.14
C2 SIA H . -4.51 6.63 34.81
C3 SIA H . -3.88 8.02 34.52
C4 SIA H . -4.17 8.50 33.09
C5 SIA H . -5.64 8.41 32.73
C6 SIA H . -6.10 6.99 33.04
C7 SIA H . -7.57 6.73 32.79
C8 SIA H . -8.00 5.34 33.23
C9 SIA H . -9.31 4.98 32.58
C10 SIA H . -6.87 9.43 30.87
C11 SIA H . -6.93 9.71 29.39
N5 SIA H . -5.82 8.77 31.33
O1A SIA H . -2.53 5.51 33.99
O1B SIA H . -4.41 4.44 33.82
O4 SIA H . -3.76 9.85 32.86
O6 SIA H . -5.88 6.68 34.42
O7 SIA H . -8.38 7.68 33.50
O8 SIA H . -7.00 4.33 32.94
O9 SIA H . -9.67 3.64 32.95
O10 SIA H . -7.77 9.82 31.59
C1 NGA H . -6.29 3.83 36.89
C2 NGA H . -5.27 2.72 37.03
C3 NGA H . -5.56 1.54 36.11
C4 NGA H . -7.04 1.14 36.17
C5 NGA H . -7.88 2.36 35.88
C6 NGA H . -9.37 1.99 35.75
C7 NGA H . -3.13 3.73 37.69
C8 NGA H . -1.81 4.32 37.26
N2 NGA H . -3.95 3.29 36.74
O3 NGA H . -4.79 0.41 36.49
O4 NGA H . -7.37 0.61 37.46
O5 NGA H . -7.63 3.32 36.92
O6 NGA H . -10.19 3.14 36.00
O7 NGA H . -3.41 3.66 38.86
C1 GOL I . 28.18 17.30 8.35
O1 GOL I . 28.42 15.92 8.01
C2 GOL I . 29.14 17.68 9.48
O2 GOL I . 29.19 19.09 9.63
C3 GOL I . 30.56 17.20 9.25
O3 GOL I . 30.96 16.45 10.39
C1 GOL J . 5.23 23.75 -24.81
O1 GOL J . 6.44 24.18 -24.19
C2 GOL J . 4.70 22.55 -24.05
O2 GOL J . 5.71 21.58 -23.81
C3 GOL J . 4.16 23.00 -22.70
O3 GOL J . 3.47 21.87 -22.17
C1 GOL K . 8.87 6.49 -9.42
O1 GOL K . 9.66 5.88 -8.39
C2 GOL K . 8.65 7.95 -9.05
O2 GOL K . 9.73 8.74 -9.54
C3 GOL K . 7.36 8.51 -9.62
O3 GOL K . 6.91 9.60 -8.80
C1 EDO L . 4.03 8.04 -13.99
O1 EDO L . 4.87 8.24 -15.13
C2 EDO L . 4.86 8.26 -12.73
O2 EDO L . 6.21 7.88 -12.98
K K M . 27.86 25.78 9.09
K K N . 4.12 28.95 -13.78
C1 GOL O . 32.61 -14.77 3.27
O1 GOL O . 32.76 -16.17 3.04
C2 GOL O . 32.29 -14.06 1.94
O2 GOL O . 33.24 -14.44 0.95
C3 GOL O . 30.89 -14.42 1.43
O3 GOL O . 30.81 -13.96 0.07
C1 GOL P . 8.46 -6.48 -31.10
O1 GOL P . 7.71 -6.06 -29.95
C2 GOL P . 7.85 -7.78 -31.60
O2 GOL P . 7.93 -8.74 -30.55
C3 GOL P . 8.59 -8.27 -32.82
O3 GOL P . 9.88 -8.75 -32.41
C1 EDO Q . 2.03 -8.34 -15.83
O1 EDO Q . 0.75 -7.89 -16.27
C2 EDO Q . 1.99 -8.73 -14.36
O2 EDO Q . 3.01 -8.02 -13.65
C1 GOL R . 5.27 -8.72 -9.22
O1 GOL R . 5.72 -9.71 -8.29
C2 GOL R . 5.74 -9.05 -10.64
O2 GOL R . 6.38 -10.33 -10.65
C3 GOL R . 6.76 -8.03 -11.13
O3 GOL R . 6.08 -6.86 -11.59
C1 GOL S . 4.78 -13.11 -8.17
O1 GOL S . 5.38 -12.05 -8.90
C2 GOL S . 4.33 -12.65 -6.81
O2 GOL S . 5.31 -13.12 -5.91
C3 GOL S . 2.95 -13.24 -6.46
O3 GOL S . 2.11 -12.22 -5.94
K K T . 37.27 -10.84 -4.03
C1 GOL U . 7.21 -31.08 17.06
O1 GOL U . 8.20 -31.25 18.08
C2 GOL U . 7.92 -30.63 15.79
O2 GOL U . 8.44 -31.79 15.14
C3 GOL U . 7.04 -29.84 14.82
O3 GOL U . 6.01 -29.19 15.59
C1 GOL V . -16.31 -24.89 -18.28
O1 GOL V . -15.57 -25.96 -17.71
C2 GOL V . -15.70 -23.52 -17.96
O2 GOL V . -15.91 -23.20 -16.58
C3 GOL V . -14.20 -23.50 -18.29
O3 GOL V . -13.69 -22.21 -17.95
C1 GOL W . -7.38 -12.13 -2.95
O1 GOL W . -6.35 -13.11 -3.15
C2 GOL W . -8.34 -12.66 -1.88
O2 GOL W . -7.79 -13.84 -1.29
C3 GOL W . -8.59 -11.64 -0.78
O3 GOL W . -7.64 -11.87 0.27
C1 EDO X . -11.63 -11.64 -6.40
O1 EDO X . -12.13 -10.52 -7.14
C2 EDO X . -10.25 -11.32 -5.84
O2 EDO X . -10.34 -11.27 -4.41
K K Y . 10.62 -36.02 10.33
C1 GOL Z . -10.94 -9.60 33.05
O1 GOL Z . -10.17 -8.70 33.87
C2 GOL Z . -11.20 -8.98 31.66
O2 GOL Z . -11.13 -9.95 30.62
C3 GOL Z . -10.20 -7.93 31.30
O3 GOL Z . -10.88 -6.81 30.75
C1 GOL AA . -34.35 -3.17 -2.52
O1 GOL AA . -34.73 -3.22 -1.14
C2 GOL AA . -32.92 -2.66 -2.59
O2 GOL AA . -32.73 -1.73 -1.52
C3 GOL AA . -31.86 -3.74 -2.46
O3 GOL AA . -32.43 -5.05 -2.36
C1 GOL BA . -13.22 3.37 5.28
O1 GOL BA . -12.20 3.01 6.24
C2 GOL BA . -14.14 2.19 5.05
O2 GOL BA . -14.20 1.42 6.25
C3 GOL BA . -13.65 1.31 3.89
O3 GOL BA . -14.11 -0.05 4.07
C1 EDO CA . -15.77 1.84 0.71
O1 EDO CA . -15.63 3.10 1.36
C2 EDO CA . -16.03 2.04 -0.80
O2 EDO CA . -17.12 2.94 -1.00
K K DA . -15.58 -15.77 31.89
K K EA . -24.40 20.86 4.44
C1 GOL FA . -2.23 14.44 -0.49
O1 GOL FA . -1.02 14.24 0.26
C2 GOL FA . -3.37 14.29 0.50
O2 GOL FA . -3.48 15.49 1.26
C3 GOL FA . -4.69 14.04 -0.19
O3 GOL FA . -5.61 13.63 0.82
C1 EDO GA . -5.68 14.57 -4.31
O1 EDO GA . -5.99 14.02 -3.03
C2 EDO GA . -6.96 15.05 -4.98
O2 EDO GA . -6.77 15.15 -6.40
C1 GOL HA . -21.03 24.48 -5.05
O1 GOL HA . -20.33 23.24 -5.23
C2 GOL HA . -20.44 25.49 -6.02
O2 GOL HA . -19.07 25.73 -5.71
C3 GOL HA . -21.21 26.79 -5.94
O3 GOL HA . -21.13 27.37 -4.63
C1 EDO IA . 27.93 9.32 13.36
O1 EDO IA . 27.02 8.53 14.14
C2 EDO IA . 28.19 10.67 14.03
O2 EDO IA . 28.96 11.56 13.21
K K JA . -5.13 22.53 31.34
#